data_3BOR
# 
_entry.id   3BOR 
# 
_audit_conform.dict_name       mmcif_pdbx.dic 
_audit_conform.dict_version    5.377 
_audit_conform.dict_location   http://mmcif.pdb.org/dictionaries/ascii/mmcif_pdbx.dic 
# 
loop_
_database_2.database_id 
_database_2.database_code 
_database_2.pdbx_database_accession 
_database_2.pdbx_DOI 
PDB   3BOR         pdb_00003bor 10.2210/pdb3bor/pdb 
RCSB  RCSB045779   ?            ?                   
WWPDB D_1000045779 ?            ?                   
# 
_pdbx_database_status.entry_id                        3BOR 
_pdbx_database_status.deposit_site                    RCSB 
_pdbx_database_status.process_site                    RCSB 
_pdbx_database_status.recvd_initial_deposition_date   2007-12-17 
_pdbx_database_status.status_code                     REL 
_pdbx_database_status.status_code_sf                  REL 
_pdbx_database_status.status_code_mr                  ? 
_pdbx_database_status.SG_entry                        Y 
_pdbx_database_status.pdb_format_compatible           Y 
_pdbx_database_status.status_code_cs                  ? 
_pdbx_database_status.methods_development_category    ? 
_pdbx_database_status.status_code_nmr_data            ? 
# 
loop_
_audit_author.name 
_audit_author.pdbx_ordinal 
'Dimov, S.'                            1  
'Hong, B.'                             2  
'Tempel, W.'                           3  
'MacKenzie, F.'                        4  
'Karlberg, T.'                         5  
'Arrowsmith, C.H.'                     6  
'Edwards, A.M.'                        7  
'Weigelt, J.'                          8  
'Bochkarev, A.'                        9  
'Park, H.'                             10 
'Structural Genomics Consortium (SGC)' 11 
# 
_citation.id                        primary 
_citation.title                     'Comparative Structural Analysis of Human DEAD-Box RNA Helicases.' 
_citation.journal_abbrev            'Plos One' 
_citation.journal_volume            5 
_citation.page_first                12791 
_citation.page_last                 12791 
_citation.year                      2010 
_citation.journal_id_ASTM           ? 
_citation.country                   US 
_citation.journal_id_ISSN           1932-6203 
_citation.journal_id_CSD            ? 
_citation.book_publisher            ? 
_citation.pdbx_database_id_PubMed   20941364 
_citation.pdbx_database_id_DOI      10.1371/journal.pone.0012791 
# 
loop_
_citation_author.citation_id 
_citation_author.name 
_citation_author.ordinal 
_citation_author.identifier_ORCID 
primary 'Schutz, P.'             1  ? 
primary 'Karlberg, T.'           2  ? 
primary 'van den Berg, S.'       3  ? 
primary 'Collins, R.'            4  ? 
primary 'Lehtio, L.'             5  ? 
primary 'Hogbom, M.'             6  ? 
primary 'Holmberg-Schiavone, L.' 7  ? 
primary 'Tempel, W.'             8  ? 
primary 'Park, H.W.'             9  ? 
primary 'Hammarstrom, M.'        10 ? 
primary 'Moche, M.'              11 ? 
primary 'Thorsell, A.G.'         12 ? 
primary 'Schuler, H.'            13 ? 
# 
_cell.entry_id           3BOR 
_cell.length_a           58.093 
_cell.length_b           80.102 
_cell.length_c           42.740 
_cell.angle_alpha        90.000 
_cell.angle_beta         90.000 
_cell.angle_gamma        90.000 
_cell.pdbx_unique_axis   ? 
_cell.Z_PDB              4 
_cell.length_a_esd       ? 
_cell.length_b_esd       ? 
_cell.length_c_esd       ? 
_cell.angle_alpha_esd    ? 
_cell.angle_beta_esd     ? 
_cell.angle_gamma_esd    ? 
# 
_symmetry.entry_id                         3BOR 
_symmetry.space_group_name_H-M             'P 21 21 2' 
_symmetry.Int_Tables_number                18 
_symmetry.pdbx_full_space_group_name_H-M   ? 
_symmetry.cell_setting                     ? 
_symmetry.space_group_name_Hall            ? 
# 
loop_
_entity.id 
_entity.type 
_entity.src_method 
_entity.pdbx_description 
_entity.formula_weight 
_entity.pdbx_number_of_molecules 
_entity.pdbx_ec 
_entity.pdbx_mutation 
_entity.pdbx_fragment 
_entity.details 
1 polymer man 'Human initiation factor 4A-II' 26927.096 1  3.6.1.- ? 'DEADc domain: Residues 22-240' ? 
2 water   nat water                           18.015    97 ?       ? ?                               ? 
# 
_entity_name_com.entity_id   1 
_entity_name_com.name        'ATP-dependent RNA helicase eIF4A-2, eIF4A-II, eIF-4A-II' 
# 
_entity_poly.entity_id                      1 
_entity_poly.type                           'polypeptide(L)' 
_entity_poly.nstd_linkage                   no 
_entity_poly.nstd_monomer                   no 
_entity_poly.pdbx_seq_one_letter_code       
;MHHHHHHSSGRENLYFQGGVIESNWNEIVDNFDDMNLKESLLRGIYAYGFEKPSAIQQRAIIPCIKGYDVIAQAQSGTGK
TATFAISILQQLEIEFKETQALVLAPTRELAQQIQKVILALGDYMGATCHACIGGTNVRNEMQKLQAEAPHIVVGTPGRV
FDMLNRRYLSPKWIKMFVLDEADEMLSRGFKDQIYEIFQKLNTSIQVVLLSATMPTDVLEVTKKFMRDPIRILVKKE
;
_entity_poly.pdbx_seq_one_letter_code_can   
;MHHHHHHSSGRENLYFQGGVIESNWNEIVDNFDDMNLKESLLRGIYAYGFEKPSAIQQRAIIPCIKGYDVIAQAQSGTGK
TATFAISILQQLEIEFKETQALVLAPTRELAQQIQKVILALGDYMGATCHACIGGTNVRNEMQKLQAEAPHIVVGTPGRV
FDMLNRRYLSPKWIKMFVLDEADEMLSRGFKDQIYEIFQKLNTSIQVVLLSATMPTDVLEVTKKFMRDPIRILVKKE
;
_entity_poly.pdbx_strand_id                 A 
_entity_poly.pdbx_target_identifier         ? 
# 
loop_
_entity_poly_seq.entity_id 
_entity_poly_seq.num 
_entity_poly_seq.mon_id 
_entity_poly_seq.hetero 
1 1   MET n 
1 2   HIS n 
1 3   HIS n 
1 4   HIS n 
1 5   HIS n 
1 6   HIS n 
1 7   HIS n 
1 8   SER n 
1 9   SER n 
1 10  GLY n 
1 11  ARG n 
1 12  GLU n 
1 13  ASN n 
1 14  LEU n 
1 15  TYR n 
1 16  PHE n 
1 17  GLN n 
1 18  GLY n 
1 19  GLY n 
1 20  VAL n 
1 21  ILE n 
1 22  GLU n 
1 23  SER n 
1 24  ASN n 
1 25  TRP n 
1 26  ASN n 
1 27  GLU n 
1 28  ILE n 
1 29  VAL n 
1 30  ASP n 
1 31  ASN n 
1 32  PHE n 
1 33  ASP n 
1 34  ASP n 
1 35  MET n 
1 36  ASN n 
1 37  LEU n 
1 38  LYS n 
1 39  GLU n 
1 40  SER n 
1 41  LEU n 
1 42  LEU n 
1 43  ARG n 
1 44  GLY n 
1 45  ILE n 
1 46  TYR n 
1 47  ALA n 
1 48  TYR n 
1 49  GLY n 
1 50  PHE n 
1 51  GLU n 
1 52  LYS n 
1 53  PRO n 
1 54  SER n 
1 55  ALA n 
1 56  ILE n 
1 57  GLN n 
1 58  GLN n 
1 59  ARG n 
1 60  ALA n 
1 61  ILE n 
1 62  ILE n 
1 63  PRO n 
1 64  CYS n 
1 65  ILE n 
1 66  LYS n 
1 67  GLY n 
1 68  TYR n 
1 69  ASP n 
1 70  VAL n 
1 71  ILE n 
1 72  ALA n 
1 73  GLN n 
1 74  ALA n 
1 75  GLN n 
1 76  SER n 
1 77  GLY n 
1 78  THR n 
1 79  GLY n 
1 80  LYS n 
1 81  THR n 
1 82  ALA n 
1 83  THR n 
1 84  PHE n 
1 85  ALA n 
1 86  ILE n 
1 87  SER n 
1 88  ILE n 
1 89  LEU n 
1 90  GLN n 
1 91  GLN n 
1 92  LEU n 
1 93  GLU n 
1 94  ILE n 
1 95  GLU n 
1 96  PHE n 
1 97  LYS n 
1 98  GLU n 
1 99  THR n 
1 100 GLN n 
1 101 ALA n 
1 102 LEU n 
1 103 VAL n 
1 104 LEU n 
1 105 ALA n 
1 106 PRO n 
1 107 THR n 
1 108 ARG n 
1 109 GLU n 
1 110 LEU n 
1 111 ALA n 
1 112 GLN n 
1 113 GLN n 
1 114 ILE n 
1 115 GLN n 
1 116 LYS n 
1 117 VAL n 
1 118 ILE n 
1 119 LEU n 
1 120 ALA n 
1 121 LEU n 
1 122 GLY n 
1 123 ASP n 
1 124 TYR n 
1 125 MET n 
1 126 GLY n 
1 127 ALA n 
1 128 THR n 
1 129 CYS n 
1 130 HIS n 
1 131 ALA n 
1 132 CYS n 
1 133 ILE n 
1 134 GLY n 
1 135 GLY n 
1 136 THR n 
1 137 ASN n 
1 138 VAL n 
1 139 ARG n 
1 140 ASN n 
1 141 GLU n 
1 142 MET n 
1 143 GLN n 
1 144 LYS n 
1 145 LEU n 
1 146 GLN n 
1 147 ALA n 
1 148 GLU n 
1 149 ALA n 
1 150 PRO n 
1 151 HIS n 
1 152 ILE n 
1 153 VAL n 
1 154 VAL n 
1 155 GLY n 
1 156 THR n 
1 157 PRO n 
1 158 GLY n 
1 159 ARG n 
1 160 VAL n 
1 161 PHE n 
1 162 ASP n 
1 163 MET n 
1 164 LEU n 
1 165 ASN n 
1 166 ARG n 
1 167 ARG n 
1 168 TYR n 
1 169 LEU n 
1 170 SER n 
1 171 PRO n 
1 172 LYS n 
1 173 TRP n 
1 174 ILE n 
1 175 LYS n 
1 176 MET n 
1 177 PHE n 
1 178 VAL n 
1 179 LEU n 
1 180 ASP n 
1 181 GLU n 
1 182 ALA n 
1 183 ASP n 
1 184 GLU n 
1 185 MET n 
1 186 LEU n 
1 187 SER n 
1 188 ARG n 
1 189 GLY n 
1 190 PHE n 
1 191 LYS n 
1 192 ASP n 
1 193 GLN n 
1 194 ILE n 
1 195 TYR n 
1 196 GLU n 
1 197 ILE n 
1 198 PHE n 
1 199 GLN n 
1 200 LYS n 
1 201 LEU n 
1 202 ASN n 
1 203 THR n 
1 204 SER n 
1 205 ILE n 
1 206 GLN n 
1 207 VAL n 
1 208 VAL n 
1 209 LEU n 
1 210 LEU n 
1 211 SER n 
1 212 ALA n 
1 213 THR n 
1 214 MET n 
1 215 PRO n 
1 216 THR n 
1 217 ASP n 
1 218 VAL n 
1 219 LEU n 
1 220 GLU n 
1 221 VAL n 
1 222 THR n 
1 223 LYS n 
1 224 LYS n 
1 225 PHE n 
1 226 MET n 
1 227 ARG n 
1 228 ASP n 
1 229 PRO n 
1 230 ILE n 
1 231 ARG n 
1 232 ILE n 
1 233 LEU n 
1 234 VAL n 
1 235 LYS n 
1 236 LYS n 
1 237 GLU n 
# 
_entity_src_gen.entity_id                          1 
_entity_src_gen.pdbx_src_id                        1 
_entity_src_gen.pdbx_alt_source_flag               sample 
_entity_src_gen.pdbx_seq_type                      ? 
_entity_src_gen.pdbx_beg_seq_num                   ? 
_entity_src_gen.pdbx_end_seq_num                   ? 
_entity_src_gen.gene_src_common_name               human 
_entity_src_gen.gene_src_genus                     Homo 
_entity_src_gen.pdbx_gene_src_gene                 'EIF4A2, DDX2B, EIF4F' 
_entity_src_gen.gene_src_species                   ? 
_entity_src_gen.gene_src_strain                    ? 
_entity_src_gen.gene_src_tissue                    ? 
_entity_src_gen.gene_src_tissue_fraction           ? 
_entity_src_gen.gene_src_details                   ? 
_entity_src_gen.pdbx_gene_src_fragment             ? 
_entity_src_gen.pdbx_gene_src_scientific_name      'Homo sapiens' 
_entity_src_gen.pdbx_gene_src_ncbi_taxonomy_id     9606 
_entity_src_gen.pdbx_gene_src_variant              ? 
_entity_src_gen.pdbx_gene_src_cell_line            ? 
_entity_src_gen.pdbx_gene_src_atcc                 ? 
_entity_src_gen.pdbx_gene_src_organ                ? 
_entity_src_gen.pdbx_gene_src_organelle            ? 
_entity_src_gen.pdbx_gene_src_cell                 ? 
_entity_src_gen.pdbx_gene_src_cellular_location    ? 
_entity_src_gen.host_org_common_name               ? 
_entity_src_gen.pdbx_host_org_scientific_name      'Escherichia coli' 
_entity_src_gen.pdbx_host_org_ncbi_taxonomy_id     562 
_entity_src_gen.host_org_genus                     Escherichia 
_entity_src_gen.pdbx_host_org_gene                 ? 
_entity_src_gen.pdbx_host_org_organ                ? 
_entity_src_gen.host_org_species                   ? 
_entity_src_gen.pdbx_host_org_tissue               ? 
_entity_src_gen.pdbx_host_org_tissue_fraction      ? 
_entity_src_gen.pdbx_host_org_strain               'BL21-CodonPlus(DE3)-RIL' 
_entity_src_gen.pdbx_host_org_variant              ? 
_entity_src_gen.pdbx_host_org_cell_line            ? 
_entity_src_gen.pdbx_host_org_atcc                 ? 
_entity_src_gen.pdbx_host_org_culture_collection   ? 
_entity_src_gen.pdbx_host_org_cell                 ? 
_entity_src_gen.pdbx_host_org_organelle            ? 
_entity_src_gen.pdbx_host_org_cellular_location    ? 
_entity_src_gen.pdbx_host_org_vector_type          Plasmid 
_entity_src_gen.pdbx_host_org_vector               ? 
_entity_src_gen.host_org_details                   ? 
_entity_src_gen.expression_system_id               ? 
_entity_src_gen.plasmid_name                       pET28-mhl 
_entity_src_gen.plasmid_details                    ? 
_entity_src_gen.pdbx_description                   ? 
# 
_struct_ref.id                         1 
_struct_ref.db_name                    UNP 
_struct_ref.db_code                    IF4A2_HUMAN 
_struct_ref.pdbx_db_accession          Q14240 
_struct_ref.entity_id                  1 
_struct_ref.pdbx_seq_one_letter_code   
;GVIESNWNEIVDNFDDMNLKESLLRGIYAYGFEKPSAIQQRAIIPCIKGYDVIAQAQSGTGKTATFAISILQQLEIEFKE
TQALVLAPTRELAQQIQKVILALGDYMGATCHACIGGTNVRNEMQKLQAEAPHIVVGTPGRVFDMLNRRYLSPKWIKMFV
LDEADEMLSRGFKDQIYEIFQKLNTSIQVVLLSATMPTDVLEVTKKFMRDPIRILVKKE
;
_struct_ref.pdbx_align_begin           22 
_struct_ref.pdbx_db_isoform            ? 
# 
_struct_ref_seq.align_id                      1 
_struct_ref_seq.ref_id                        1 
_struct_ref_seq.pdbx_PDB_id_code              3BOR 
_struct_ref_seq.pdbx_strand_id                A 
_struct_ref_seq.seq_align_beg                 19 
_struct_ref_seq.pdbx_seq_align_beg_ins_code   ? 
_struct_ref_seq.seq_align_end                 237 
_struct_ref_seq.pdbx_seq_align_end_ins_code   ? 
_struct_ref_seq.pdbx_db_accession             Q14240 
_struct_ref_seq.db_align_beg                  22 
_struct_ref_seq.pdbx_db_align_beg_ins_code    ? 
_struct_ref_seq.db_align_end                  240 
_struct_ref_seq.pdbx_db_align_end_ins_code    ? 
_struct_ref_seq.pdbx_auth_seq_align_beg       22 
_struct_ref_seq.pdbx_auth_seq_align_end       240 
# 
loop_
_struct_ref_seq_dif.align_id 
_struct_ref_seq_dif.pdbx_pdb_id_code 
_struct_ref_seq_dif.mon_id 
_struct_ref_seq_dif.pdbx_pdb_strand_id 
_struct_ref_seq_dif.seq_num 
_struct_ref_seq_dif.pdbx_pdb_ins_code 
_struct_ref_seq_dif.pdbx_seq_db_name 
_struct_ref_seq_dif.pdbx_seq_db_accession_code 
_struct_ref_seq_dif.db_mon_id 
_struct_ref_seq_dif.pdbx_seq_db_seq_num 
_struct_ref_seq_dif.details 
_struct_ref_seq_dif.pdbx_auth_seq_num 
_struct_ref_seq_dif.pdbx_ordinal 
1 3BOR MET A 1  ? UNP Q14240 ? ? 'expression tag' 4  1  
1 3BOR HIS A 2  ? UNP Q14240 ? ? 'expression tag' 5  2  
1 3BOR HIS A 3  ? UNP Q14240 ? ? 'expression tag' 6  3  
1 3BOR HIS A 4  ? UNP Q14240 ? ? 'expression tag' 7  4  
1 3BOR HIS A 5  ? UNP Q14240 ? ? 'expression tag' 8  5  
1 3BOR HIS A 6  ? UNP Q14240 ? ? 'expression tag' 9  6  
1 3BOR HIS A 7  ? UNP Q14240 ? ? 'expression tag' 10 7  
1 3BOR SER A 8  ? UNP Q14240 ? ? 'expression tag' 11 8  
1 3BOR SER A 9  ? UNP Q14240 ? ? 'expression tag' 12 9  
1 3BOR GLY A 10 ? UNP Q14240 ? ? 'expression tag' 13 10 
1 3BOR ARG A 11 ? UNP Q14240 ? ? 'expression tag' 14 11 
1 3BOR GLU A 12 ? UNP Q14240 ? ? 'expression tag' 15 12 
1 3BOR ASN A 13 ? UNP Q14240 ? ? 'expression tag' 16 13 
1 3BOR LEU A 14 ? UNP Q14240 ? ? 'expression tag' 17 14 
1 3BOR TYR A 15 ? UNP Q14240 ? ? 'expression tag' 18 15 
1 3BOR PHE A 16 ? UNP Q14240 ? ? 'expression tag' 19 16 
1 3BOR GLN A 17 ? UNP Q14240 ? ? 'expression tag' 20 17 
1 3BOR GLY A 18 ? UNP Q14240 ? ? 'expression tag' 21 18 
# 
loop_
_chem_comp.id 
_chem_comp.type 
_chem_comp.mon_nstd_flag 
_chem_comp.name 
_chem_comp.pdbx_synonyms 
_chem_comp.formula 
_chem_comp.formula_weight 
ALA 'L-peptide linking' y ALANINE         ? 'C3 H7 N O2'     89.093  
ARG 'L-peptide linking' y ARGININE        ? 'C6 H15 N4 O2 1' 175.209 
ASN 'L-peptide linking' y ASPARAGINE      ? 'C4 H8 N2 O3'    132.118 
ASP 'L-peptide linking' y 'ASPARTIC ACID' ? 'C4 H7 N O4'     133.103 
CYS 'L-peptide linking' y CYSTEINE        ? 'C3 H7 N O2 S'   121.158 
GLN 'L-peptide linking' y GLUTAMINE       ? 'C5 H10 N2 O3'   146.144 
GLU 'L-peptide linking' y 'GLUTAMIC ACID' ? 'C5 H9 N O4'     147.129 
GLY 'peptide linking'   y GLYCINE         ? 'C2 H5 N O2'     75.067  
HIS 'L-peptide linking' y HISTIDINE       ? 'C6 H10 N3 O2 1' 156.162 
HOH non-polymer         . WATER           ? 'H2 O'           18.015  
ILE 'L-peptide linking' y ISOLEUCINE      ? 'C6 H13 N O2'    131.173 
LEU 'L-peptide linking' y LEUCINE         ? 'C6 H13 N O2'    131.173 
LYS 'L-peptide linking' y LYSINE          ? 'C6 H15 N2 O2 1' 147.195 
MET 'L-peptide linking' y METHIONINE      ? 'C5 H11 N O2 S'  149.211 
PHE 'L-peptide linking' y PHENYLALANINE   ? 'C9 H11 N O2'    165.189 
PRO 'L-peptide linking' y PROLINE         ? 'C5 H9 N O2'     115.130 
SER 'L-peptide linking' y SERINE          ? 'C3 H7 N O3'     105.093 
THR 'L-peptide linking' y THREONINE       ? 'C4 H9 N O3'     119.119 
TRP 'L-peptide linking' y TRYPTOPHAN      ? 'C11 H12 N2 O2'  204.225 
TYR 'L-peptide linking' y TYROSINE        ? 'C9 H11 N O3'    181.189 
VAL 'L-peptide linking' y VALINE          ? 'C5 H11 N O2'    117.146 
# 
_exptl.crystals_number   1 
_exptl.entry_id          3BOR 
_exptl.method            'X-RAY DIFFRACTION' 
# 
_exptl_crystal.id                    1 
_exptl_crystal.density_percent_sol   33.39 
_exptl_crystal.density_Matthews      1.85 
_exptl_crystal.density_meas          ? 
_exptl_crystal.description           ? 
_exptl_crystal.F_000                 ? 
_exptl_crystal.preparation           ? 
# 
_exptl_crystal_grow.crystal_id      1 
_exptl_crystal_grow.method          'VAPOR DIFFUSION' 
_exptl_crystal_grow.pH              7.3 
_exptl_crystal_grow.temp            291 
_exptl_crystal_grow.pdbx_details    
;25% PEG 3350, 0.1M Bis-Tris, 0.2M Ammonium acetate. Chymotrypsin was added to the crystallization sample at a molar ratio of approx. 1:100, pH 7.3, VAPOR DIFFUSION, temperature 291K
;
_exptl_crystal_grow.temp_details    ? 
_exptl_crystal_grow.pdbx_pH_range   . 
# 
_diffrn.id                     1 
_diffrn.ambient_temp           100 
_diffrn.ambient_temp_details   ? 
_diffrn.crystal_id             1 
# 
_diffrn_detector.diffrn_id              1 
_diffrn_detector.detector               CCD 
_diffrn_detector.type                   'ADSC QUANTUM 315' 
_diffrn_detector.pdbx_collection_date   2007-12-06 
_diffrn_detector.details                ? 
# 
_diffrn_radiation.diffrn_id                        1 
_diffrn_radiation.pdbx_diffrn_protocol             'SINGLE WAVELENGTH' 
_diffrn_radiation.monochromator                    ? 
_diffrn_radiation.wavelength_id                    1 
_diffrn_radiation.pdbx_monochromatic_or_laue_m_l   M 
_diffrn_radiation.pdbx_scattering_type             x-ray 
# 
_diffrn_radiation_wavelength.id           1 
_diffrn_radiation_wavelength.wavelength   0.97242 
_diffrn_radiation_wavelength.wt           1.0 
# 
_diffrn_source.diffrn_id                   1 
_diffrn_source.source                      SYNCHROTRON 
_diffrn_source.type                        'APS BEAMLINE 19-ID' 
_diffrn_source.pdbx_wavelength_list        0.97242 
_diffrn_source.pdbx_wavelength             ? 
_diffrn_source.pdbx_synchrotron_site       APS 
_diffrn_source.pdbx_synchrotron_beamline   19-ID 
# 
_reflns.entry_id                     3BOR 
_reflns.d_resolution_high            1.850 
_reflns.d_resolution_low             40.000 
_reflns.number_obs                   17895 
_reflns.pdbx_Rmerge_I_obs            0.133 
_reflns.pdbx_netI_over_sigmaI        6.600 
_reflns.pdbx_chi_squared             1.659 
_reflns.pdbx_redundancy              11.400 
_reflns.percent_possible_obs         100.000 
_reflns.observed_criterion_sigma_F   ? 
_reflns.observed_criterion_sigma_I   ? 
_reflns.number_all                   ? 
_reflns.pdbx_Rsym_value              ? 
_reflns.B_iso_Wilson_estimate        ? 
_reflns.R_free_details               ? 
_reflns.limit_h_max                  ? 
_reflns.limit_h_min                  ? 
_reflns.limit_k_max                  ? 
_reflns.limit_k_min                  ? 
_reflns.limit_l_max                  ? 
_reflns.limit_l_min                  ? 
_reflns.observed_criterion_F_max     ? 
_reflns.observed_criterion_F_min     ? 
_reflns.pdbx_scaling_rejects         ? 
_reflns.pdbx_diffrn_id               1 
_reflns.pdbx_ordinal                 1 
# 
loop_
_reflns_shell.d_res_high 
_reflns_shell.d_res_low 
_reflns_shell.number_measured_obs 
_reflns_shell.number_measured_all 
_reflns_shell.number_unique_obs 
_reflns_shell.Rmerge_I_obs 
_reflns_shell.meanI_over_sigI_obs 
_reflns_shell.pdbx_Rsym_value 
_reflns_shell.pdbx_chi_squared 
_reflns_shell.pdbx_redundancy 
_reflns_shell.percent_possible_obs 
_reflns_shell.number_unique_all 
_reflns_shell.percent_possible_all 
_reflns_shell.pdbx_diffrn_id 
_reflns_shell.pdbx_ordinal 
1.85 1.92  ? ? ? 0.656 ? ? 0.900 10.10 ? 1744 99.90  ? 1  
1.92 1.99  ? ? ? 0.513 ? ? 0.986 10.80 ? 1745 100.00 ? 2  
1.99 2.08  ? ? ? 0.396 ? ? 1.187 11.10 ? 1764 100.00 ? 3  
2.08 2.19  ? ? ? 0.315 ? ? 1.394 11.40 ? 1748 100.00 ? 4  
2.19 2.33  ? ? ? 0.262 ? ? 1.591 11.80 ? 1772 100.00 ? 5  
2.33 2.51  ? ? ? 0.222 ? ? 1.725 12.00 ? 1798 100.00 ? 6  
2.51 2.76  ? ? ? 0.177 ? ? 1.819 12.10 ? 1769 100.00 ? 7  
2.76 3.16  ? ? ? 0.126 ? ? 1.914 12.00 ? 1793 100.00 ? 8  
3.16 3.98  ? ? ? 0.089 ? ? 2.485 11.60 ? 1832 99.90  ? 9  
3.98 40.00 ? ? ? 0.068 ? ? 2.312 10.90 ? 1930 99.80  ? 10 
# 
_refine.entry_id                                 3BOR 
_refine.ls_d_res_high                            1.850 
_refine.ls_d_res_low                             30.000 
_refine.pdbx_ls_sigma_F                          0.00 
_refine.ls_percent_reflns_obs                    99.570 
_refine.ls_number_reflns_obs                     17560 
_refine.pdbx_ls_cross_valid_method               THROUGHOUT 
_refine.pdbx_R_Free_selection_details            RANDOM 
_refine.details                                  'HYDROGENS HAVE BEEN ADDED IN THE RIDING POSITIONS' 
_refine.ls_R_factor_all                          0.187 
_refine.ls_R_factor_R_work                       0.185 
_refine.ls_wR_factor_R_work                      0.180 
_refine.ls_R_factor_R_free                       0.226 
_refine.ls_wR_factor_R_free                      0.222 
_refine.ls_percent_reflns_R_free                 5.000 
_refine.ls_number_reflns_R_free                  883 
_refine.B_iso_mean                               16.434 
_refine.aniso_B[1][1]                            -0.190 
_refine.aniso_B[2][2]                            -0.180 
_refine.aniso_B[3][3]                            0.380 
_refine.aniso_B[1][2]                            0.000 
_refine.aniso_B[1][3]                            0.000 
_refine.aniso_B[2][3]                            0.000 
_refine.correlation_coeff_Fo_to_Fc               0.951 
_refine.correlation_coeff_Fo_to_Fc_free          0.940 
_refine.pdbx_overall_ESU_R                       0.139 
_refine.pdbx_overall_ESU_R_Free                  0.133 
_refine.overall_SU_ML                            0.087 
_refine.overall_SU_B                             2.826 
_refine.solvent_model_details                    MASK 
_refine.pdbx_solvent_vdw_probe_radii             1.200 
_refine.pdbx_solvent_ion_probe_radii             0.800 
_refine.pdbx_solvent_shrinkage_radii             0.800 
_refine.pdbx_method_to_determine_struct          'MOLECULAR REPLACEMENT' 
_refine.pdbx_stereochemistry_target_values       'MAXIMUM LIKELIHOOD' 
_refine.pdbx_ls_sigma_I                          ? 
_refine.ls_number_reflns_all                     ? 
_refine.ls_R_factor_obs                          0.187 
_refine.ls_redundancy_reflns_obs                 ? 
_refine.pdbx_data_cutoff_high_absF               ? 
_refine.pdbx_data_cutoff_low_absF                ? 
_refine.ls_number_parameters                     ? 
_refine.ls_number_restraints                     ? 
_refine.ls_R_factor_R_free_error                 ? 
_refine.ls_R_factor_R_free_error_details         ? 
_refine.pdbx_starting_model                      'PDB entry 2G9N' 
_refine.pdbx_stereochem_target_val_spec_case     ? 
_refine.solvent_model_param_bsol                 ? 
_refine.solvent_model_param_ksol                 ? 
_refine.occupancy_max                            ? 
_refine.occupancy_min                            ? 
_refine.pdbx_isotropic_thermal_model             ? 
_refine.B_iso_min                                ? 
_refine.B_iso_max                                ? 
_refine.overall_SU_R_Cruickshank_DPI             ? 
_refine.overall_SU_R_free                        ? 
_refine.pdbx_data_cutoff_high_rms_absF           ? 
_refine.overall_FOM_free_R_set                   ? 
_refine.overall_FOM_work_R_set                   ? 
_refine.pdbx_refine_id                           'X-RAY DIFFRACTION' 
_refine.pdbx_diffrn_id                           1 
_refine.pdbx_TLS_residual_ADP_flag               ? 
_refine.pdbx_overall_phase_error                 ? 
_refine.pdbx_overall_SU_R_free_Cruickshank_DPI   ? 
_refine.pdbx_overall_SU_R_Blow_DPI               ? 
_refine.pdbx_overall_SU_R_free_Blow_DPI          ? 
# 
_refine_hist.pdbx_refine_id                   'X-RAY DIFFRACTION' 
_refine_hist.cycle_id                         LAST 
_refine_hist.pdbx_number_atoms_protein        1493 
_refine_hist.pdbx_number_atoms_nucleic_acid   0 
_refine_hist.pdbx_number_atoms_ligand         0 
_refine_hist.number_atoms_solvent             97 
_refine_hist.number_atoms_total               1590 
_refine_hist.d_res_high                       1.850 
_refine_hist.d_res_low                        30.000 
# 
loop_
_refine_ls_restr.type 
_refine_ls_restr.number 
_refine_ls_restr.dev_ideal 
_refine_ls_restr.dev_ideal_target 
_refine_ls_restr.weight 
_refine_ls_restr.pdbx_refine_id 
_refine_ls_restr.pdbx_restraint_function 
r_bond_refined_d         1552 0.015  0.022  ? 'X-RAY DIFFRACTION' ? 
r_bond_other_d           1043 0.001  0.020  ? 'X-RAY DIFFRACTION' ? 
r_angle_refined_deg      2109 1.344  1.973  ? 'X-RAY DIFFRACTION' ? 
r_angle_other_deg        2568 0.921  3.000  ? 'X-RAY DIFFRACTION' ? 
r_dihedral_angle_1_deg   202  5.324  5.000  ? 'X-RAY DIFFRACTION' ? 
r_dihedral_angle_2_deg   62   34.249 24.355 ? 'X-RAY DIFFRACTION' ? 
r_dihedral_angle_3_deg   278  12.409 15.000 ? 'X-RAY DIFFRACTION' ? 
r_dihedral_angle_4_deg   8    14.033 15.000 ? 'X-RAY DIFFRACTION' ? 
r_chiral_restr           251  0.089  0.200  ? 'X-RAY DIFFRACTION' ? 
r_gen_planes_refined     1706 0.005  0.020  ? 'X-RAY DIFFRACTION' ? 
r_gen_planes_other       301  0.001  0.020  ? 'X-RAY DIFFRACTION' ? 
r_nbd_refined            294  0.195  0.200  ? 'X-RAY DIFFRACTION' ? 
r_nbd_other              1064 0.170  0.200  ? 'X-RAY DIFFRACTION' ? 
r_nbtor_refined          767  0.170  0.200  ? 'X-RAY DIFFRACTION' ? 
r_nbtor_other            739  0.084  0.200  ? 'X-RAY DIFFRACTION' ? 
r_xyhbond_nbd_refined    65   0.123  0.200  ? 'X-RAY DIFFRACTION' ? 
r_symmetry_vdw_refined   5    0.072  0.200  ? 'X-RAY DIFFRACTION' ? 
r_symmetry_vdw_other     24   0.232  0.200  ? 'X-RAY DIFFRACTION' ? 
r_symmetry_hbond_refined 8    0.136  0.200  ? 'X-RAY DIFFRACTION' ? 
r_mcbond_it              1092 2.551  2.000  ? 'X-RAY DIFFRACTION' ? 
r_mcbond_other           395  0.685  2.000  ? 'X-RAY DIFFRACTION' ? 
r_mcangle_it             1588 3.225  3.000  ? 'X-RAY DIFFRACTION' ? 
r_scbond_it              623  2.626  2.000  ? 'X-RAY DIFFRACTION' ? 
r_scangle_it             516  3.559  3.000  ? 'X-RAY DIFFRACTION' ? 
# 
loop_
_refine_ls_shell.pdbx_total_number_of_bins_used 
_refine_ls_shell.d_res_low 
_refine_ls_shell.d_res_high 
_refine_ls_shell.number_reflns_all 
_refine_ls_shell.percent_reflns_obs 
_refine_ls_shell.number_reflns_R_work 
_refine_ls_shell.R_factor_R_work 
_refine_ls_shell.number_reflns_R_free 
_refine_ls_shell.R_factor_R_free 
_refine_ls_shell.number_reflns_obs 
_refine_ls_shell.R_factor_R_free_error 
_refine_ls_shell.percent_reflns_R_free 
_refine_ls_shell.redundancy_reflns_obs 
_refine_ls_shell.R_factor_all 
_refine_ls_shell.pdbx_refine_id 
20 1.898  1.850 1265 99.130  1185 0.206 69 0.289 . . . . . 'X-RAY DIFFRACTION' 
20 1.950  1.898 1260 99.444  1178 0.198 75 0.246 . . . . . 'X-RAY DIFFRACTION' 
20 2.006  1.950 1199 99.833  1131 0.189 66 0.229 . . . . . 'X-RAY DIFFRACTION' 
20 2.067  2.006 1186 99.831  1125 0.178 59 0.247 . . . . . 'X-RAY DIFFRACTION' 
20 2.135  2.067 1136 99.736  1068 0.175 65 0.245 . . . . . 'X-RAY DIFFRACTION' 
20 2.209  2.135 1096 99.635  1037 0.175 55 0.199 . . . . . 'X-RAY DIFFRACTION' 
20 2.292  2.209 1075 99.535  1028 0.164 42 0.252 . . . . . 'X-RAY DIFFRACTION' 
20 2.385  2.292 1042 99.712  994  0.178 45 0.234 . . . . . 'X-RAY DIFFRACTION' 
20 2.491  2.385 985  99.391  930  0.175 49 0.244 . . . . . 'X-RAY DIFFRACTION' 
20 2.611  2.491 950  99.158  888  0.185 54 0.253 . . . . . 'X-RAY DIFFRACTION' 
20 2.751  2.611 908  99.559  871  0.196 33 0.271 . . . . . 'X-RAY DIFFRACTION' 
20 2.917  2.751 865  99.538  812  0.188 49 0.205 . . . . . 'X-RAY DIFFRACTION' 
20 3.116  2.917 817  99.143  777  0.194 33 0.215 . . . . . 'X-RAY DIFFRACTION' 
20 3.363  3.116 765  99.739  727  0.193 36 0.232 . . . . . 'X-RAY DIFFRACTION' 
20 3.679  3.363 703  99.431  666  0.189 33 0.205 . . . . . 'X-RAY DIFFRACTION' 
20 4.106  3.679 646  99.845  622  0.173 23 0.229 . . . . . 'X-RAY DIFFRACTION' 
20 4.726  4.106 583  99.828  552  0.145 30 0.170 . . . . . 'X-RAY DIFFRACTION' 
20 5.753  4.726 491  99.796  464  0.202 26 0.225 . . . . . 'X-RAY DIFFRACTION' 
20 7.990  5.753 403  100.000 375  0.234 28 0.253 . . . . . 'X-RAY DIFFRACTION' 
20 30.000 7.990 261  99.617  247  0.222 13 0.179 . . . . . 'X-RAY DIFFRACTION' 
# 
_struct.entry_id                  3BOR 
_struct.title                     'Crystal structure of the DEADc domain of human translation initiation factor 4A-2' 
_struct.pdbx_model_details        ? 
_struct.pdbx_CASP_flag            ? 
_struct.pdbx_model_type_details   ? 
# 
_struct_keywords.entry_id        3BOR 
_struct_keywords.text            
;translation initiation, DEAD box, structural genomics, helicase, ATP-binding, Host-virus interaction, Hydrolase, Initiation factor, Nucleotide-binding, Protein biosynthesis, RNA-binding, Structural Genomics Consortium, SGC
;
_struct_keywords.pdbx_keywords   HYDROLASE 
# 
loop_
_struct_asym.id 
_struct_asym.pdbx_blank_PDB_chainid_flag 
_struct_asym.pdbx_modified 
_struct_asym.entity_id 
_struct_asym.details 
A N N 1 ? 
B N N 2 ? 
# 
_struct_biol.id        1 
_struct_biol.details   'AUTHORS STATE THAT THE BIOLOGICAL UNIT OF THIS PROTEIN IS UNKNOWN.' 
# 
loop_
_struct_conf.conf_type_id 
_struct_conf.id 
_struct_conf.pdbx_PDB_helix_id 
_struct_conf.beg_label_comp_id 
_struct_conf.beg_label_asym_id 
_struct_conf.beg_label_seq_id 
_struct_conf.pdbx_beg_PDB_ins_code 
_struct_conf.end_label_comp_id 
_struct_conf.end_label_asym_id 
_struct_conf.end_label_seq_id 
_struct_conf.pdbx_end_PDB_ins_code 
_struct_conf.beg_auth_comp_id 
_struct_conf.beg_auth_asym_id 
_struct_conf.beg_auth_seq_id 
_struct_conf.end_auth_comp_id 
_struct_conf.end_auth_asym_id 
_struct_conf.end_auth_seq_id 
_struct_conf.pdbx_PDB_helix_class 
_struct_conf.details 
_struct_conf.pdbx_PDB_helix_length 
HELX_P HELX_P1 1 ASN A 31  ? MET A 35  ? ASN A 34  MET A 38  5 ? 5  
HELX_P HELX_P2 2 LYS A 38  ? GLY A 49  ? LYS A 41  GLY A 52  1 ? 12 
HELX_P HELX_P3 3 SER A 54  ? LYS A 66  ? SER A 57  LYS A 69  1 ? 13 
HELX_P HELX_P4 4 GLY A 77  ? LEU A 92  ? GLY A 80  LEU A 95  1 ? 16 
HELX_P HELX_P5 5 THR A 107 ? GLY A 122 ? THR A 110 GLY A 125 1 ? 16 
HELX_P HELX_P6 6 THR A 156 ? ARG A 166 ? THR A 159 ARG A 169 1 ? 11 
HELX_P HELX_P7 7 GLU A 181 ? ARG A 188 ? GLU A 184 ARG A 191 1 ? 8  
HELX_P HELX_P8 8 PHE A 190 ? LEU A 201 ? PHE A 193 LEU A 204 1 ? 12 
HELX_P HELX_P9 9 PRO A 215 ? MET A 226 ? PRO A 218 MET A 229 1 ? 12 
# 
_struct_conf_type.id          HELX_P 
_struct_conf_type.criteria    ? 
_struct_conf_type.reference   ? 
# 
_struct_sheet.id               A 
_struct_sheet.type             ? 
_struct_sheet.number_strands   7 
_struct_sheet.details          ? 
# 
loop_
_struct_sheet_order.sheet_id 
_struct_sheet_order.range_id_1 
_struct_sheet_order.range_id_2 
_struct_sheet_order.offset 
_struct_sheet_order.sense 
A 1 2 ? parallel 
A 2 3 ? parallel 
A 3 4 ? parallel 
A 4 5 ? parallel 
A 5 6 ? parallel 
A 6 7 ? parallel 
# 
loop_
_struct_sheet_range.sheet_id 
_struct_sheet_range.id 
_struct_sheet_range.beg_label_comp_id 
_struct_sheet_range.beg_label_asym_id 
_struct_sheet_range.beg_label_seq_id 
_struct_sheet_range.pdbx_beg_PDB_ins_code 
_struct_sheet_range.end_label_comp_id 
_struct_sheet_range.end_label_asym_id 
_struct_sheet_range.end_label_seq_id 
_struct_sheet_range.pdbx_end_PDB_ins_code 
_struct_sheet_range.beg_auth_comp_id 
_struct_sheet_range.beg_auth_asym_id 
_struct_sheet_range.beg_auth_seq_id 
_struct_sheet_range.end_auth_comp_id 
_struct_sheet_range.end_auth_asym_id 
_struct_sheet_range.end_auth_seq_id 
A 1 CYS A 129 ? CYS A 132 ? CYS A 132 CYS A 135 
A 2 ILE A 152 ? GLY A 155 ? ILE A 155 GLY A 158 
A 3 ALA A 101 ? LEU A 104 ? ALA A 104 LEU A 107 
A 4 MET A 176 ? ASP A 180 ? MET A 179 ASP A 183 
A 5 GLN A 206 ? LEU A 210 ? GLN A 209 LEU A 213 
A 6 VAL A 70  ? ALA A 72  ? VAL A 73  ALA A 75  
A 7 ILE A 230 ? ILE A 232 ? ILE A 233 ILE A 235 
# 
loop_
_pdbx_struct_sheet_hbond.sheet_id 
_pdbx_struct_sheet_hbond.range_id_1 
_pdbx_struct_sheet_hbond.range_id_2 
_pdbx_struct_sheet_hbond.range_1_label_atom_id 
_pdbx_struct_sheet_hbond.range_1_label_comp_id 
_pdbx_struct_sheet_hbond.range_1_label_asym_id 
_pdbx_struct_sheet_hbond.range_1_label_seq_id 
_pdbx_struct_sheet_hbond.range_1_PDB_ins_code 
_pdbx_struct_sheet_hbond.range_1_auth_atom_id 
_pdbx_struct_sheet_hbond.range_1_auth_comp_id 
_pdbx_struct_sheet_hbond.range_1_auth_asym_id 
_pdbx_struct_sheet_hbond.range_1_auth_seq_id 
_pdbx_struct_sheet_hbond.range_2_label_atom_id 
_pdbx_struct_sheet_hbond.range_2_label_comp_id 
_pdbx_struct_sheet_hbond.range_2_label_asym_id 
_pdbx_struct_sheet_hbond.range_2_label_seq_id 
_pdbx_struct_sheet_hbond.range_2_PDB_ins_code 
_pdbx_struct_sheet_hbond.range_2_auth_atom_id 
_pdbx_struct_sheet_hbond.range_2_auth_comp_id 
_pdbx_struct_sheet_hbond.range_2_auth_asym_id 
_pdbx_struct_sheet_hbond.range_2_auth_seq_id 
A 1 2 N CYS A 132 ? N CYS A 135 O VAL A 154 ? O VAL A 157 
A 2 3 O VAL A 153 ? O VAL A 156 N VAL A 103 ? N VAL A 106 
A 3 4 N LEU A 102 ? N LEU A 105 O VAL A 178 ? O VAL A 181 
A 4 5 N LEU A 179 ? N LEU A 182 O VAL A 208 ? O VAL A 211 
A 5 6 O LEU A 209 ? O LEU A 212 N VAL A 70  ? N VAL A 73  
A 6 7 N ILE A 71  ? N ILE A 74  O ILE A 230 ? O ILE A 233 
# 
_atom_sites.entry_id                    3BOR 
_atom_sites.fract_transf_matrix[1][1]   -0.01113550 
_atom_sites.fract_transf_matrix[1][2]   0.00986831 
_atom_sites.fract_transf_matrix[1][3]   -0.00864877 
_atom_sites.fract_transf_matrix[2][1]   -0.00825485 
_atom_sites.fract_transf_matrix[2][2]   -0.00117676 
_atom_sites.fract_transf_matrix[2][3]   0.00928564 
_atom_sites.fract_transf_matrix[3][1]   0.00887449 
_atom_sites.fract_transf_matrix[3][2]   0.01904357 
_atom_sites.fract_transf_matrix[3][3]   0.01030272 
_atom_sites.fract_transf_vector[1]      0.749798 
_atom_sites.fract_transf_vector[2]      0.194487 
_atom_sites.fract_transf_vector[3]      0.807869 
# 
loop_
_atom_type.symbol 
C 
N 
O 
S 
# 
loop_
_atom_site.group_PDB 
_atom_site.id 
_atom_site.type_symbol 
_atom_site.label_atom_id 
_atom_site.label_alt_id 
_atom_site.label_comp_id 
_atom_site.label_asym_id 
_atom_site.label_entity_id 
_atom_site.label_seq_id 
_atom_site.pdbx_PDB_ins_code 
_atom_site.Cartn_x 
_atom_site.Cartn_y 
_atom_site.Cartn_z 
_atom_site.occupancy 
_atom_site.B_iso_or_equiv 
_atom_site.pdbx_formal_charge 
_atom_site.auth_seq_id 
_atom_site.auth_comp_id 
_atom_site.auth_asym_id 
_atom_site.auth_atom_id 
_atom_site.pdbx_PDB_model_num 
ATOM   1    N N   . GLU A 1 27  ? -13.934 -15.704 -0.578  1.00 42.64 ? 30  GLU A N   1 
ATOM   2    C CA  . GLU A 1 27  ? -14.622 -15.221 0.650   1.00 42.71 ? 30  GLU A CA  1 
ATOM   3    C C   . GLU A 1 27  ? -14.996 -13.739 0.525   1.00 43.01 ? 30  GLU A C   1 
ATOM   4    O O   . GLU A 1 27  ? -14.174 -12.900 0.149   1.00 43.66 ? 30  GLU A O   1 
ATOM   5    C CB  . GLU A 1 27  ? -13.744 -15.448 1.891   1.00 42.80 ? 30  GLU A CB  1 
ATOM   6    N N   . ILE A 1 28  ? -16.254 -13.439 0.832   1.00 42.35 ? 31  ILE A N   1 
ATOM   7    C CA  . ILE A 1 28  ? -16.765 -12.077 0.917   1.00 40.94 ? 31  ILE A CA  1 
ATOM   8    C C   . ILE A 1 28  ? -17.192 -11.860 2.362   1.00 36.96 ? 31  ILE A C   1 
ATOM   9    O O   . ILE A 1 28  ? -18.026 -12.590 2.876   1.00 34.91 ? 31  ILE A O   1 
ATOM   10   C CB  . ILE A 1 28  ? -17.996 -11.903 0.026   1.00 41.94 ? 31  ILE A CB  1 
ATOM   11   C CG1 . ILE A 1 28  ? -17.616 -12.054 -1.447  1.00 42.24 ? 31  ILE A CG1 1 
ATOM   12   C CG2 . ILE A 1 28  ? -18.669 -10.575 0.277   1.00 41.84 ? 31  ILE A CG2 1 
ATOM   13   C CD1 . ILE A 1 28  ? -18.819 -12.360 -2.340  1.00 43.88 ? 31  ILE A CD1 1 
ATOM   14   N N   . VAL A 1 29  ? -16.608 -10.875 3.024   1.00 30.00 ? 32  VAL A N   1 
ATOM   15   C CA  . VAL A 1 29  ? -16.932 -10.582 4.418   1.00 26.89 ? 32  VAL A CA  1 
ATOM   16   C C   . VAL A 1 29  ? -17.571 -9.220  4.395   1.00 26.47 ? 32  VAL A C   1 
ATOM   17   O O   . VAL A 1 29  ? -16.920 -8.253  4.018   1.00 24.31 ? 32  VAL A O   1 
ATOM   18   C CB  . VAL A 1 29  ? -15.652 -10.600 5.303   1.00 25.17 ? 32  VAL A CB  1 
ATOM   19   C CG1 . VAL A 1 29  ? -15.966 -10.155 6.771   1.00 26.55 ? 32  VAL A CG1 1 
ATOM   20   C CG2 . VAL A 1 29  ? -14.980 -11.995 5.252   1.00 25.39 ? 32  VAL A CG2 1 
ATOM   21   N N   . ASP A 1 30  ? -18.849 -9.137  4.768   1.00 26.56 ? 33  ASP A N   1 
ATOM   22   C CA  . ASP A 1 30  ? -19.654 -7.932  4.533   1.00 25.62 ? 33  ASP A CA  1 
ATOM   23   C C   . ASP A 1 30  ? -19.711 -6.958  5.711   1.00 24.72 ? 33  ASP A C   1 
ATOM   24   O O   . ASP A 1 30  ? -20.508 -6.028  5.712   1.00 27.01 ? 33  ASP A O   1 
ATOM   25   C CB  . ASP A 1 30  ? -21.082 -8.314  4.117   1.00 31.60 ? 33  ASP A CB  1 
ATOM   26   C CG  . ASP A 1 30  ? -21.887 -8.926  5.253   1.00 33.65 ? 33  ASP A CG  1 
ATOM   27   O OD1 . ASP A 1 30  ? -21.371 -9.039  6.392   1.00 32.82 ? 33  ASP A OD1 1 
ATOM   28   O OD2 . ASP A 1 30  ? -23.040 -9.304  4.997   1.00 37.98 ? 33  ASP A OD2 1 
ATOM   29   N N   . ASN A 1 31  ? -18.898 -7.172  6.726   1.00 25.30 ? 34  ASN A N   1 
ATOM   30   C CA  . ASN A 1 31  ? -18.767 -6.151  7.753   1.00 26.07 ? 34  ASN A CA  1 
ATOM   31   C C   . ASN A 1 31  ? -17.395 -6.125  8.391   1.00 24.22 ? 34  ASN A C   1 
ATOM   32   O O   . ASN A 1 31  ? -16.758 -7.162  8.554   1.00 21.85 ? 34  ASN A O   1 
ATOM   33   C CB  . ASN A 1 31  ? -19.854 -6.303  8.804   1.00 30.84 ? 34  ASN A CB  1 
ATOM   34   C CG  . ASN A 1 31  ? -19.701 -7.526  9.602   1.00 32.30 ? 34  ASN A CG  1 
ATOM   35   O OD1 . ASN A 1 31  ? -19.177 -7.484  10.711  1.00 40.08 ? 34  ASN A OD1 1 
ATOM   36   N ND2 . ASN A 1 31  ? -20.143 -8.653  9.054   1.00 37.23 ? 34  ASN A ND2 1 
ATOM   37   N N   . PHE A 1 32  ? -16.937 -4.920  8.740   1.00 21.77 ? 35  PHE A N   1 
ATOM   38   C CA  . PHE A 1 32  ? -15.568 -4.761  9.280   1.00 23.37 ? 35  PHE A CA  1 
ATOM   39   C C   . PHE A 1 32  ? -15.328 -5.565  10.563  1.00 23.12 ? 35  PHE A C   1 
ATOM   40   O O   . PHE A 1 32  ? -14.223 -6.039  10.782  1.00 22.74 ? 35  PHE A O   1 
ATOM   41   C CB  . PHE A 1 32  ? -15.262 -3.298  9.562   1.00 22.66 ? 35  PHE A CB  1 
ATOM   42   C CG  . PHE A 1 32  ? -15.186 -2.452  8.342   1.00 22.14 ? 35  PHE A CG  1 
ATOM   43   C CD1 . PHE A 1 32  ? -14.143 -2.607  7.438   1.00 21.28 ? 35  PHE A CD1 1 
ATOM   44   C CD2 . PHE A 1 32  ? -16.127 -1.457  8.112   1.00 25.04 ? 35  PHE A CD2 1 
ATOM   45   C CE1 . PHE A 1 32  ? -14.057 -1.810  6.314   1.00 19.87 ? 35  PHE A CE1 1 
ATOM   46   C CE2 . PHE A 1 32  ? -16.037 -0.652  6.993   1.00 22.87 ? 35  PHE A CE2 1 
ATOM   47   C CZ  . PHE A 1 32  ? -14.993 -0.837  6.086   1.00 21.69 ? 35  PHE A CZ  1 
ATOM   48   N N   . ASP A 1 33  ? -16.361 -5.708  11.409  1.00 25.24 ? 36  ASP A N   1 
ATOM   49   C CA  . ASP A 1 33  ? -16.210 -6.420  12.695  1.00 23.68 ? 36  ASP A CA  1 
ATOM   50   C C   . ASP A 1 33  ? -15.892 -7.896  12.567  1.00 23.32 ? 36  ASP A C   1 
ATOM   51   O O   . ASP A 1 33  ? -15.403 -8.473  13.513  1.00 23.80 ? 36  ASP A O   1 
ATOM   52   C CB  . ASP A 1 33  ? -17.447 -6.274  13.579  1.00 25.81 ? 36  ASP A CB  1 
ATOM   53   C CG  . ASP A 1 33  ? -17.644 -4.872  14.063  1.00 27.52 ? 36  ASP A CG  1 
ATOM   54   O OD1 . ASP A 1 33  ? -16.663 -4.071  14.019  1.00 24.49 ? 36  ASP A OD1 1 
ATOM   55   O OD2 . ASP A 1 33  ? -18.789 -4.571  14.485  1.00 24.70 ? 36  ASP A OD2 1 
ATOM   56   N N   . ASP A 1 34  ? -16.168 -8.494  11.413  1.00 23.04 ? 37  ASP A N   1 
ATOM   57   C CA  . ASP A 1 34  ? -15.879 -9.909  11.156  1.00 23.79 ? 37  ASP A CA  1 
ATOM   58   C C   . ASP A 1 34  ? -14.544 -10.153 10.429  1.00 26.02 ? 37  ASP A C   1 
ATOM   59   O O   . ASP A 1 34  ? -14.222 -11.280 10.076  1.00 22.48 ? 37  ASP A O   1 
ATOM   60   C CB  . ASP A 1 34  ? -17.028 -10.528 10.360  1.00 26.21 ? 37  ASP A CB  1 
ATOM   61   C CG  . ASP A 1 34  ? -18.327 -10.591 11.157  1.00 26.27 ? 37  ASP A CG  1 
ATOM   62   O OD1 . ASP A 1 34  ? -18.294 -10.483 12.394  1.00 25.77 ? 37  ASP A OD1 1 
ATOM   63   O OD2 . ASP A 1 34  ? -19.394 -10.744 10.538  1.00 29.76 ? 37  ASP A OD2 1 
ATOM   64   N N   . MET A 1 35  ? -13.749 -9.102  10.251  1.00 24.88 ? 38  MET A N   1 
ATOM   65   C CA  . MET A 1 35  ? -12.485 -9.201  9.525   1.00 23.52 ? 38  MET A CA  1 
ATOM   66   C C   . MET A 1 35  ? -11.278 -9.505  10.423  1.00 24.48 ? 38  MET A C   1 
ATOM   67   O O   . MET A 1 35  ? -10.136 -9.572  9.939   1.00 25.33 ? 38  MET A O   1 
ATOM   68   C CB  . MET A 1 35  ? -12.251 -7.895  8.735   1.00 22.58 ? 38  MET A CB  1 
ATOM   69   C CG  . MET A 1 35  ? -13.190 -7.750  7.589   1.00 22.19 ? 38  MET A CG  1 
ATOM   70   S SD  . MET A 1 35  ? -12.882 -6.303  6.603   1.00 21.85 ? 38  MET A SD  1 
ATOM   71   C CE  . MET A 1 35  ? -14.260 -6.450  5.456   1.00 20.54 ? 38  MET A CE  1 
ATOM   72   N N   . ASN A 1 36  ? -11.523 -9.696  11.721  1.00 24.54 ? 39  ASN A N   1 
ATOM   73   C CA  . ASN A 1 36  ? -10.452 -9.899  12.702  1.00 25.11 ? 39  ASN A CA  1 
ATOM   74   C C   . ASN A 1 36  ? -9.428  -8.744  12.739  1.00 24.42 ? 39  ASN A C   1 
ATOM   75   O O   . ASN A 1 36  ? -8.237  -8.979  12.849  1.00 21.86 ? 39  ASN A O   1 
ATOM   76   C CB  . ASN A 1 36  ? -9.736  -11.248 12.469  1.00 30.98 ? 39  ASN A CB  1 
ATOM   77   C CG  . ASN A 1 36  ? -10.621 -12.446 12.768  1.00 37.38 ? 39  ASN A CG  1 
ATOM   78   O OD1 . ASN A 1 36  ? -11.195 -12.551 13.855  1.00 42.25 ? 39  ASN A OD1 1 
ATOM   79   N ND2 . ASN A 1 36  ? -10.715 -13.385 11.804  1.00 40.25 ? 39  ASN A ND2 1 
ATOM   80   N N   . LEU A 1 37  ? -9.903  -7.494  12.664  1.00 20.75 ? 40  LEU A N   1 
ATOM   81   C CA  . LEU A 1 37  ? -8.998  -6.338  12.679  1.00 17.87 ? 40  LEU A CA  1 
ATOM   82   C C   . LEU A 1 37  ? -8.754  -5.933  14.102  1.00 17.68 ? 40  LEU A C   1 
ATOM   83   O O   . LEU A 1 37  ? -9.594  -6.180  14.964  1.00 18.89 ? 40  LEU A O   1 
ATOM   84   C CB  . LEU A 1 37  ? -9.607  -5.158  11.899  1.00 17.40 ? 40  LEU A CB  1 
ATOM   85   C CG  . LEU A 1 37  ? -9.888  -5.414  10.415  1.00 17.78 ? 40  LEU A CG  1 
ATOM   86   C CD1 . LEU A 1 37  ? -10.661 -4.205  9.833   1.00 19.00 ? 40  LEU A CD1 1 
ATOM   87   C CD2 . LEU A 1 37  ? -8.597  -5.665  9.637   1.00 20.03 ? 40  LEU A CD2 1 
ATOM   88   N N   . LYS A 1 38  ? -7.608  -5.307  14.355  1.00 15.47 ? 41  LYS A N   1 
ATOM   89   C CA  . LYS A 1 38  ? -7.266  -4.805  15.686  1.00 19.80 ? 41  LYS A CA  1 
ATOM   90   C C   . LYS A 1 38  ? -8.250  -3.728  16.128  1.00 22.24 ? 41  LYS A C   1 
ATOM   91   O O   . LYS A 1 38  ? -8.722  -2.924  15.309  1.00 18.65 ? 41  LYS A O   1 
ATOM   92   C CB  . LYS A 1 38  ? -5.863  -4.199  15.693  1.00 23.21 ? 41  LYS A CB  1 
ATOM   93   C CG  . LYS A 1 38  ? -4.702  -5.159  15.383  1.00 25.87 ? 41  LYS A CG  1 
ATOM   94   C CD  . LYS A 1 38  ? -3.387  -4.376  15.381  1.00 27.42 ? 41  LYS A CD  1 
ATOM   95   C CE  . LYS A 1 38  ? -2.154  -5.279  15.555  1.00 30.50 ? 41  LYS A CE  1 
ATOM   96   N NZ  . LYS A 1 38  ? -2.035  -6.346  14.523  1.00 33.77 ? 41  LYS A NZ  1 
ATOM   97   N N   . GLU A 1 39  ? -8.522  -3.702  17.433  1.00 21.22 ? 42  GLU A N   1 
ATOM   98   C CA  . GLU A 1 39  ? -9.435  -2.740  18.045  1.00 21.54 ? 42  GLU A CA  1 
ATOM   99   C C   . GLU A 1 39  ? -9.094  -1.300  17.689  1.00 16.97 ? 42  GLU A C   1 
ATOM   100  O O   . GLU A 1 39  ? -9.977  -0.541  17.328  1.00 17.98 ? 42  GLU A O   1 
ATOM   101  C CB  . GLU A 1 39  ? -9.410  -2.878  19.577  1.00 22.45 ? 42  GLU A CB  1 
ATOM   102  C CG  . GLU A 1 39  ? -10.414 -2.009  20.319  1.00 23.88 ? 42  GLU A CG  1 
ATOM   103  C CD  . GLU A 1 39  ? -10.191 -1.991  21.845  1.00 26.77 ? 42  GLU A CD  1 
ATOM   104  O OE1 . GLU A 1 39  ? -9.553  -2.914  22.385  1.00 26.39 ? 42  GLU A OE1 1 
ATOM   105  O OE2 . GLU A 1 39  ? -10.644 -1.033  22.496  1.00 23.98 ? 42  GLU A OE2 1 
ATOM   106  N N   . SER A 1 40  ? -7.823  -0.934  17.847  1.00 18.83 ? 43  SER A N   1 
ATOM   107  C CA  . SER A 1 40  ? -7.327  0.426   17.577  1.00 15.07 ? 43  SER A CA  1 
ATOM   108  C C   . SER A 1 40  ? -7.494  0.883   16.111  1.00 17.74 ? 43  SER A C   1 
ATOM   109  O O   . SER A 1 40  ? -7.631  2.088   15.822  1.00 13.12 ? 43  SER A O   1 
ATOM   110  C CB  . SER A 1 40  ? -5.866  0.516   17.981  1.00 17.91 ? 43  SER A CB  1 
ATOM   111  O OG  . SER A 1 40  ? -5.093  -0.471  17.294  1.00 20.35 ? 43  SER A OG  1 
ATOM   112  N N   . LEU A 1 41  ? -7.433  -0.084  15.214  1.00 12.65 ? 44  LEU A N   1 
ATOM   113  C CA  . LEU A 1 41  ? -7.668  0.108   13.768  1.00 13.05 ? 44  LEU A CA  1 
ATOM   114  C C   . LEU A 1 41  ? -9.148  0.274   13.443  1.00 15.46 ? 44  LEU A C   1 
ATOM   115  O O   . LEU A 1 41  ? -9.539  1.249   12.782  1.00 15.91 ? 44  LEU A O   1 
ATOM   116  C CB  . LEU A 1 41  ? -7.070  -1.057  12.950  1.00 11.56 ? 44  LEU A CB  1 
ATOM   117  C CG  . LEU A 1 41  ? -7.180  -1.031  11.416  1.00 12.69 ? 44  LEU A CG  1 
ATOM   118  C CD1 . LEU A 1 41  ? -6.808  0.383   10.804  1.00 10.84 ? 44  LEU A CD1 1 
ATOM   119  C CD2 . LEU A 1 41  ? -6.343  -2.171  10.795  1.00 11.42 ? 44  LEU A CD2 1 
ATOM   120  N N   . LEU A 1 42  ? -9.979  -0.653  13.905  1.00 12.89 ? 45  LEU A N   1 
ATOM   121  C CA  . LEU A 1 42  ? -11.438 -0.454  13.808  1.00 14.76 ? 45  LEU A CA  1 
ATOM   122  C C   . LEU A 1 42  ? -11.882 0.921   14.329  1.00 14.55 ? 45  LEU A C   1 
ATOM   123  O O   . LEU A 1 42  ? -12.795 1.536   13.788  1.00 15.62 ? 45  LEU A O   1 
ATOM   124  C CB  . LEU A 1 42  ? -12.187 -1.560  14.569  1.00 15.69 ? 45  LEU A CB  1 
ATOM   125  C CG  . LEU A 1 42  ? -12.157 -2.945  13.903  1.00 17.66 ? 45  LEU A CG  1 
ATOM   126  C CD1 . LEU A 1 42  ? -12.600 -4.020  14.922  1.00 17.76 ? 45  LEU A CD1 1 
ATOM   127  C CD2 . LEU A 1 42  ? -13.030 -3.006  12.665  1.00 16.29 ? 45  LEU A CD2 1 
ATOM   128  N N   . ARG A 1 43  ? -11.224 1.388   15.371  1.00 12.85 ? 46  ARG A N   1 
ATOM   129  C CA  . ARG A 1 43  ? -11.509 2.678   15.975  1.00 12.49 ? 46  ARG A CA  1 
ATOM   130  C C   . ARG A 1 43  ? -11.295 3.804   14.962  1.00 16.42 ? 46  ARG A C   1 
ATOM   131  O O   . ARG A 1 43  ? -12.134 4.724   14.854  1.00 14.10 ? 46  ARG A O   1 
ATOM   132  C CB  . ARG A 1 43  ? -10.603 2.891   17.224  1.00 13.57 ? 46  ARG A CB  1 
ATOM   133  C CG  . ARG A 1 43  ? -10.736 4.277   17.910  1.00 13.84 ? 46  ARG A CG  1 
ATOM   134  C CD  . ARG A 1 43  ? -10.384 4.236   19.416  1.00 15.59 ? 46  ARG A CD  1 
ATOM   135  N NE  . ARG A 1 43  ? -11.207 3.184   20.039  1.00 14.54 ? 46  ARG A NE  1 
ATOM   136  C CZ  . ARG A 1 43  ? -10.755 2.152   20.760  1.00 18.03 ? 46  ARG A CZ  1 
ATOM   137  N NH1 . ARG A 1 43  ? -9.478  2.006   21.081  1.00 17.08 ? 46  ARG A NH1 1 
ATOM   138  N NH2 . ARG A 1 43  ? -11.617 1.263   21.183  1.00 15.30 ? 46  ARG A NH2 1 
ATOM   139  N N   . GLY A 1 44  ? -10.192 3.722   14.220  1.00 13.16 ? 47  GLY A N   1 
ATOM   140  C CA  . GLY A 1 44  ? -9.897  4.676   13.129  1.00 13.97 ? 47  GLY A CA  1 
ATOM   141  C C   . GLY A 1 44  ? -10.898 4.586   11.979  1.00 10.80 ? 47  GLY A C   1 
ATOM   142  O O   . GLY A 1 44  ? -11.309 5.611   11.421  1.00 10.97 ? 47  GLY A O   1 
ATOM   143  N N   . ILE A 1 45  ? -11.325 3.364   11.671  1.00 14.35 ? 48  ILE A N   1 
ATOM   144  C CA  . ILE A 1 45  ? -12.264 3.096   10.591  1.00 15.40 ? 48  ILE A CA  1 
ATOM   145  C C   . ILE A 1 45  ? -13.622 3.775   10.920  1.00 15.87 ? 48  ILE A C   1 
ATOM   146  O O   . ILE A 1 45  ? -14.172 4.542   10.110  1.00 15.82 ? 48  ILE A O   1 
ATOM   147  C CB  . ILE A 1 45  ? -12.441 1.546   10.339  1.00 14.63 ? 48  ILE A CB  1 
ATOM   148  C CG1 . ILE A 1 45  ? -11.190 0.936   9.680   1.00 14.45 ? 48  ILE A CG1 1 
ATOM   149  C CG2 . ILE A 1 45  ? -13.675 1.257   9.434   1.00 16.15 ? 48  ILE A CG2 1 
ATOM   150  C CD1 . ILE A 1 45  ? -11.063 -0.564  9.875   1.00 11.28 ? 48  ILE A CD1 1 
ATOM   151  N N   . TYR A 1 46  ? -14.129 3.543   12.130  1.00 15.37 ? 49  TYR A N   1 
ATOM   152  C CA  . TYR A 1 46  ? -15.419 4.113   12.518  1.00 17.84 ? 49  TYR A CA  1 
ATOM   153  C C   . TYR A 1 46  ? -15.300 5.632   12.702  1.00 16.81 ? 49  TYR A C   1 
ATOM   154  O O   . TYR A 1 46  ? -16.217 6.351   12.359  1.00 13.96 ? 49  TYR A O   1 
ATOM   155  C CB  . TYR A 1 46  ? -16.028 3.374   13.742  1.00 20.82 ? 49  TYR A CB  1 
ATOM   156  C CG  . TYR A 1 46  ? -16.318 1.899   13.447  1.00 21.77 ? 49  TYR A CG  1 
ATOM   157  C CD1 . TYR A 1 46  ? -16.962 1.525   12.265  1.00 21.94 ? 49  TYR A CD1 1 
ATOM   158  C CD2 . TYR A 1 46  ? -15.911 0.881   14.316  1.00 22.79 ? 49  TYR A CD2 1 
ATOM   159  C CE1 . TYR A 1 46  ? -17.231 0.188   11.966  1.00 23.03 ? 49  TYR A CE1 1 
ATOM   160  C CE2 . TYR A 1 46  ? -16.182 -0.487  14.024  1.00 21.71 ? 49  TYR A CE2 1 
ATOM   161  C CZ  . TYR A 1 46  ? -16.827 -0.811  12.847  1.00 21.52 ? 49  TYR A CZ  1 
ATOM   162  O OH  . TYR A 1 46  ? -17.091 -2.113  12.517  1.00 24.38 ? 49  TYR A OH  1 
ATOM   163  N N   . ALA A 1 47  ? -14.166 6.110   13.198  1.00 13.00 ? 50  ALA A N   1 
ATOM   164  C CA  . ALA A 1 47  ? -13.970 7.545   13.382  1.00 11.00 ? 50  ALA A CA  1 
ATOM   165  C C   . ALA A 1 47  ? -13.910 8.286   12.031  1.00 13.23 ? 50  ALA A C   1 
ATOM   166  O O   . ALA A 1 47  ? -14.303 9.446   11.932  1.00 16.93 ? 50  ALA A O   1 
ATOM   167  C CB  . ALA A 1 47  ? -12.712 7.819   14.234  1.00 12.13 ? 50  ALA A CB  1 
ATOM   168  N N   . TYR A 1 48  ? -13.415 7.612   11.003  1.00 14.66 ? 51  TYR A N   1 
ATOM   169  C CA  . TYR A 1 48  ? -13.266 8.202   9.701   1.00 14.78 ? 51  TYR A CA  1 
ATOM   170  C C   . TYR A 1 48  ? -14.655 8.450   9.191   1.00 19.29 ? 51  TYR A C   1 
ATOM   171  O O   . TYR A 1 48  ? -14.908 9.489   8.595   1.00 24.02 ? 51  TYR A O   1 
ATOM   172  C CB  . TYR A 1 48  ? -12.490 7.273   8.738   1.00 14.73 ? 51  TYR A CB  1 
ATOM   173  C CG  . TYR A 1 48  ? -12.104 7.938   7.425   1.00 12.84 ? 51  TYR A CG  1 
ATOM   174  C CD1 . TYR A 1 48  ? -10.787 8.349   7.193   1.00 13.50 ? 51  TYR A CD1 1 
ATOM   175  C CD2 . TYR A 1 48  ? -13.037 8.098   6.401   1.00 15.40 ? 51  TYR A CD2 1 
ATOM   176  C CE1 . TYR A 1 48  ? -10.413 8.967   5.995   1.00 14.73 ? 51  TYR A CE1 1 
ATOM   177  C CE2 . TYR A 1 48  ? -12.678 8.723   5.173   1.00 15.24 ? 51  TYR A CE2 1 
ATOM   178  C CZ  . TYR A 1 48  ? -11.360 9.130   4.975   1.00 14.85 ? 51  TYR A CZ  1 
ATOM   179  O OH  . TYR A 1 48  ? -10.990 9.717   3.805   1.00 14.15 ? 51  TYR A OH  1 
ATOM   180  N N   . GLY A 1 49  ? -15.557 7.503   9.457   1.00 17.89 ? 52  GLY A N   1 
ATOM   181  C CA  . GLY A 1 49  ? -16.954 7.610   9.044   1.00 21.12 ? 52  GLY A CA  1 
ATOM   182  C C   . GLY A 1 49  ? -17.434 6.436   8.221   1.00 23.11 ? 52  GLY A C   1 
ATOM   183  O O   . GLY A 1 49  ? -18.591 6.410   7.820   1.00 26.67 ? 52  GLY A O   1 
ATOM   184  N N   . PHE A 1 50  ? -16.574 5.453   7.966   1.00 19.46 ? 53  PHE A N   1 
ATOM   185  C CA  . PHE A 1 50  ? -17.006 4.215   7.314   1.00 18.95 ? 53  PHE A CA  1 
ATOM   186  C C   . PHE A 1 50  ? -17.997 3.461   8.206   1.00 23.22 ? 53  PHE A C   1 
ATOM   187  O O   . PHE A 1 50  ? -17.863 3.475   9.446   1.00 24.76 ? 53  PHE A O   1 
ATOM   188  C CB  . PHE A 1 50  ? -15.826 3.267   7.006   1.00 19.69 ? 53  PHE A CB  1 
ATOM   189  C CG  . PHE A 1 50  ? -14.841 3.805   6.013   1.00 19.65 ? 53  PHE A CG  1 
ATOM   190  C CD1 . PHE A 1 50  ? -15.148 3.834   4.659   1.00 25.79 ? 53  PHE A CD1 1 
ATOM   191  C CD2 . PHE A 1 50  ? -13.594 4.248   6.422   1.00 23.02 ? 53  PHE A CD2 1 
ATOM   192  C CE1 . PHE A 1 50  ? -14.241 4.322   3.740   1.00 25.20 ? 53  PHE A CE1 1 
ATOM   193  C CE2 . PHE A 1 50  ? -12.659 4.759   5.493   1.00 21.00 ? 53  PHE A CE2 1 
ATOM   194  C CZ  . PHE A 1 50  ? -12.984 4.776   4.158   1.00 21.50 ? 53  PHE A CZ  1 
ATOM   195  N N   . GLU A 1 51  ? -18.993 2.821   7.578   1.00 21.33 ? 54  GLU A N   1 
ATOM   196  C CA  . GLU A 1 51  ? -19.938 1.952   8.308   1.00 25.72 ? 54  GLU A CA  1 
ATOM   197  C C   . GLU A 1 51  ? -19.865 0.533   7.763   1.00 25.52 ? 54  GLU A C   1 
ATOM   198  O O   . GLU A 1 51  ? -19.540 -0.399  8.490   1.00 29.44 ? 54  GLU A O   1 
ATOM   199  C CB  . GLU A 1 51  ? -21.373 2.499   8.222   1.00 28.58 ? 54  GLU A CB  1 
ATOM   200  N N   . LYS A 1 52  ? -20.132 0.381   6.471   1.00 28.52 ? 55  LYS A N   1 
ATOM   201  C CA  . LYS A 1 52  ? -20.166 -0.929  5.806   1.00 29.05 ? 55  LYS A CA  1 
ATOM   202  C C   . LYS A 1 52  ? -19.043 -1.007  4.762   1.00 28.77 ? 55  LYS A C   1 
ATOM   203  O O   . LYS A 1 52  ? -18.837 -0.037  4.032   1.00 29.50 ? 55  LYS A O   1 
ATOM   204  C CB  . LYS A 1 52  ? -21.517 -1.090  5.100   1.00 31.71 ? 55  LYS A CB  1 
ATOM   205  N N   . PRO A 1 53  ? -18.333 -2.157  4.663   1.00 25.96 ? 56  PRO A N   1 
ATOM   206  C CA  . PRO A 1 53  ? -17.289 -2.261  3.644   1.00 24.59 ? 56  PRO A CA  1 
ATOM   207  C C   . PRO A 1 53  ? -17.828 -2.225  2.214   1.00 26.70 ? 56  PRO A C   1 
ATOM   208  O O   . PRO A 1 53  ? -18.877 -2.825  1.920   1.00 24.73 ? 56  PRO A O   1 
ATOM   209  C CB  . PRO A 1 53  ? -16.626 -3.613  3.931   1.00 25.44 ? 56  PRO A CB  1 
ATOM   210  C CG  . PRO A 1 53  ? -17.625 -4.378  4.680   1.00 25.04 ? 56  PRO A CG  1 
ATOM   211  C CD  . PRO A 1 53  ? -18.442 -3.389  5.452   1.00 26.74 ? 56  PRO A CD  1 
ATOM   212  N N   . SER A 1 54  ? -17.109 -1.516  1.347   1.00 25.51 ? 57  SER A N   1 
ATOM   213  C CA  . SER A 1 54  ? -17.394 -1.490  -0.090  1.00 25.25 ? 57  SER A CA  1 
ATOM   214  C C   . SER A 1 54  ? -17.071 -2.846  -0.704  1.00 24.66 ? 57  SER A C   1 
ATOM   215  O O   . SER A 1 54  ? -16.442 -3.682  -0.078  1.00 25.57 ? 57  SER A O   1 
ATOM   216  C CB  . SER A 1 54  ? -16.570 -0.387  -0.778  1.00 26.34 ? 57  SER A CB  1 
ATOM   217  O OG  . SER A 1 54  ? -15.189 -0.729  -0.793  1.00 24.15 ? 57  SER A OG  1 
ATOM   218  N N   . ALA A 1 55  ? -17.508 -3.068  -1.935  1.00 26.28 ? 58  ALA A N   1 
ATOM   219  C CA  . ALA A 1 55  ? -17.308 -4.363  -2.609  1.00 24.92 ? 58  ALA A CA  1 
ATOM   220  C C   . ALA A 1 55  ? -15.840 -4.794  -2.645  1.00 25.95 ? 58  ALA A C   1 
ATOM   221  O O   . ALA A 1 55  ? -15.515 -5.943  -2.394  1.00 25.45 ? 58  ALA A O   1 
ATOM   222  C CB  . ALA A 1 55  ? -17.859 -4.300  -4.020  1.00 27.27 ? 58  ALA A CB  1 
ATOM   223  N N   . ILE A 1 56  ? -14.945 -3.869  -2.966  1.00 24.78 ? 59  ILE A N   1 
ATOM   224  C CA  . ILE A 1 56  ? -13.512 -4.200  -2.973  1.00 22.69 ? 59  ILE A CA  1 
ATOM   225  C C   . ILE A 1 56  ? -13.014 -4.524  -1.558  1.00 20.31 ? 59  ILE A C   1 
ATOM   226  O O   . ILE A 1 56  ? -12.264 -5.470  -1.360  1.00 21.96 ? 59  ILE A O   1 
ATOM   227  C CB  . ILE A 1 56  ? -12.690 -3.059  -3.643  1.00 25.31 ? 59  ILE A CB  1 
ATOM   228  C CG1 . ILE A 1 56  ? -11.248 -3.489  -3.847  1.00 28.60 ? 59  ILE A CG1 1 
ATOM   229  C CG2 . ILE A 1 56  ? -12.789 -1.756  -2.844  1.00 27.36 ? 59  ILE A CG2 1 
ATOM   230  C CD1 . ILE A 1 56  ? -11.107 -4.663  -4.853  1.00 26.50 ? 59  ILE A CD1 1 
ATOM   231  N N   . GLN A 1 57  ? -13.456 -3.760  -0.566  1.00 20.55 ? 60  GLN A N   1 
ATOM   232  C CA  . GLN A 1 57  ? -13.038 -4.009  0.823   1.00 20.59 ? 60  GLN A CA  1 
ATOM   233  C C   . GLN A 1 57  ? -13.495 -5.371  1.350   1.00 23.21 ? 60  GLN A C   1 
ATOM   234  O O   . GLN A 1 57  ? -12.770 -6.014  2.120   1.00 18.66 ? 60  GLN A O   1 
ATOM   235  C CB  . GLN A 1 57  ? -13.550 -2.912  1.735   1.00 19.77 ? 60  GLN A CB  1 
ATOM   236  C CG  . GLN A 1 57  ? -12.855 -1.604  1.516   1.00 18.79 ? 60  GLN A CG  1 
ATOM   237  C CD  . GLN A 1 57  ? -13.606 -0.429  2.128   1.00 22.26 ? 60  GLN A CD  1 
ATOM   238  O OE1 . GLN A 1 57  ? -14.688 -0.581  2.711   1.00 21.87 ? 60  GLN A OE1 1 
ATOM   239  N NE2 . GLN A 1 57  ? -13.042 0.747   1.976   1.00 26.12 ? 60  GLN A NE2 1 
ATOM   240  N N   . GLN A 1 58  ? -14.674 -5.804  0.902   1.00 22.39 ? 61  GLN A N   1 
ATOM   241  C CA  . GLN A 1 58  ? -15.245 -7.091  1.300   1.00 23.91 ? 61  GLN A CA  1 
ATOM   242  C C   . GLN A 1 58  ? -14.495 -8.279  0.724   1.00 24.33 ? 61  GLN A C   1 
ATOM   243  O O   . GLN A 1 58  ? -14.574 -9.389  1.275   1.00 26.45 ? 61  GLN A O   1 
ATOM   244  C CB  . GLN A 1 58  ? -16.698 -7.185  0.856   1.00 24.44 ? 61  GLN A CB  1 
ATOM   245  C CG  . GLN A 1 58  ? -17.616 -6.198  1.487   1.00 25.35 ? 61  GLN A CG  1 
ATOM   246  C CD  . GLN A 1 58  ? -19.078 -6.397  1.073   1.00 28.64 ? 61  GLN A CD  1 
ATOM   247  O OE1 . GLN A 1 58  ? -19.479 -7.491  0.686   1.00 28.82 ? 61  GLN A OE1 1 
ATOM   248  N NE2 . GLN A 1 58  ? -19.884 -5.330  1.194   1.00 28.88 ? 61  GLN A NE2 1 
ATOM   249  N N   . ARG A 1 59  ? -13.781 -8.063  -0.381  1.00 25.37 ? 62  ARG A N   1 
ATOM   250  C CA  . ARG A 1 59  ? -13.027 -9.124  -1.053  1.00 27.02 ? 62  ARG A CA  1 
ATOM   251  C C   . ARG A 1 59  ? -11.535 -9.062  -0.756  1.00 24.86 ? 62  ARG A C   1 
ATOM   252  O O   . ARG A 1 59  ? -10.891 -10.096 -0.620  1.00 20.12 ? 62  ARG A O   1 
ATOM   253  C CB  . ARG A 1 59  ? -13.232 -9.039  -2.569  1.00 30.82 ? 62  ARG A CB  1 
ATOM   254  C CG  . ARG A 1 59  ? -14.618 -9.531  -3.069  1.00 34.51 ? 62  ARG A CG  1 
ATOM   255  C CD  . ARG A 1 59  ? -14.551 -9.909  -4.567  1.00 38.43 ? 62  ARG A CD  1 
ATOM   256  N NE  . ARG A 1 59  ? -13.641 -11.048 -4.784  1.00 42.88 ? 62  ARG A NE  1 
ATOM   257  C CZ  . ARG A 1 59  ? -13.272 -11.548 -5.972  1.00 43.97 ? 62  ARG A CZ  1 
ATOM   258  N NH1 . ARG A 1 59  ? -13.729 -11.024 -7.114  1.00 46.89 ? 62  ARG A NH1 1 
ATOM   259  N NH2 . ARG A 1 59  ? -12.435 -12.586 -6.018  1.00 42.12 ? 62  ARG A NH2 1 
ATOM   260  N N   . ALA A 1 60  ? -10.983 -7.851  -0.652  1.00 21.26 ? 63  ALA A N   1 
ATOM   261  C CA  . ALA A 1 60  ? -9.538  -7.672  -0.661  1.00 21.25 ? 63  ALA A CA  1 
ATOM   262  C C   . ALA A 1 60  ? -8.866  -7.557  0.695   1.00 21.80 ? 63  ALA A C   1 
ATOM   263  O O   . ALA A 1 60  ? -7.685  -7.911  0.823   1.00 22.50 ? 63  ALA A O   1 
ATOM   264  C CB  . ALA A 1 60  ? -9.186  -6.456  -1.506  1.00 23.32 ? 63  ALA A CB  1 
ATOM   265  N N   . ILE A 1 61  ? -9.574  -7.033  1.701   1.00 18.98 ? 64  ILE A N   1 
ATOM   266  C CA  . ILE A 1 61  ? -8.946  -6.790  2.999   1.00 19.36 ? 64  ILE A CA  1 
ATOM   267  C C   . ILE A 1 61  ? -8.382  -8.066  3.613   1.00 19.88 ? 64  ILE A C   1 
ATOM   268  O O   . ILE A 1 61  ? -7.225  -8.111  3.983   1.00 20.85 ? 64  ILE A O   1 
ATOM   269  C CB  . ILE A 1 61  ? -9.882  -6.025  3.994   1.00 18.68 ? 64  ILE A CB  1 
ATOM   270  C CG1 . ILE A 1 61  ? -10.073 -4.603  3.472   1.00 17.43 ? 64  ILE A CG1 1 
ATOM   271  C CG2 . ILE A 1 61  ? -9.258  -5.982  5.417   1.00 17.41 ? 64  ILE A CG2 1 
ATOM   272  C CD1 . ILE A 1 61  ? -11.010 -3.725  4.359   1.00 17.32 ? 64  ILE A CD1 1 
ATOM   273  N N   . ILE A 1 62  ? -9.183  -9.116  3.653   1.00 20.96 ? 65  ILE A N   1 
ATOM   274  C CA  . ILE A 1 62  ? -8.735  -10.375 4.251   1.00 21.88 ? 65  ILE A CA  1 
ATOM   275  C C   . ILE A 1 62  ? -7.452  -10.946 3.625   1.00 17.05 ? 65  ILE A C   1 
ATOM   276  O O   . ILE A 1 62  ? -6.487  -11.172 4.344   1.00 18.85 ? 65  ILE A O   1 
ATOM   277  C CB  . ILE A 1 62  ? -9.870  -11.441 4.276   1.00 23.95 ? 65  ILE A CB  1 
ATOM   278  C CG1 . ILE A 1 62  ? -11.009 -10.987 5.200   1.00 25.85 ? 65  ILE A CG1 1 
ATOM   279  C CG2 . ILE A 1 62  ? -9.330  -12.783 4.745   1.00 25.64 ? 65  ILE A CG2 1 
ATOM   280  C CD1 . ILE A 1 62  ? -10.624 -10.904 6.625   1.00 29.52 ? 65  ILE A CD1 1 
ATOM   281  N N   . PRO A 1 63  ? -7.439  -11.236 2.304   1.00 20.69 ? 66  PRO A N   1 
ATOM   282  C CA  . PRO A 1 63  ? -6.205  -11.764 1.737   1.00 21.87 ? 66  PRO A CA  1 
ATOM   283  C C   . PRO A 1 63  ? -4.991  -10.829 1.861   1.00 20.82 ? 66  PRO A C   1 
ATOM   284  O O   . PRO A 1 63  ? -3.859  -11.298 1.987   1.00 22.35 ? 66  PRO A O   1 
ATOM   285  C CB  . PRO A 1 63  ? -6.574  -12.015 0.263   1.00 24.04 ? 66  PRO A CB  1 
ATOM   286  C CG  . PRO A 1 63  ? -7.775  -11.285 0.017   1.00 23.42 ? 66  PRO A CG  1 
ATOM   287  C CD  . PRO A 1 63  ? -8.505  -11.164 1.299   1.00 22.80 ? 66  PRO A CD  1 
ATOM   288  N N   . CYS A 1 64  ? -5.218  -9.510  1.863   1.00 19.71 ? 67  CYS A N   1 
ATOM   289  C CA  . CYS A 1 64  ? -4.120  -8.584  2.124   1.00 20.46 ? 67  CYS A CA  1 
ATOM   290  C C   . CYS A 1 64  ? -3.569  -8.754  3.540   1.00 21.97 ? 67  CYS A C   1 
ATOM   291  O O   . CYS A 1 64  ? -2.357  -8.851  3.716   1.00 20.75 ? 67  CYS A O   1 
ATOM   292  C CB  . CYS A 1 64  ? -4.532  -7.148  1.891   1.00 19.81 ? 67  CYS A CB  1 
ATOM   293  S SG  . CYS A 1 64  ? -4.668  -6.648  0.192   1.00 19.74 ? 67  CYS A SG  1 
ATOM   294  N N   . ILE A 1 65  ? -4.440  -8.792  4.548   1.00 22.74 ? 68  ILE A N   1 
ATOM   295  C CA  . ILE A 1 65  ? -3.958  -8.921  5.918   1.00 23.47 ? 68  ILE A CA  1 
ATOM   296  C C   . ILE A 1 65  ? -3.293  -10.286 6.181   1.00 26.30 ? 68  ILE A C   1 
ATOM   297  O O   . ILE A 1 65  ? -2.345  -10.355 6.944   1.00 25.91 ? 68  ILE A O   1 
ATOM   298  C CB  . ILE A 1 65  ? -5.022  -8.573  7.010   1.00 25.62 ? 68  ILE A CB  1 
ATOM   299  C CG1 . ILE A 1 65  ? -6.181  -9.576  7.070   1.00 28.13 ? 68  ILE A CG1 1 
ATOM   300  C CG2 . ILE A 1 65  ? -5.574  -7.189  6.784   1.00 23.30 ? 68  ILE A CG2 1 
ATOM   301  C CD1 . ILE A 1 65  ? -7.171  -9.269  8.263   1.00 26.27 ? 68  ILE A CD1 1 
ATOM   302  N N   . LYS A 1 66  ? -3.747  -11.339 5.496   1.00 26.57 ? 69  LYS A N   1 
ATOM   303  C CA  . LYS A 1 66  ? -3.094  -12.669 5.600   1.00 29.32 ? 69  LYS A CA  1 
ATOM   304  C C   . LYS A 1 66  ? -1.703  -12.737 4.947   1.00 26.26 ? 69  LYS A C   1 
ATOM   305  O O   . LYS A 1 66  ? -0.979  -13.726 5.111   1.00 24.68 ? 69  LYS A O   1 
ATOM   306  C CB  . LYS A 1 66  ? -4.008  -13.739 5.020   1.00 31.78 ? 69  LYS A CB  1 
ATOM   307  C CG  . LYS A 1 66  ? -5.283  -13.916 5.829   1.00 34.65 ? 69  LYS A CG  1 
ATOM   308  C CD  . LYS A 1 66  ? -6.215  -14.928 5.190   1.00 35.82 ? 69  LYS A CD  1 
ATOM   309  C CE  . LYS A 1 66  ? -7.412  -15.236 6.099   1.00 37.72 ? 69  LYS A CE  1 
ATOM   310  N NZ  . LYS A 1 66  ? -6.993  -15.910 7.351   1.00 39.43 ? 69  LYS A NZ  1 
ATOM   311  N N   . GLY A 1 67  ? -1.335  -11.688 4.213   1.00 23.56 ? 70  GLY A N   1 
ATOM   312  C CA  . GLY A 1 67  ? 0.028   -11.532 3.687   1.00 21.84 ? 70  GLY A CA  1 
ATOM   313  C C   . GLY A 1 67  ? 0.214   -12.030 2.253   1.00 20.83 ? 70  GLY A C   1 
ATOM   314  O O   . GLY A 1 67  ? 1.333   -12.066 1.770   1.00 23.61 ? 70  GLY A O   1 
ATOM   315  N N   . TYR A 1 68  ? -0.881  -12.372 1.564   1.00 20.39 ? 71  TYR A N   1 
ATOM   316  C CA  . TYR A 1 68  ? -0.801  -12.826 0.164   1.00 23.16 ? 71  TYR A CA  1 
ATOM   317  C C   . TYR A 1 68  ? -0.497  -11.659 -0.760  1.00 22.33 ? 71  TYR A C   1 
ATOM   318  O O   . TYR A 1 68  ? -0.869  -10.530 -0.464  1.00 18.14 ? 71  TYR A O   1 
ATOM   319  C CB  . TYR A 1 68  ? -2.122  -13.419 -0.310  1.00 33.00 ? 71  TYR A CB  1 
ATOM   320  C CG  . TYR A 1 68  ? -2.582  -14.648 0.432   1.00 37.58 ? 71  TYR A CG  1 
ATOM   321  C CD1 . TYR A 1 68  ? -2.007  -15.898 0.187   1.00 40.66 ? 71  TYR A CD1 1 
ATOM   322  C CD2 . TYR A 1 68  ? -3.614  -14.569 1.359   1.00 39.24 ? 71  TYR A CD2 1 
ATOM   323  C CE1 . TYR A 1 68  ? -2.453  -17.041 0.873   1.00 40.45 ? 71  TYR A CE1 1 
ATOM   324  C CE2 . TYR A 1 68  ? -4.063  -15.692 2.045   1.00 38.79 ? 71  TYR A CE2 1 
ATOM   325  C CZ  . TYR A 1 68  ? -3.491  -16.915 1.804   1.00 39.45 ? 71  TYR A CZ  1 
ATOM   326  O OH  . TYR A 1 68  ? -3.960  -18.007 2.504   1.00 40.48 ? 71  TYR A OH  1 
ATOM   327  N N   . ASP A 1 69  ? 0.146   -11.955 -1.885  1.00 19.78 ? 72  ASP A N   1 
ATOM   328  C CA  . ASP A 1 69  ? 0.251   -11.019 -3.012  1.00 19.93 ? 72  ASP A CA  1 
ATOM   329  C C   . ASP A 1 69  ? -1.117  -10.854 -3.604  1.00 22.87 ? 72  ASP A C   1 
ATOM   330  O O   . ASP A 1 69  ? -1.840  -11.858 -3.802  1.00 21.50 ? 72  ASP A O   1 
ATOM   331  C CB  . ASP A 1 69  ? 1.205   -11.536 -4.075  1.00 21.22 ? 72  ASP A CB  1 
ATOM   332  C CG  . ASP A 1 69  ? 2.630   -11.570 -3.604  1.00 21.65 ? 72  ASP A CG  1 
ATOM   333  O OD1 . ASP A 1 69  ? 2.932   -10.983 -2.547  1.00 20.35 ? 72  ASP A OD1 1 
ATOM   334  O OD2 . ASP A 1 69  ? 3.450   -12.177 -4.297  1.00 23.27 ? 72  ASP A OD2 1 
ATOM   335  N N   . VAL A 1 70  ? -1.494  -9.602  -3.882  1.00 18.99 ? 73  VAL A N   1 
ATOM   336  C CA  . VAL A 1 70  ? -2.852  -9.280  -4.325  1.00 19.75 ? 73  VAL A CA  1 
ATOM   337  C C   . VAL A 1 70  ? -2.831  -8.320  -5.515  1.00 21.14 ? 73  VAL A C   1 
ATOM   338  O O   . VAL A 1 70  ? -2.115  -7.304  -5.510  1.00 18.52 ? 73  VAL A O   1 
ATOM   339  C CB  . VAL A 1 70  ? -3.713  -8.690  -3.156  1.00 17.21 ? 73  VAL A CB  1 
ATOM   340  C CG1 . VAL A 1 70  ? -5.031  -8.168  -3.654  1.00 16.49 ? 73  VAL A CG1 1 
ATOM   341  C CG2 . VAL A 1 70  ? -3.939  -9.736  -2.020  1.00 19.19 ? 73  VAL A CG2 1 
ATOM   342  N N   . ILE A 1 71  ? -3.621  -8.669  -6.535  1.00 19.09 ? 74  ILE A N   1 
ATOM   343  C CA  . ILE A 1 71  ? -3.898  -7.827  -7.674  1.00 19.81 ? 74  ILE A CA  1 
ATOM   344  C C   . ILE A 1 71  ? -5.363  -7.431  -7.566  1.00 22.55 ? 74  ILE A C   1 
ATOM   345  O O   . ILE A 1 71  ? -6.263  -8.300  -7.568  1.00 22.52 ? 74  ILE A O   1 
ATOM   346  C CB  . ILE A 1 71  ? -3.691  -8.587  -9.024  1.00 21.96 ? 74  ILE A CB  1 
ATOM   347  C CG1 . ILE A 1 71  ? -2.319  -9.222  -9.116  1.00 24.12 ? 74  ILE A CG1 1 
ATOM   348  C CG2 . ILE A 1 71  ? -3.897  -7.652  -10.213 1.00 23.38 ? 74  ILE A CG2 1 
ATOM   349  C CD1 . ILE A 1 71  ? -2.182  -10.144 -10.365 1.00 25.12 ? 74  ILE A CD1 1 
ATOM   350  N N   . ALA A 1 72  ? -5.616  -6.133  -7.461  1.00 20.33 ? 75  ALA A N   1 
ATOM   351  C CA  . ALA A 1 72  ? -6.974  -5.631  -7.352  1.00 21.21 ? 75  ALA A CA  1 
ATOM   352  C C   . ALA A 1 72  ? -7.289  -4.644  -8.467  1.00 24.06 ? 75  ALA A C   1 
ATOM   353  O O   . ALA A 1 72  ? -6.604  -3.638  -8.611  1.00 19.70 ? 75  ALA A O   1 
ATOM   354  C CB  . ALA A 1 72  ? -7.186  -4.983  -5.988  1.00 23.11 ? 75  ALA A CB  1 
ATOM   355  N N   . GLN A 1 73  ? -8.344  -4.923  -9.247  1.00 24.40 ? 76  GLN A N   1 
ATOM   356  C CA  . GLN A 1 73  ? -8.831  -3.978  -10.241 1.00 28.35 ? 76  GLN A CA  1 
ATOM   357  C C   . GLN A 1 73  ? -9.821  -3.005  -9.625  1.00 29.92 ? 76  GLN A C   1 
ATOM   358  O O   . GLN A 1 73  ? -10.984 -3.349  -9.427  1.00 35.17 ? 76  GLN A O   1 
ATOM   359  C CB  . GLN A 1 73  ? -9.472  -4.685  -11.427 1.00 31.50 ? 76  GLN A CB  1 
ATOM   360  C CG  . GLN A 1 73  ? -9.699  -3.760  -12.617 1.00 32.55 ? 76  GLN A CG  1 
ATOM   361  C CD  . GLN A 1 73  ? -9.855  -4.509  -13.932 1.00 33.04 ? 76  GLN A CD  1 
ATOM   362  O OE1 . GLN A 1 73  ? -9.931  -5.737  -13.957 1.00 36.31 ? 76  GLN A OE1 1 
ATOM   363  N NE2 . GLN A 1 73  ? -9.873  -3.773  -15.025 1.00 30.81 ? 76  GLN A NE2 1 
ATOM   364  N N   . ALA A 1 74  ? -9.347  -1.799  -9.325  1.00 29.77 ? 77  ALA A N   1 
ATOM   365  C CA  . ALA A 1 74  ? -10.109 -0.823  -8.572  1.00 32.71 ? 77  ALA A CA  1 
ATOM   366  C C   . ALA A 1 74  ? -9.891  0.589   -9.106  1.00 30.95 ? 77  ALA A C   1 
ATOM   367  O O   . ALA A 1 74  ? -8.802  0.936   -9.570  1.00 25.74 ? 77  ALA A O   1 
ATOM   368  C CB  . ALA A 1 74  ? -9.731  -0.897  -7.068  1.00 32.28 ? 77  ALA A CB  1 
ATOM   369  N N   . GLN A 1 75  ? -10.941 1.406   -9.031  1.00 34.37 ? 78  GLN A N   1 
ATOM   370  C CA  . GLN A 1 75  ? -10.886 2.779   -9.531  1.00 36.01 ? 78  GLN A CA  1 
ATOM   371  C C   . GLN A 1 75  ? -10.344 3.673   -8.428  1.00 33.37 ? 78  GLN A C   1 
ATOM   372  O O   . GLN A 1 75  ? -10.325 3.280   -7.261  1.00 34.49 ? 78  GLN A O   1 
ATOM   373  C CB  . GLN A 1 75  ? -12.279 3.268   -9.980  1.00 39.93 ? 78  GLN A CB  1 
ATOM   374  C CG  . GLN A 1 75  ? -13.085 2.267   -10.833 1.00 43.12 ? 78  GLN A CG  1 
ATOM   375  C CD  . GLN A 1 75  ? -12.443 1.982   -12.192 1.00 47.06 ? 78  GLN A CD  1 
ATOM   376  O OE1 . GLN A 1 75  ? -12.330 2.873   -13.035 1.00 50.41 ? 78  GLN A OE1 1 
ATOM   377  N NE2 . GLN A 1 75  ? -12.040 0.723   -12.416 1.00 49.47 ? 78  GLN A NE2 1 
ATOM   378  N N   . SER A 1 76  ? -9.907  4.873   -8.797  1.00 32.23 ? 79  SER A N   1 
ATOM   379  C CA  . SER A 1 76  ? -9.522  5.889   -7.819  1.00 31.67 ? 79  SER A CA  1 
ATOM   380  C C   . SER A 1 76  ? -10.675 6.089   -6.833  1.00 32.97 ? 79  SER A C   1 
ATOM   381  O O   . SER A 1 76  ? -11.843 5.992   -7.201  1.00 31.84 ? 79  SER A O   1 
ATOM   382  C CB  . SER A 1 76  ? -9.188  7.218   -8.508  1.00 34.32 ? 79  SER A CB  1 
ATOM   383  O OG  . SER A 1 76  ? -8.236  7.034   -9.545  1.00 38.69 ? 79  SER A OG  1 
ATOM   384  N N   . GLY A 1 77  ? -10.351 6.341   -5.573  1.00 32.14 ? 80  GLY A N   1 
ATOM   385  C CA  . GLY A 1 77  ? -11.388 6.533   -4.566  1.00 29.24 ? 80  GLY A CA  1 
ATOM   386  C C   . GLY A 1 77  ? -10.893 6.241   -3.169  1.00 25.15 ? 80  GLY A C   1 
ATOM   387  O O   . GLY A 1 77  ? -9.923  5.496   -2.974  1.00 20.23 ? 80  GLY A O   1 
ATOM   388  N N   . THR A 1 78  ? -11.581 6.807   -2.194  1.00 20.17 ? 81  THR A N   1 
ATOM   389  C CA  . THR A 1 78  ? -11.272 6.543   -0.798  1.00 18.37 ? 81  THR A CA  1 
ATOM   390  C C   . THR A 1 78  ? -11.407 5.065   -0.435  1.00 19.51 ? 81  THR A C   1 
ATOM   391  O O   . THR A 1 78  ? -10.584 4.531   0.300   1.00 15.51 ? 81  THR A O   1 
ATOM   392  C CB  . THR A 1 78  ? -12.190 7.391   0.115   1.00 17.15 ? 81  THR A CB  1 
ATOM   393  O OG1 . THR A 1 78  ? -11.872 8.751   -0.090  1.00 18.86 ? 81  THR A OG1 1 
ATOM   394  C CG2 . THR A 1 78  ? -12.011 7.030   1.553   1.00 15.42 ? 81  THR A CG2 1 
ATOM   395  N N   . GLY A 1 79  ? -12.443 4.395   -0.954  1.00 17.89 ? 82  GLY A N   1 
ATOM   396  C CA  . GLY A 1 79  ? -12.653 2.999   -0.632  1.00 19.74 ? 82  GLY A CA  1 
ATOM   397  C C   . GLY A 1 79  ? -11.461 2.123   -1.018  1.00 16.07 ? 82  GLY A C   1 
ATOM   398  O O   . GLY A 1 79  ? -11.056 1.230   -0.243  1.00 16.73 ? 82  GLY A O   1 
ATOM   399  N N   . LYS A 1 80  ? -10.917 2.378   -2.205  1.00 18.94 ? 83  LYS A N   1 
ATOM   400  C CA  . LYS A 1 80  ? -9.684  1.718   -2.670  1.00 21.03 ? 83  LYS A CA  1 
ATOM   401  C C   . LYS A 1 80  ? -8.485  2.011   -1.767  1.00 20.30 ? 83  LYS A C   1 
ATOM   402  O O   . LYS A 1 80  ? -7.806  1.082   -1.302  1.00 16.94 ? 83  LYS A O   1 
ATOM   403  C CB  . LYS A 1 80  ? -9.328  2.143   -4.093  1.00 23.30 ? 83  LYS A CB  1 
ATOM   404  C CG  . LYS A 1 80  ? -8.043  1.478   -4.601  1.00 26.01 ? 83  LYS A CG  1 
ATOM   405  C CD  . LYS A 1 80  ? -7.510  2.053   -5.884  1.00 25.16 ? 83  LYS A CD  1 
ATOM   406  C CE  . LYS A 1 80  ? -6.973  3.459   -5.716  1.00 26.11 ? 83  LYS A CE  1 
ATOM   407  N NZ  . LYS A 1 80  ? -6.081  3.770   -6.862  1.00 23.11 ? 83  LYS A NZ  1 
ATOM   408  N N   . THR A 1 81  ? -8.202  3.296   -1.557  1.00 17.30 ? 84  THR A N   1 
ATOM   409  C CA  . THR A 1 81  ? -7.095  3.714   -0.685  1.00 16.92 ? 84  THR A CA  1 
ATOM   410  C C   . THR A 1 81  ? -7.217  3.077   0.717   1.00 13.73 ? 84  THR A C   1 
ATOM   411  O O   . THR A 1 81  ? -6.237  2.544   1.231   1.00 15.83 ? 84  THR A O   1 
ATOM   412  C CB  . THR A 1 81  ? -7.014  5.236   -0.542  1.00 16.13 ? 84  THR A CB  1 
ATOM   413  O OG1 . THR A 1 81  ? -6.912  5.850   -1.835  1.00 14.50 ? 84  THR A OG1 1 
ATOM   414  C CG2 . THR A 1 81  ? -5.839  5.681   0.321   1.00 11.58 ? 84  THR A CG2 1 
ATOM   415  N N   . ALA A 1 82  ? -8.423  3.105   1.298   1.00 12.57 ? 85  ALA A N   1 
ATOM   416  C CA  . ALA A 1 82  ? -8.665  2.578   2.655   1.00 14.10 ? 85  ALA A CA  1 
ATOM   417  C C   . ALA A 1 82  ? -8.438  1.058   2.679   1.00 13.70 ? 85  ALA A C   1 
ATOM   418  O O   . ALA A 1 82  ? -8.083  0.491   3.707   1.00 12.39 ? 85  ALA A O   1 
ATOM   419  C CB  . ALA A 1 82  ? -10.078 2.935   3.135   1.00 13.33 ? 85  ALA A CB  1 
ATOM   420  N N   . THR A 1 83  ? -8.622  0.399   1.539   1.00 12.17 ? 86  THR A N   1 
ATOM   421  C CA  . THR A 1 83  ? -8.377  -1.040  1.443   1.00 13.36 ? 86  THR A CA  1 
ATOM   422  C C   . THR A 1 83  ? -6.911  -1.395  1.749   1.00 15.26 ? 86  THR A C   1 
ATOM   423  O O   . THR A 1 83  ? -6.639  -2.229  2.613   1.00 16.32 ? 86  THR A O   1 
ATOM   424  C CB  . THR A 1 83  ? -8.789  -1.584  0.065   1.00 15.95 ? 86  THR A CB  1 
ATOM   425  O OG1 . THR A 1 83  ? -10.191 -1.325  -0.142  1.00 19.08 ? 86  THR A OG1 1 
ATOM   426  C CG2 . THR A 1 83  ? -8.522  -3.113  -0.045  1.00 15.51 ? 86  THR A CG2 1 
ATOM   427  N N   . PHE A 1 84  ? -5.962  -0.766  1.045   1.00 14.16 ? 87  PHE A N   1 
ATOM   428  C CA  . PHE A 1 84  ? -4.556  -1.057  1.342   1.00 14.18 ? 87  PHE A CA  1 
ATOM   429  C C   . PHE A 1 84  ? -4.019  -0.336  2.595   1.00 13.45 ? 87  PHE A C   1 
ATOM   430  O O   . PHE A 1 84  ? -3.068  -0.802  3.221   1.00 13.48 ? 87  PHE A O   1 
ATOM   431  C CB  . PHE A 1 84  ? -3.669  -0.859  0.121   1.00 13.11 ? 87  PHE A CB  1 
ATOM   432  C CG  . PHE A 1 84  ? -3.553  0.556   -0.383  1.00 13.18 ? 87  PHE A CG  1 
ATOM   433  C CD1 . PHE A 1 84  ? -2.626  1.429   0.153   1.00 13.75 ? 87  PHE A CD1 1 
ATOM   434  C CD2 . PHE A 1 84  ? -4.225  0.933   -1.543  1.00 12.82 ? 87  PHE A CD2 1 
ATOM   435  C CE1 . PHE A 1 84  ? -2.456  2.700   -0.391  1.00 13.16 ? 87  PHE A CE1 1 
ATOM   436  C CE2 . PHE A 1 84  ? -4.069  2.183   -2.083  1.00 14.47 ? 87  PHE A CE2 1 
ATOM   437  C CZ  . PHE A 1 84  ? -3.185  3.060   -1.534  1.00 12.56 ? 87  PHE A CZ  1 
ATOM   438  N N   . ALA A 1 85  ? -4.644  0.771   2.980   1.00 10.55 ? 88  ALA A N   1 
ATOM   439  C CA  . ALA A 1 85  ? -4.307  1.451   4.250   1.00 13.25 ? 88  ALA A CA  1 
ATOM   440  C C   . ALA A 1 85  ? -4.592  0.532   5.447   1.00 14.70 ? 88  ALA A C   1 
ATOM   441  O O   . ALA A 1 85  ? -3.748  0.364   6.321   1.00 12.80 ? 88  ALA A O   1 
ATOM   442  C CB  . ALA A 1 85  ? -5.062  2.769   4.403   1.00 9.71  ? 88  ALA A CB  1 
ATOM   443  N N   . ILE A 1 86  ? -5.783  -0.062  5.464   1.00 13.41 ? 89  ILE A N   1 
ATOM   444  C CA  . ILE A 1 86  ? -6.225  -0.961  6.521   1.00 13.01 ? 89  ILE A CA  1 
ATOM   445  C C   . ILE A 1 86  ? -5.314  -2.176  6.564   1.00 15.79 ? 89  ILE A C   1 
ATOM   446  O O   . ILE A 1 86  ? -4.882  -2.595  7.642   1.00 15.08 ? 89  ILE A O   1 
ATOM   447  C CB  . ILE A 1 86  ? -7.723  -1.359  6.309   1.00 12.20 ? 89  ILE A CB  1 
ATOM   448  C CG1 . ILE A 1 86  ? -8.624  -0.193  6.683   1.00 12.70 ? 89  ILE A CG1 1 
ATOM   449  C CG2 . ILE A 1 86  ? -8.111  -2.642  7.105   1.00 16.01 ? 89  ILE A CG2 1 
ATOM   450  C CD1 . ILE A 1 86  ? -10.100 -0.372  6.215   1.00 14.14 ? 89  ILE A CD1 1 
ATOM   451  N N   . SER A 1 87  ? -5.001  -2.706  5.384   1.00 13.43 ? 90  SER A N   1 
ATOM   452  C CA  A SER A 1 87  ? -4.160  -3.874  5.302   0.50 14.53 ? 90  SER A CA  1 
ATOM   453  C CA  B SER A 1 87  ? -4.115  -3.873  5.226   0.50 15.07 ? 90  SER A CA  1 
ATOM   454  C C   . SER A 1 87  ? -2.755  -3.616  5.843   1.00 14.10 ? 90  SER A C   1 
ATOM   455  O O   . SER A 1 87  ? -2.250  -4.414  6.596   1.00 15.98 ? 90  SER A O   1 
ATOM   456  C CB  A SER A 1 87  ? -4.135  -4.373  3.888   0.50 13.97 ? 90  SER A CB  1 
ATOM   457  C CB  B SER A 1 87  ? -3.907  -4.209  3.750   0.50 15.71 ? 90  SER A CB  1 
ATOM   458  O OG  A SER A 1 87  ? -5.443  -4.774  3.540   0.50 17.12 ? 90  SER A OG  1 
ATOM   459  O OG  B SER A 1 87  ? -2.786  -5.085  3.561   0.50 19.75 ? 90  SER A OG  1 
ATOM   460  N N   . ILE A 1 88  ? -2.175  -2.476  5.502   1.00 13.84 ? 91  ILE A N   1 
ATOM   461  C CA  . ILE A 1 88  ? -0.871  -2.079  6.050   1.00 12.48 ? 91  ILE A CA  1 
ATOM   462  C C   . ILE A 1 88  ? -0.931  -1.861  7.550   1.00 12.22 ? 91  ILE A C   1 
ATOM   463  O O   . ILE A 1 88  ? -0.095  -2.386  8.325   1.00 11.24 ? 91  ILE A O   1 
ATOM   464  C CB  . ILE A 1 88  ? -0.336  -0.776  5.391   1.00 12.07 ? 91  ILE A CB  1 
ATOM   465  C CG1 . ILE A 1 88  ? -0.015  -1.029  3.902   1.00 11.73 ? 91  ILE A CG1 1 
ATOM   466  C CG2 . ILE A 1 88  ? 0.921   -0.261  6.163   1.00 11.61 ? 91  ILE A CG2 1 
ATOM   467  C CD1 . ILE A 1 88  ? 0.254   0.210   3.055   1.00 11.83 ? 91  ILE A CD1 1 
ATOM   468  N N   . LEU A 1 89  ? -1.922  -1.082  7.983   1.00 12.61 ? 92  LEU A N   1 
ATOM   469  C CA  . LEU A 1 89  ? -2.034  -0.745  9.361   1.00 11.22 ? 92  LEU A CA  1 
ATOM   470  C C   . LEU A 1 89  ? -2.198  -1.970  10.253  1.00 11.14 ? 92  LEU A C   1 
ATOM   471  O O   . LEU A 1 89  ? -1.628  -2.030  11.332  1.00 15.19 ? 92  LEU A O   1 
ATOM   472  C CB  . LEU A 1 89  ? -3.160  0.261   9.598   1.00 11.23 ? 92  LEU A CB  1 
ATOM   473  C CG  . LEU A 1 89  ? -2.938  1.673   9.024   1.00 9.14  ? 92  LEU A CG  1 
ATOM   474  C CD1 . LEU A 1 89  ? -4.282  2.395   8.945   1.00 12.02 ? 92  LEU A CD1 1 
ATOM   475  C CD2 . LEU A 1 89  ? -1.845  2.499   9.864   1.00 11.29 ? 92  LEU A CD2 1 
ATOM   476  N N   . GLN A 1 90  ? -2.994  -2.921  9.820   1.00 10.89 ? 93  GLN A N   1 
ATOM   477  C CA  . GLN A 1 90  ? -3.216  -4.144  10.583  1.00 11.88 ? 93  GLN A CA  1 
ATOM   478  C C   . GLN A 1 90  ? -1.910  -4.939  10.798  1.00 12.10 ? 93  GLN A C   1 
ATOM   479  O O   . GLN A 1 90  ? -1.733  -5.593  11.836  1.00 15.54 ? 93  GLN A O   1 
ATOM   480  C CB  . GLN A 1 90  ? -4.218  -5.008  9.822   1.00 13.87 ? 93  GLN A CB  1 
ATOM   481  C CG  . GLN A 1 90  ? -4.501  -6.364  10.432  1.00 17.67 ? 93  GLN A CG  1 
ATOM   482  C CD  . GLN A 1 90  ? -5.144  -6.330  11.776  1.00 18.96 ? 93  GLN A CD  1 
ATOM   483  O OE1 . GLN A 1 90  ? -5.711  -5.315  12.219  1.00 15.50 ? 93  GLN A OE1 1 
ATOM   484  N NE2 . GLN A 1 90  ? -5.058  -7.466  12.472  1.00 20.80 ? 93  GLN A NE2 1 
ATOM   485  N N   . GLN A 1 91  ? -1.012  -4.853  9.830   1.00 14.47 ? 94  GLN A N   1 
ATOM   486  C CA  . GLN A 1 91  ? 0.229   -5.657  9.818   1.00 15.58 ? 94  GLN A CA  1 
ATOM   487  C C   . GLN A 1 91  ? 1.427   -4.950  10.481  1.00 19.38 ? 94  GLN A C   1 
ATOM   488  O O   . GLN A 1 91  ? 2.435   -5.593  10.751  1.00 19.42 ? 94  GLN A O   1 
ATOM   489  C CB  . GLN A 1 91  ? 0.561   -6.105  8.382   1.00 17.30 ? 94  GLN A CB  1 
ATOM   490  C CG  . GLN A 1 91  ? -0.516  -6.983  7.739   1.00 20.63 ? 94  GLN A CG  1 
ATOM   491  C CD  . GLN A 1 91  ? -0.097  -7.521  6.367   1.00 23.91 ? 94  GLN A CD  1 
ATOM   492  O OE1 . GLN A 1 91  ? 0.782   -8.365  6.268   1.00 25.93 ? 94  GLN A OE1 1 
ATOM   493  N NE2 . GLN A 1 91  ? -0.724  -7.022  5.308   1.00 27.20 ? 94  GLN A NE2 1 
ATOM   494  N N   . LEU A 1 92  ? 1.315   -3.648  10.789  1.00 14.52 ? 95  LEU A N   1 
ATOM   495  C CA  . LEU A 1 92  ? 2.410   -2.922  11.422  1.00 12.73 ? 95  LEU A CA  1 
ATOM   496  C C   . LEU A 1 92  ? 2.728   -3.450  12.814  1.00 16.80 ? 95  LEU A C   1 
ATOM   497  O O   . LEU A 1 92  ? 1.817   -3.835  13.574  1.00 15.24 ? 95  LEU A O   1 
ATOM   498  C CB  . LEU A 1 92  ? 2.099   -1.414  11.563  1.00 14.67 ? 95  LEU A CB  1 
ATOM   499  C CG  . LEU A 1 92  ? 2.063   -0.573  10.296  1.00 14.59 ? 95  LEU A CG  1 
ATOM   500  C CD1 . LEU A 1 92  ? 1.759   0.870   10.573  1.00 12.58 ? 95  LEU A CD1 1 
ATOM   501  C CD2 . LEU A 1 92  ? 3.395   -0.700  9.562   1.00 11.69 ? 95  LEU A CD2 1 
ATOM   502  N N   . GLU A 1 93  ? 4.021   -3.446  13.133  1.00 14.86 ? 96  GLU A N   1 
ATOM   503  C CA  . GLU A 1 93  ? 4.516   -3.604  14.512  1.00 16.62 ? 96  GLU A CA  1 
ATOM   504  C C   . GLU A 1 93  ? 4.793   -2.194  14.975  1.00 12.80 ? 96  GLU A C   1 
ATOM   505  O O   . GLU A 1 93  ? 5.857   -1.650  14.718  1.00 12.28 ? 96  GLU A O   1 
ATOM   506  C CB  . GLU A 1 93  ? 5.794   -4.479  14.555  1.00 18.03 ? 96  GLU A CB  1 
ATOM   507  C CG  . GLU A 1 93  ? 5.607   -5.850  13.977  1.00 22.36 ? 96  GLU A CG  1 
ATOM   508  C CD  . GLU A 1 93  ? 6.874   -6.730  13.998  1.00 24.60 ? 96  GLU A CD  1 
ATOM   509  O OE1 . GLU A 1 93  ? 8.010   -6.223  14.080  1.00 22.18 ? 96  GLU A OE1 1 
ATOM   510  O OE2 . GLU A 1 93  ? 6.706   -7.959  13.958  1.00 29.53 ? 96  GLU A OE2 1 
ATOM   511  N N   . ILE A 1 94  ? 3.810   -1.565  15.632  1.00 11.61 ? 97  ILE A N   1 
ATOM   512  C CA  . ILE A 1 94  ? 3.902   -0.120  15.983  1.00 12.92 ? 97  ILE A CA  1 
ATOM   513  C C   . ILE A 1 94  ? 5.111   0.255   16.829  1.00 13.26 ? 97  ILE A C   1 
ATOM   514  O O   . ILE A 1 94  ? 5.747   1.311   16.599  1.00 13.08 ? 97  ILE A O   1 
ATOM   515  C CB  . ILE A 1 94  ? 2.593   0.386   16.638  1.00 14.67 ? 97  ILE A CB  1 
ATOM   516  C CG1 . ILE A 1 94  ? 1.409   0.232   15.643  1.00 17.54 ? 97  ILE A CG1 1 
ATOM   517  C CG2 . ILE A 1 94  ? 2.761   1.807   17.156  1.00 15.96 ? 97  ILE A CG2 1 
ATOM   518  C CD1 . ILE A 1 94  ? 1.473   1.149   14.378  1.00 18.37 ? 97  ILE A CD1 1 
ATOM   519  N N   . GLU A 1 95  ? 5.496   -0.618  17.762  1.00 14.29 ? 98  GLU A N   1 
ATOM   520  C CA  . GLU A 1 95  ? 6.650   -0.302  18.657  1.00 15.26 ? 98  GLU A CA  1 
ATOM   521  C C   . GLU A 1 95  ? 8.006   -0.402  17.953  1.00 14.86 ? 98  GLU A C   1 
ATOM   522  O O   . GLU A 1 95  ? 9.031   0.027   18.498  1.00 18.38 ? 98  GLU A O   1 
ATOM   523  C CB  . GLU A 1 95  ? 6.643   -1.216  19.876  1.00 19.74 ? 98  GLU A CB  1 
ATOM   524  C CG  . GLU A 1 95  ? 5.294   -1.373  20.576  1.00 24.83 ? 98  GLU A CG  1 
ATOM   525  C CD  . GLU A 1 95  ? 4.671   -0.055  20.995  1.00 31.98 ? 98  GLU A CD  1 
ATOM   526  O OE1 . GLU A 1 95  ? 5.414   0.938   21.229  1.00 36.94 ? 98  GLU A OE1 1 
ATOM   527  O OE2 . GLU A 1 95  ? 3.419   -0.019  21.096  1.00 39.17 ? 98  GLU A OE2 1 
ATOM   528  N N   . PHE A 1 96  ? 8.020   -0.989  16.750  1.00 14.13 ? 99  PHE A N   1 
ATOM   529  C CA  . PHE A 1 96  ? 9.268   -1.138  15.969  1.00 13.57 ? 99  PHE A CA  1 
ATOM   530  C C   . PHE A 1 96  ? 9.351   0.046   15.018  1.00 12.79 ? 99  PHE A C   1 
ATOM   531  O O   . PHE A 1 96  ? 8.639   0.085   13.980  1.00 15.55 ? 99  PHE A O   1 
ATOM   532  C CB  . PHE A 1 96  ? 9.283   -2.493  15.232  1.00 13.42 ? 99  PHE A CB  1 
ATOM   533  C CG  . PHE A 1 96  ? 10.569  -2.800  14.484  1.00 12.53 ? 99  PHE A CG  1 
ATOM   534  C CD1 . PHE A 1 96  ? 11.813  -2.693  15.107  1.00 12.41 ? 99  PHE A CD1 1 
ATOM   535  C CD2 . PHE A 1 96  ? 10.519  -3.318  13.180  1.00 12.99 ? 99  PHE A CD2 1 
ATOM   536  C CE1 . PHE A 1 96  ? 12.965  -3.011  14.416  1.00 13.06 ? 99  PHE A CE1 1 
ATOM   537  C CE2 . PHE A 1 96  ? 11.657  -3.645  12.485  1.00 12.96 ? 99  PHE A CE2 1 
ATOM   538  C CZ  . PHE A 1 96  ? 12.895  -3.484  13.097  1.00 14.48 ? 99  PHE A CZ  1 
ATOM   539  N N   . LYS A 1 97  ? 10.204  1.024   15.373  1.00 11.41 ? 100 LYS A N   1 
ATOM   540  C CA  . LYS A 1 97  ? 10.269  2.305   14.667  1.00 14.99 ? 100 LYS A CA  1 
ATOM   541  C C   . LYS A 1 97  ? 11.198  2.205   13.429  1.00 13.71 ? 100 LYS A C   1 
ATOM   542  O O   . LYS A 1 97  ? 12.352  2.718   13.394  1.00 13.10 ? 100 LYS A O   1 
ATOM   543  C CB  . LYS A 1 97  ? 10.706  3.413   15.622  1.00 17.72 ? 100 LYS A CB  1 
ATOM   544  C CG  . LYS A 1 97  ? 9.919   3.544   16.927  1.00 18.45 ? 100 LYS A CG  1 
ATOM   545  C CD  . LYS A 1 97  ? 8.408   3.719   16.717  1.00 19.92 ? 100 LYS A CD  1 
ATOM   546  C CE  . LYS A 1 97  ? 7.648   3.828   18.052  1.00 22.84 ? 100 LYS A CE  1 
ATOM   547  N NZ  . LYS A 1 97  ? 6.144   3.641   17.926  1.00 20.58 ? 100 LYS A NZ  1 
ATOM   548  N N   . GLU A 1 98  ? 10.683  1.484   12.438  1.00 11.87 ? 101 GLU A N   1 
ATOM   549  C CA  . GLU A 1 98  ? 11.375  1.312   11.163  1.00 9.74  ? 101 GLU A CA  1 
ATOM   550  C C   . GLU A 1 98  ? 10.321  1.261   10.103  1.00 10.29 ? 101 GLU A C   1 
ATOM   551  O O   . GLU A 1 98  ? 9.180   0.910   10.410  1.00 14.06 ? 101 GLU A O   1 
ATOM   552  C CB  . GLU A 1 98  ? 12.176  0.019   11.162  1.00 10.58 ? 101 GLU A CB  1 
ATOM   553  C CG  . GLU A 1 98  ? 13.280  -0.076  12.219  1.00 10.44 ? 101 GLU A CG  1 
ATOM   554  C CD  . GLU A 1 98  ? 14.445  0.865   12.011  1.00 13.57 ? 101 GLU A CD  1 
ATOM   555  O OE1 . GLU A 1 98  ? 14.632  1.431   10.898  1.00 16.89 ? 101 GLU A OE1 1 
ATOM   556  O OE2 . GLU A 1 98  ? 15.210  1.040   13.016  1.00 15.68 ? 101 GLU A OE2 1 
ATOM   557  N N   . THR A 1 99  ? 10.700  1.602   8.871   1.00 11.66 ? 102 THR A N   1 
ATOM   558  C CA  . THR A 1 99  ? 9.781   1.561   7.737   1.00 10.60 ? 102 THR A CA  1 
ATOM   559  C C   . THR A 1 99  ? 9.483   0.133   7.321   1.00 10.62 ? 102 THR A C   1 
ATOM   560  O O   . THR A 1 99  ? 10.368  -0.623  6.855   1.00 11.71 ? 102 THR A O   1 
ATOM   561  C CB  . THR A 1 99  ? 10.276  2.402   6.579   1.00 12.10 ? 102 THR A CB  1 
ATOM   562  O OG1 . THR A 1 99  ? 10.606  3.725   7.068   1.00 13.25 ? 102 THR A OG1 1 
ATOM   563  C CG2 . THR A 1 99  ? 9.170   2.488   5.452   1.00 11.31 ? 102 THR A CG2 1 
ATOM   564  N N   . GLN A 1 100 ? 8.214   -0.234  7.474   1.00 12.54 ? 103 GLN A N   1 
ATOM   565  C CA  . GLN A 1 100 ? 7.721   -1.599  7.258   1.00 12.47 ? 103 GLN A CA  1 
ATOM   566  C C   . GLN A 1 100 ? 6.866   -1.742  6.003   1.00 13.99 ? 103 GLN A C   1 
ATOM   567  O O   . GLN A 1 100 ? 6.593   -2.854  5.572   1.00 12.29 ? 103 GLN A O   1 
ATOM   568  C CB  . GLN A 1 100 ? 6.886   -2.039  8.459   1.00 13.33 ? 103 GLN A CB  1 
ATOM   569  C CG  . GLN A 1 100 ? 7.700   -2.150  9.744   1.00 12.84 ? 103 GLN A CG  1 
ATOM   570  C CD  . GLN A 1 100 ? 6.837   -2.264  10.985  1.00 13.96 ? 103 GLN A CD  1 
ATOM   571  O OE1 . GLN A 1 100 ? 5.865   -3.034  11.032  1.00 13.19 ? 103 GLN A OE1 1 
ATOM   572  N NE2 . GLN A 1 100 ? 7.176   -1.497  11.986  1.00 10.76 ? 103 GLN A NE2 1 
ATOM   573  N N   . ALA A 1 101 ? 6.440   -0.625  5.427   1.00 13.17 ? 104 ALA A N   1 
ATOM   574  C CA  . ALA A 1 101 ? 5.611   -0.662  4.210   1.00 12.36 ? 104 ALA A CA  1 
ATOM   575  C C   . ALA A 1 101 ? 5.964   0.537   3.314   1.00 8.87  ? 104 ALA A C   1 
ATOM   576  O O   . ALA A 1 101 ? 6.256   1.621   3.806   1.00 12.53 ? 104 ALA A O   1 
ATOM   577  C CB  . ALA A 1 101 ? 4.141   -0.647  4.553   1.00 10.95 ? 104 ALA A CB  1 
ATOM   578  N N   . LEU A 1 102 ? 5.939   0.290   2.009   1.00 9.86  ? 105 LEU A N   1 
ATOM   579  C CA  . LEU A 1 102 ? 6.354   1.251   1.005   1.00 9.43  ? 105 LEU A CA  1 
ATOM   580  C C   . LEU A 1 102 ? 5.252   1.272   -0.041  1.00 9.13  ? 105 LEU A C   1 
ATOM   581  O O   . LEU A 1 102 ? 4.897   0.208   -0.583  1.00 11.41 ? 105 LEU A O   1 
ATOM   582  C CB  . LEU A 1 102 ? 7.663   0.846   0.329   1.00 11.14 ? 105 LEU A CB  1 
ATOM   583  C CG  . LEU A 1 102 ? 8.256   1.747   -0.771  1.00 11.86 ? 105 LEU A CG  1 
ATOM   584  C CD1 . LEU A 1 102 ? 8.499   3.209   -0.337  1.00 11.21 ? 105 LEU A CD1 1 
ATOM   585  C CD2 . LEU A 1 102 ? 9.568   1.165   -1.312  1.00 14.05 ? 105 LEU A CD2 1 
ATOM   586  N N   . VAL A 1 103 ? 4.694   2.459   -0.291  1.00 9.28  ? 106 VAL A N   1 
ATOM   587  C CA  . VAL A 1 103 ? 3.609   2.629   -1.278  1.00 10.32 ? 106 VAL A CA  1 
ATOM   588  C C   . VAL A 1 103 ? 4.104   3.566   -2.410  1.00 14.87 ? 106 VAL A C   1 
ATOM   589  O O   . VAL A 1 103 ? 4.644   4.635   -2.132  1.00 11.43 ? 106 VAL A O   1 
ATOM   590  C CB  . VAL A 1 103 ? 2.339   3.224   -0.614  1.00 9.40  ? 106 VAL A CB  1 
ATOM   591  C CG1 . VAL A 1 103 ? 1.178   3.446   -1.668  1.00 9.73  ? 106 VAL A CG1 1 
ATOM   592  C CG2 . VAL A 1 103 ? 1.883   2.357   0.574   1.00 9.74  ? 106 VAL A CG2 1 
ATOM   593  N N   . LEU A 1 104 ? 3.944   3.139   -3.666  1.00 12.95 ? 107 LEU A N   1 
ATOM   594  C CA  . LEU A 1 104 ? 4.291   3.978   -4.825  1.00 11.28 ? 107 LEU A CA  1 
ATOM   595  C C   . LEU A 1 104 ? 3.007   4.438   -5.463  1.00 12.07 ? 107 LEU A C   1 
ATOM   596  O O   . LEU A 1 104 ? 2.053   3.646   -5.581  1.00 15.17 ? 107 LEU A O   1 
ATOM   597  C CB  . LEU A 1 104 ? 5.128   3.190   -5.835  1.00 11.96 ? 107 LEU A CB  1 
ATOM   598  C CG  . LEU A 1 104 ? 6.460   2.606   -5.383  1.00 11.41 ? 107 LEU A CG  1 
ATOM   599  C CD1 . LEU A 1 104 ? 7.197   1.983   -6.608  1.00 9.53  ? 107 LEU A CD1 1 
ATOM   600  C CD2 . LEU A 1 104 ? 7.335   3.608   -4.657  1.00 12.82 ? 107 LEU A CD2 1 
ATOM   601  N N   . ALA A 1 105 ? 2.976   5.721   -5.845  1.00 11.58 ? 108 ALA A N   1 
ATOM   602  C CA  . ALA A 1 105 ? 1.851   6.339   -6.516  1.00 12.51 ? 108 ALA A CA  1 
ATOM   603  C C   . ALA A 1 105 ? 2.384   7.181   -7.709  1.00 11.39 ? 108 ALA A C   1 
ATOM   604  O O   . ALA A 1 105 ? 3.572   7.575   -7.737  1.00 10.07 ? 108 ALA A O   1 
ATOM   605  C CB  . ALA A 1 105 ? 1.053   7.219   -5.529  1.00 12.63 ? 108 ALA A CB  1 
ATOM   606  N N   . PRO A 1 106 ? 1.535   7.419   -8.716  1.00 13.07 ? 109 PRO A N   1 
ATOM   607  C CA  . PRO A 1 106 ? 1.992   8.176   -9.894  1.00 12.68 ? 109 PRO A CA  1 
ATOM   608  C C   . PRO A 1 106 ? 2.349   9.653   -9.712  1.00 14.46 ? 109 PRO A C   1 
ATOM   609  O O   . PRO A 1 106 ? 3.150   10.178  -10.488 1.00 15.62 ? 109 PRO A O   1 
ATOM   610  C CB  . PRO A 1 106 ? 0.834   7.986   -10.927 1.00 13.19 ? 109 PRO A CB  1 
ATOM   611  C CG  . PRO A 1 106 ? -0.334  7.552   -10.181 1.00 15.56 ? 109 PRO A CG  1 
ATOM   612  C CD  . PRO A 1 106 ? 0.140   6.923   -8.855  1.00 11.72 ? 109 PRO A CD  1 
ATOM   613  N N   . THR A 1 107 ? 1.788   10.332  -8.704  1.00 14.77 ? 110 THR A N   1 
ATOM   614  C CA  . THR A 1 107 ? 2.002   11.766  -8.511  1.00 16.85 ? 110 THR A CA  1 
ATOM   615  C C   . THR A 1 107 ? 2.139   12.137  -7.036  1.00 17.82 ? 110 THR A C   1 
ATOM   616  O O   . THR A 1 107 ? 1.694   11.389  -6.153  1.00 14.80 ? 110 THR A O   1 
ATOM   617  C CB  . THR A 1 107 ? 0.789   12.566  -9.053  1.00 18.58 ? 110 THR A CB  1 
ATOM   618  O OG1 . THR A 1 107 ? -0.354  12.306  -8.224  1.00 15.64 ? 110 THR A OG1 1 
ATOM   619  C CG2 . THR A 1 107 ? 0.459   12.154  -10.504 1.00 19.20 ? 110 THR A CG2 1 
ATOM   620  N N   . ARG A 1 108 ? 2.731   13.306  -6.777  1.00 15.65 ? 111 ARG A N   1 
ATOM   621  C CA  . ARG A 1 108 ? 2.867   13.826  -5.412  1.00 15.37 ? 111 ARG A CA  1 
ATOM   622  C C   . ARG A 1 108 ? 1.513   14.075  -4.746  1.00 18.24 ? 111 ARG A C   1 
ATOM   623  O O   . ARG A 1 108 ? 1.359   13.848  -3.540  1.00 14.94 ? 111 ARG A O   1 
ATOM   624  C CB  . ARG A 1 108 ? 3.696   15.116  -5.397  1.00 21.13 ? 111 ARG A CB  1 
ATOM   625  C CG  . ARG A 1 108 ? 3.118   16.231  -6.220  1.00 24.33 ? 111 ARG A CG  1 
ATOM   626  N N   . GLU A 1 109 ? 0.522   14.514  -5.520  1.00 15.47 ? 112 GLU A N   1 
ATOM   627  C CA  A GLU A 1 109 ? -0.835  14.753  -5.031  0.50 15.87 ? 112 GLU A CA  1 
ATOM   628  C CA  B GLU A 1 109 ? -0.792  14.757  -4.933  0.50 17.55 ? 112 GLU A CA  1 
ATOM   629  C C   . GLU A 1 109 ? -1.512  13.448  -4.556  1.00 14.95 ? 112 GLU A C   1 
ATOM   630  O O   . GLU A 1 109 ? -2.144  13.382  -3.478  1.00 15.29 ? 112 GLU A O   1 
ATOM   631  C CB  A GLU A 1 109 ? -1.667  15.399  -6.141  0.50 16.54 ? 112 GLU A CB  1 
ATOM   632  C CB  B GLU A 1 109 ? -1.646  15.668  -5.808  0.50 18.11 ? 112 GLU A CB  1 
ATOM   633  C CG  A GLU A 1 109 ? -1.291  16.856  -6.483  0.50 16.94 ? 112 GLU A CG  1 
ATOM   634  C CG  B GLU A 1 109 ? -1.213  17.146  -5.711  0.50 20.58 ? 112 GLU A CG  1 
ATOM   635  C CD  A GLU A 1 109 ? -0.028  17.045  -7.342  0.50 18.25 ? 112 GLU A CD  1 
ATOM   636  C CD  B GLU A 1 109 ? -2.122  18.081  -6.474  0.50 21.99 ? 112 GLU A CD  1 
ATOM   637  O OE1 A GLU A 1 109 ? 0.523   16.087  -7.969  0.50 11.42 ? 112 GLU A OE1 1 
ATOM   638  O OE1 B GLU A 1 109 ? -3.242  17.657  -6.826  0.50 25.54 ? 112 GLU A OE1 1 
ATOM   639  O OE2 A GLU A 1 109 ? 0.417   18.219  -7.399  0.50 20.40 ? 112 GLU A OE2 1 
ATOM   640  O OE2 B GLU A 1 109 ? -1.708  19.246  -6.739  0.50 27.08 ? 112 GLU A OE2 1 
ATOM   641  N N   . LEU A 1 110 ? -1.407  12.411  -5.377  1.00 15.51 ? 113 LEU A N   1 
ATOM   642  C CA  . LEU A 1 110 ? -1.916  11.099  -4.970  1.00 13.71 ? 113 LEU A CA  1 
ATOM   643  C C   . LEU A 1 110 ? -1.154  10.586  -3.733  1.00 12.63 ? 113 LEU A C   1 
ATOM   644  O O   . LEU A 1 110 ? -1.763  10.043  -2.825  1.00 14.14 ? 113 LEU A O   1 
ATOM   645  C CB  . LEU A 1 110 ? -1.841  10.062  -6.082  1.00 15.78 ? 113 LEU A CB  1 
ATOM   646  C CG  . LEU A 1 110 ? -2.914  8.981   -5.856  1.00 20.50 ? 113 LEU A CG  1 
ATOM   647  C CD1 . LEU A 1 110 ? -4.318  9.531   -6.289  1.00 23.89 ? 113 LEU A CD1 1 
ATOM   648  C CD2 . LEU A 1 110 ? -2.609  7.589   -6.543  1.00 18.44 ? 113 LEU A CD2 1 
ATOM   649  N N   . ALA A 1 111 ? 0.164   10.735  -3.718  1.00 13.38 ? 114 ALA A N   1 
ATOM   650  C CA  . ALA A 1 111 ? 0.962   10.318  -2.538  1.00 11.38 ? 114 ALA A CA  1 
ATOM   651  C C   . ALA A 1 111 ? 0.460   11.028  -1.258  1.00 14.09 ? 114 ALA A C   1 
ATOM   652  O O   . ALA A 1 111 ? 0.274   10.398  -0.214  1.00 13.11 ? 114 ALA A O   1 
ATOM   653  C CB  . ALA A 1 111 ? 2.483   10.566  -2.781  1.00 13.52 ? 114 ALA A CB  1 
ATOM   654  N N   . GLN A 1 112 ? 0.207   12.333  -1.346  1.00 12.44 ? 115 GLN A N   1 
ATOM   655  C CA  . GLN A 1 112 ? -0.329  13.091  -0.223  1.00 12.08 ? 115 GLN A CA  1 
ATOM   656  C C   . GLN A 1 112 ? -1.716  12.656  0.237   1.00 10.38 ? 115 GLN A C   1 
ATOM   657  O O   . GLN A 1 112 ? -1.970  12.637  1.450   1.00 12.41 ? 115 GLN A O   1 
ATOM   658  C CB  . GLN A 1 112 ? -0.331  14.580  -0.549  1.00 17.15 ? 115 GLN A CB  1 
ATOM   659  C CG  . GLN A 1 112 ? 1.063   15.135  -0.536  1.00 21.99 ? 115 GLN A CG  1 
ATOM   660  C CD  . GLN A 1 112 ? 1.109   16.558  -0.910  1.00 24.10 ? 115 GLN A CD  1 
ATOM   661  O OE1 . GLN A 1 112 ? 0.595   16.953  -1.966  1.00 26.94 ? 115 GLN A OE1 1 
ATOM   662  N NE2 . GLN A 1 112 ? 1.713   17.355  -0.065  1.00 26.35 ? 115 GLN A NE2 1 
ATOM   663  N N   . GLN A 1 113 ? -2.599  12.304  -0.708  1.00 12.65 ? 116 GLN A N   1 
ATOM   664  C CA  . GLN A 1 113 ? -3.943  11.771  -0.395  1.00 14.52 ? 116 GLN A CA  1 
ATOM   665  C C   . GLN A 1 113 ? -3.833  10.462  0.368   1.00 11.27 ? 116 GLN A C   1 
ATOM   666  O O   . GLN A 1 113 ? -4.537  10.238  1.330   1.00 11.54 ? 116 GLN A O   1 
ATOM   667  C CB  . GLN A 1 113 ? -4.771  11.496  -1.693  1.00 14.08 ? 116 GLN A CB  1 
ATOM   668  C CG  . GLN A 1 113 ? -6.132  10.753  -1.460  1.00 17.51 ? 116 GLN A CG  1 
ATOM   669  C CD  . GLN A 1 113 ? -6.118  9.284   -1.786  1.00 18.26 ? 116 GLN A CD  1 
ATOM   670  O OE1 . GLN A 1 113 ? -5.143  8.756   -2.281  1.00 23.85 ? 116 GLN A OE1 1 
ATOM   671  N NE2 . GLN A 1 113 ? -7.221  8.625   -1.545  1.00 25.56 ? 116 GLN A NE2 1 
ATOM   672  N N   . ILE A 1 114 ? -2.920  9.611   -0.077  1.00 11.08 ? 117 ILE A N   1 
ATOM   673  C CA  . ILE A 1 114 ? -2.723  8.313   0.543   1.00 10.95 ? 117 ILE A CA  1 
ATOM   674  C C   . ILE A 1 114 ? -2.222  8.506   1.995   1.00 9.70  ? 117 ILE A C   1 
ATOM   675  O O   . ILE A 1 114 ? -2.731  7.874   2.904   1.00 9.82  ? 117 ILE A O   1 
ATOM   676  C CB  . ILE A 1 114 ? -1.744  7.452   -0.302  1.00 10.17 ? 117 ILE A CB  1 
ATOM   677  C CG1 . ILE A 1 114 ? -2.374  7.122   -1.666  1.00 12.26 ? 117 ILE A CG1 1 
ATOM   678  C CG2 . ILE A 1 114 ? -1.314  6.189   0.479   1.00 11.61 ? 117 ILE A CG2 1 
ATOM   679  C CD1 . ILE A 1 114 ? -1.373  6.550   -2.697  1.00 12.88 ? 117 ILE A CD1 1 
ATOM   680  N N   . GLN A 1 115 ? -1.256  9.396   2.183   1.00 12.43 ? 118 GLN A N   1 
ATOM   681  C CA  . GLN A 1 115 ? -0.739  9.715   3.521   1.00 10.94 ? 118 GLN A CA  1 
ATOM   682  C C   . GLN A 1 115 ? -1.872  10.220  4.443   1.00 10.77 ? 118 GLN A C   1 
ATOM   683  O O   . GLN A 1 115 ? -1.963  9.833   5.617   1.00 12.98 ? 118 GLN A O   1 
ATOM   684  C CB  . GLN A 1 115 ? 0.353   10.772  3.427   1.00 11.20 ? 118 GLN A CB  1 
ATOM   685  C CG  . GLN A 1 115 ? 0.897   11.234  4.803   1.00 11.12 ? 118 GLN A CG  1 
ATOM   686  C CD  . GLN A 1 115 ? 1.798   12.436  4.674   1.00 13.29 ? 118 GLN A CD  1 
ATOM   687  O OE1 . GLN A 1 115 ? 1.605   13.276  3.795   1.00 13.13 ? 118 GLN A OE1 1 
ATOM   688  N NE2 . GLN A 1 115 ? 2.819   12.493  5.511   1.00 13.63 ? 118 GLN A NE2 1 
ATOM   689  N N   . LYS A 1 116 ? -2.736  11.061  3.889   1.00 11.56 ? 119 LYS A N   1 
ATOM   690  C CA  . LYS A 1 116 ? -3.831  11.643  4.634   1.00 12.65 ? 119 LYS A CA  1 
ATOM   691  C C   . LYS A 1 116 ? -4.817  10.555  5.100   1.00 14.16 ? 119 LYS A C   1 
ATOM   692  O O   . LYS A 1 116 ? -5.163  10.485  6.286   1.00 12.20 ? 119 LYS A O   1 
ATOM   693  C CB  . LYS A 1 116 ? -4.512  12.723  3.800   1.00 14.32 ? 119 LYS A CB  1 
ATOM   694  C CG  . LYS A 1 116 ? -5.589  13.529  4.560   1.00 17.24 ? 119 LYS A CG  1 
ATOM   695  C CD  . LYS A 1 116 ? -5.960  14.746  3.760   1.00 18.38 ? 119 LYS A CD  1 
ATOM   696  C CE  . LYS A 1 116 ? -6.878  15.663  4.525   1.00 22.82 ? 119 LYS A CE  1 
ATOM   697  N NZ  . LYS A 1 116 ? -6.093  16.607  5.423   1.00 27.03 ? 119 LYS A NZ  1 
ATOM   698  N N   . VAL A 1 117 ? -5.207  9.678   4.183   1.00 12.35 ? 120 VAL A N   1 
ATOM   699  C CA  . VAL A 1 117 ? -6.105  8.548   4.492   1.00 11.76 ? 120 VAL A CA  1 
ATOM   700  C C   . VAL A 1 117 ? -5.482  7.583   5.524   1.00 14.91 ? 120 VAL A C   1 
ATOM   701  O O   . VAL A 1 117 ? -6.148  7.215   6.481   1.00 13.16 ? 120 VAL A O   1 
ATOM   702  C CB  . VAL A 1 117 ? -6.542  7.802   3.217   1.00 15.93 ? 120 VAL A CB  1 
ATOM   703  C CG1 . VAL A 1 117 ? -7.316  6.488   3.565   1.00 11.56 ? 120 VAL A CG1 1 
ATOM   704  C CG2 . VAL A 1 117 ? -7.415  8.724   2.364   1.00 15.91 ? 120 VAL A CG2 1 
ATOM   705  N N   . ILE A 1 118 ? -4.206  7.218   5.328   1.00 10.90 ? 121 ILE A N   1 
ATOM   706  C CA  . ILE A 1 118 ? -3.458  6.327   6.243   1.00 11.57 ? 121 ILE A CA  1 
ATOM   707  C C   . ILE A 1 118 ? -3.364  6.925   7.634   1.00 12.46 ? 121 ILE A C   1 
ATOM   708  O O   . ILE A 1 118 ? -3.652  6.246   8.613   1.00 12.57 ? 121 ILE A O   1 
ATOM   709  C CB  . ILE A 1 118 ? -2.055  5.980   5.733   1.00 11.90 ? 121 ILE A CB  1 
ATOM   710  C CG1 . ILE A 1 118 ? -2.142  5.028   4.547   1.00 15.48 ? 121 ILE A CG1 1 
ATOM   711  C CG2 . ILE A 1 118 ? -1.204  5.367   6.842   1.00 16.11 ? 121 ILE A CG2 1 
ATOM   712  C CD1 . ILE A 1 118 ? -0.786  4.824   3.817   1.00 12.51 ? 121 ILE A CD1 1 
ATOM   713  N N   . LEU A 1 119 ? -3.014  8.199   7.727   1.00 10.99 ? 122 LEU A N   1 
ATOM   714  C CA  . LEU A 1 119 ? -2.863  8.822   9.031   1.00 14.04 ? 122 LEU A CA  1 
ATOM   715  C C   . LEU A 1 119 ? -4.185  8.976   9.789   1.00 15.00 ? 122 LEU A C   1 
ATOM   716  O O   . LEU A 1 119 ? -4.209  8.880   11.018  1.00 16.56 ? 122 LEU A O   1 
ATOM   717  C CB  . LEU A 1 119 ? -2.152  10.177  8.924   1.00 13.26 ? 122 LEU A CB  1 
ATOM   718  C CG  . LEU A 1 119 ? -0.641  10.135  8.632   1.00 11.87 ? 122 LEU A CG  1 
ATOM   719  C CD1 . LEU A 1 119 ? -0.085  11.516  8.300   1.00 15.71 ? 122 LEU A CD1 1 
ATOM   720  C CD2 . LEU A 1 119 ? 0.177   9.469   9.771   1.00 16.19 ? 122 LEU A CD2 1 
ATOM   721  N N   . ALA A 1 120 ? -5.271  9.253   9.075   1.00 13.42 ? 123 ALA A N   1 
ATOM   722  C CA  . ALA A 1 120 ? -6.601  9.308   9.706   1.00 13.03 ? 123 ALA A CA  1 
ATOM   723  C C   . ALA A 1 120 ? -6.974  7.927   10.240  1.00 11.21 ? 123 ALA A C   1 
ATOM   724  O O   . ALA A 1 120 ? -7.372  7.786   11.402  1.00 13.59 ? 123 ALA A O   1 
ATOM   725  C CB  . ALA A 1 120 ? -7.685  9.816   8.697   1.00 13.62 ? 123 ALA A CB  1 
ATOM   726  N N   . LEU A 1 121 ? -6.826  6.908   9.403   1.00 11.23 ? 124 LEU A N   1 
ATOM   727  C CA  . LEU A 1 121 ? -7.179  5.545   9.788   1.00 11.88 ? 124 LEU A CA  1 
ATOM   728  C C   . LEU A 1 121 ? -6.312  4.980   10.909  1.00 11.98 ? 124 LEU A C   1 
ATOM   729  O O   . LEU A 1 121 ? -6.794  4.138   11.692  1.00 12.69 ? 124 LEU A O   1 
ATOM   730  C CB  . LEU A 1 121 ? -7.166  4.602   8.595   1.00 13.48 ? 124 LEU A CB  1 
ATOM   731  C CG  . LEU A 1 121 ? -8.339  4.812   7.627   1.00 11.71 ? 124 LEU A CG  1 
ATOM   732  C CD1 . LEU A 1 121 ? -8.169  4.015   6.293   1.00 11.82 ? 124 LEU A CD1 1 
ATOM   733  C CD2 . LEU A 1 121 ? -9.700  4.549   8.321   1.00 12.14 ? 124 LEU A CD2 1 
ATOM   734  N N   . GLY A 1 122 ? -5.060  5.450   10.984  1.00 11.75 ? 125 GLY A N   1 
ATOM   735  C CA  . GLY A 1 122 ? -4.115  5.004   12.005  1.00 8.80  ? 125 GLY A CA  1 
ATOM   736  C C   . GLY A 1 122 ? -3.970  5.913   13.211  1.00 12.67 ? 125 GLY A C   1 
ATOM   737  O O   . GLY A 1 122 ? -3.057  5.736   14.030  1.00 14.99 ? 125 GLY A O   1 
ATOM   738  N N   . ASP A 1 123 ? -4.875  6.859   13.352  1.00 15.79 ? 126 ASP A N   1 
ATOM   739  C CA  . ASP A 1 123 ? -4.712  7.936   14.316  1.00 18.31 ? 126 ASP A CA  1 
ATOM   740  C C   . ASP A 1 123 ? -4.882  7.490   15.758  1.00 18.43 ? 126 ASP A C   1 
ATOM   741  O O   . ASP A 1 123 ? -4.476  8.226   16.668  1.00 24.18 ? 126 ASP A O   1 
ATOM   742  C CB  . ASP A 1 123 ? -5.711  9.053   14.030  1.00 16.73 ? 126 ASP A CB  1 
ATOM   743  C CG  . ASP A 1 123 ? -5.328  10.351  14.671  1.00 19.97 ? 126 ASP A CG  1 
ATOM   744  O OD1 . ASP A 1 123 ? -4.111  10.690  14.738  1.00 21.56 ? 126 ASP A OD1 1 
ATOM   745  O OD2 . ASP A 1 123 ? -6.247  11.038  15.139  1.00 20.99 ? 126 ASP A OD2 1 
ATOM   746  N N   . TYR A 1 124 ? -5.501  6.325   15.968  1.00 13.28 ? 127 TYR A N   1 
ATOM   747  C CA  . TYR A 1 124 ? -5.722  5.794   17.308  1.00 16.08 ? 127 TYR A CA  1 
ATOM   748  C C   . TYR A 1 124 ? -4.763  4.649   17.644  1.00 17.11 ? 127 TYR A C   1 
ATOM   749  O O   . TYR A 1 124 ? -4.907  4.051   18.669  1.00 17.77 ? 127 TYR A O   1 
ATOM   750  C CB  . TYR A 1 124 ? -7.222  5.430   17.497  1.00 15.04 ? 127 TYR A CB  1 
ATOM   751  C CG  . TYR A 1 124 ? -8.052  6.630   17.142  1.00 15.74 ? 127 TYR A CG  1 
ATOM   752  C CD1 . TYR A 1 124 ? -8.187  7.696   18.039  1.00 16.41 ? 127 TYR A CD1 1 
ATOM   753  C CD2 . TYR A 1 124 ? -8.577  6.789   15.859  1.00 14.51 ? 127 TYR A CD2 1 
ATOM   754  C CE1 . TYR A 1 124 ? -8.889  8.869   17.676  1.00 17.23 ? 127 TYR A CE1 1 
ATOM   755  C CE2 . TYR A 1 124 ? -9.268  7.942   15.496  1.00 15.28 ? 127 TYR A CE2 1 
ATOM   756  C CZ  . TYR A 1 124 ? -9.431  8.976   16.418  1.00 17.94 ? 127 TYR A CZ  1 
ATOM   757  O OH  . TYR A 1 124 ? -10.097 10.135  16.064  1.00 17.57 ? 127 TYR A OH  1 
ATOM   758  N N   . MET A 1 125 ? -3.769  4.384   16.789  1.00 15.72 ? 128 MET A N   1 
ATOM   759  C CA  . MET A 1 125 ? -2.816  3.293   17.007  1.00 18.02 ? 128 MET A CA  1 
ATOM   760  C C   . MET A 1 125 ? -1.352  3.744   16.984  1.00 14.58 ? 128 MET A C   1 
ATOM   761  O O   . MET A 1 125 ? -0.439  2.929   17.165  1.00 14.77 ? 128 MET A O   1 
ATOM   762  C CB  . MET A 1 125 ? -3.083  2.130   16.032  1.00 22.63 ? 128 MET A CB  1 
ATOM   763  C CG  . MET A 1 125 ? -3.002  2.419   14.598  1.00 22.73 ? 128 MET A CG  1 
ATOM   764  S SD  . MET A 1 125 ? -3.842  1.201   13.529  1.00 19.91 ? 128 MET A SD  1 
ATOM   765  C CE  . MET A 1 125 ? -2.907  -0.300  13.735  1.00 24.11 ? 128 MET A CE  1 
ATOM   766  N N   . GLY A 1 126 ? -1.137  5.035   16.741  1.00 14.43 ? 129 GLY A N   1 
ATOM   767  C CA  . GLY A 1 126 ? 0.207   5.620   16.714  1.00 15.68 ? 129 GLY A CA  1 
ATOM   768  C C   . GLY A 1 126 ? 0.987   5.358   15.438  1.00 15.72 ? 129 GLY A C   1 
ATOM   769  O O   . GLY A 1 126 ? 2.203   5.367   15.464  1.00 16.78 ? 129 GLY A O   1 
ATOM   770  N N   . ALA A 1 127 ? 0.297   5.118   14.318  1.00 13.22 ? 130 ALA A N   1 
ATOM   771  C CA  . ALA A 1 127 ? 0.954   4.870   13.045  1.00 15.03 ? 130 ALA A CA  1 
ATOM   772  C C   . ALA A 1 127 ? 1.534   6.158   12.453  1.00 17.03 ? 130 ALA A C   1 
ATOM   773  O O   . ALA A 1 127 ? 0.857   7.189   12.428  1.00 18.59 ? 130 ALA A O   1 
ATOM   774  C CB  . ALA A 1 127 ? -0.010  4.267   12.066  1.00 14.79 ? 130 ALA A CB  1 
ATOM   775  N N   . THR A 1 128 ? 2.766   6.083   11.970  1.00 13.87 ? 131 THR A N   1 
ATOM   776  C CA  . THR A 1 128 ? 3.435   7.212   11.300  1.00 13.40 ? 131 THR A CA  1 
ATOM   777  C C   . THR A 1 128 ? 3.587   6.964   9.796   1.00 15.15 ? 131 THR A C   1 
ATOM   778  O O   . THR A 1 128 ? 3.728   5.828   9.336   1.00 12.77 ? 131 THR A O   1 
ATOM   779  C CB  . THR A 1 128 ? 4.813   7.541   11.950  1.00 16.38 ? 131 THR A CB  1 
ATOM   780  O OG1 . THR A 1 128 ? 5.653   6.372   11.968  1.00 13.04 ? 131 THR A OG1 1 
ATOM   781  C CG2 . THR A 1 128 ? 4.600   8.058   13.385  1.00 15.30 ? 131 THR A CG2 1 
ATOM   782  N N   . CYS A 1 129 ? 3.585   8.037   9.023   1.00 11.52 ? 132 CYS A N   1 
ATOM   783  C CA  . CYS A 1 129 ? 3.586   7.886   7.569   1.00 11.04 ? 132 CYS A CA  1 
ATOM   784  C C   . CYS A 1 129 ? 4.142   9.130   6.963   1.00 13.65 ? 132 CYS A C   1 
ATOM   785  O O   . CYS A 1 129 ? 3.636   10.241  7.234   1.00 16.42 ? 132 CYS A O   1 
ATOM   786  C CB  . CYS A 1 129 ? 2.166   7.653   7.057   1.00 11.49 ? 132 CYS A CB  1 
ATOM   787  S SG  . CYS A 1 129 ? 2.061   7.499   5.208   1.00 15.31 ? 132 CYS A SG  1 
ATOM   788  N N   . HIS A 1 130 ? 5.210   8.961   6.184   1.00 13.89 ? 133 HIS A N   1 
ATOM   789  C CA  A HIS A 1 130 ? 5.820   10.101  5.496   0.50 12.16 ? 133 HIS A CA  1 
ATOM   790  C CA  B HIS A 1 130 ? 5.912   10.040  5.488   0.50 14.37 ? 133 HIS A CA  1 
ATOM   791  C C   . HIS A 1 130 ? 5.595   10.009  4.002   1.00 15.44 ? 133 HIS A C   1 
ATOM   792  O O   . HIS A 1 130 ? 5.657   8.946   3.419   1.00 15.54 ? 133 HIS A O   1 
ATOM   793  C CB  A HIS A 1 130 ? 7.323   10.218  5.758   0.50 13.41 ? 133 HIS A CB  1 
ATOM   794  C CB  B HIS A 1 130 ? 7.415   9.798   5.673   0.50 16.53 ? 133 HIS A CB  1 
ATOM   795  C CG  A HIS A 1 130 ? 7.675   10.651  7.152   0.50 9.71  ? 133 HIS A CG  1 
ATOM   796  C CG  B HIS A 1 130 ? 8.302   10.567  4.743   0.50 17.01 ? 133 HIS A CG  1 
ATOM   797  N ND1 A HIS A 1 130 ? 8.967   10.627  7.617   0.50 11.67 ? 133 HIS A ND1 1 
ATOM   798  N ND1 B HIS A 1 130 ? 8.550   11.917  4.890   0.50 17.91 ? 133 HIS A ND1 1 
ATOM   799  C CD2 A HIS A 1 130 ? 6.907   11.060  8.189   0.50 12.20 ? 133 HIS A CD2 1 
ATOM   800  C CD2 B HIS A 1 130 ? 9.063   10.155  3.698   0.50 15.44 ? 133 HIS A CD2 1 
ATOM   801  C CE1 A HIS A 1 130 ? 8.989   11.047  8.870   0.50 12.98 ? 133 HIS A CE1 1 
ATOM   802  C CE1 B HIS A 1 130 ? 9.399   12.305  3.953   0.50 20.09 ? 133 HIS A CE1 1 
ATOM   803  N NE2 A HIS A 1 130 ? 7.750   11.300  9.248   0.50 13.05 ? 133 HIS A NE2 1 
ATOM   804  N NE2 B HIS A 1 130 ? 9.732   11.252  3.223   0.50 16.75 ? 133 HIS A NE2 1 
ATOM   805  N N   . ALA A 1 131 ? 5.330   11.175  3.394   1.00 14.48 ? 134 ALA A N   1 
ATOM   806  C CA  . ALA A 1 131 ? 5.242   11.296  1.921   1.00 17.01 ? 134 ALA A CA  1 
ATOM   807  C C   . ALA A 1 131 ? 6.620   11.696  1.349   1.00 19.72 ? 134 ALA A C   1 
ATOM   808  O O   . ALA A 1 131 ? 7.172   12.707  1.759   1.00 28.53 ? 134 ALA A O   1 
ATOM   809  C CB  . ALA A 1 131 ? 4.207   12.330  1.545   1.00 17.73 ? 134 ALA A CB  1 
ATOM   810  N N   . CYS A 1 132 ? 7.139   10.894  0.414   1.00 17.02 ? 135 CYS A N   1 
ATOM   811  C CA  . CYS A 1 132 ? 8.446   11.062  -0.271  1.00 22.10 ? 135 CYS A CA  1 
ATOM   812  C C   . CYS A 1 132 ? 8.177   11.669  -1.628  1.00 23.43 ? 135 CYS A C   1 
ATOM   813  O O   . CYS A 1 132 ? 7.953   10.935  -2.598  1.00 22.43 ? 135 CYS A O   1 
ATOM   814  C CB  . CYS A 1 132 ? 9.102   9.693   -0.485  1.00 18.74 ? 135 CYS A CB  1 
ATOM   815  S SG  . CYS A 1 132 ? 10.661  9.768   -1.322  1.00 28.05 ? 135 CYS A SG  1 
ATOM   816  N N   . ILE A 1 133 ? 8.105   12.996  -1.678  1.00 27.89 ? 136 ILE A N   1 
ATOM   817  C CA  . ILE A 1 133 ? 7.640   13.694  -2.883  1.00 32.83 ? 136 ILE A CA  1 
ATOM   818  C C   . ILE A 1 133 ? 8.533   14.890  -3.289  1.00 37.87 ? 136 ILE A C   1 
ATOM   819  O O   . ILE A 1 133 ? 8.149   15.677  -4.158  1.00 39.52 ? 136 ILE A O   1 
ATOM   820  C CB  . ILE A 1 133 ? 6.157   14.179  -2.706  1.00 33.07 ? 136 ILE A CB  1 
ATOM   821  C CG1 . ILE A 1 133 ? 6.035   15.148  -1.523  1.00 33.08 ? 136 ILE A CG1 1 
ATOM   822  C CG2 . ILE A 1 133 ? 5.213   12.969  -2.531  1.00 32.29 ? 136 ILE A CG2 1 
ATOM   823  C CD1 . ILE A 1 133 ? 4.605   15.635  -1.245  1.00 32.80 ? 136 ILE A CD1 1 
ATOM   824  N N   . GLY A 1 134 ? 9.716   15.004  -2.678  1.00 40.32 ? 137 GLY A N   1 
ATOM   825  C CA  . GLY A 1 134 ? 10.609  16.119  -2.923  1.00 43.78 ? 137 GLY A CA  1 
ATOM   826  C C   . GLY A 1 134 ? 10.047  17.382  -2.318  1.00 47.09 ? 137 GLY A C   1 
ATOM   827  O O   . GLY A 1 134 ? 9.360   18.136  -3.006  1.00 52.14 ? 137 GLY A O   1 
ATOM   828  N N   . GLU A 1 148 ? 13.722  9.519   13.779  1.00 30.67 ? 151 GLU A N   1 
ATOM   829  C CA  . GLU A 1 148 ? 12.890  8.312   13.776  1.00 30.04 ? 151 GLU A CA  1 
ATOM   830  C C   . GLU A 1 148 ? 12.391  7.980   12.353  1.00 25.62 ? 151 GLU A C   1 
ATOM   831  O O   . GLU A 1 148 ? 11.947  8.860   11.611  1.00 25.69 ? 151 GLU A O   1 
ATOM   832  C CB  . GLU A 1 148 ? 11.701  8.479   14.742  1.00 31.56 ? 151 GLU A CB  1 
ATOM   833  N N   . ALA A 1 149 ? 12.499  6.717   11.963  1.00 20.24 ? 152 ALA A N   1 
ATOM   834  C CA  . ALA A 1 149 ? 11.988  6.262   10.704  1.00 17.06 ? 152 ALA A CA  1 
ATOM   835  C C   . ALA A 1 149 ? 10.472  6.069   10.848  1.00 16.65 ? 152 ALA A C   1 
ATOM   836  O O   . ALA A 1 149 ? 10.006  5.488   11.827  1.00 16.59 ? 152 ALA A O   1 
ATOM   837  C CB  . ALA A 1 149 ? 12.670  4.937   10.293  1.00 14.10 ? 152 ALA A CB  1 
ATOM   838  N N   . PRO A 1 150 ? 9.696   6.543   9.868   1.00 14.34 ? 153 PRO A N   1 
ATOM   839  C CA  . PRO A 1 150 ? 8.244   6.370   9.919   1.00 14.13 ? 153 PRO A CA  1 
ATOM   840  C C   . PRO A 1 150 ? 7.892   4.897   9.627   1.00 13.85 ? 153 PRO A C   1 
ATOM   841  O O   . PRO A 1 150 ? 8.675   4.223   8.973   1.00 13.23 ? 153 PRO A O   1 
ATOM   842  C CB  . PRO A 1 150 ? 7.759   7.276   8.798   1.00 18.46 ? 153 PRO A CB  1 
ATOM   843  C CG  . PRO A 1 150 ? 8.836   7.240   7.821   1.00 15.14 ? 153 PRO A CG  1 
ATOM   844  C CD  . PRO A 1 150 ? 10.117  7.202   8.627   1.00 16.21 ? 153 PRO A CD  1 
ATOM   845  N N   . HIS A 1 151 ? 6.733   4.419   10.098  1.00 14.49 ? 154 HIS A N   1 
ATOM   846  C CA  . HIS A 1 151 ? 6.261   3.072   9.748   1.00 14.49 ? 154 HIS A CA  1 
ATOM   847  C C   . HIS A 1 151 ? 6.054   2.863   8.235   1.00 12.28 ? 154 HIS A C   1 
ATOM   848  O O   . HIS A 1 151 ? 6.268   1.787   7.716   1.00 9.15  ? 154 HIS A O   1 
ATOM   849  C CB  . HIS A 1 151 ? 4.927   2.755   10.443  1.00 14.59 ? 154 HIS A CB  1 
ATOM   850  C CG  . HIS A 1 151 ? 5.013   2.743   11.926  1.00 14.23 ? 154 HIS A CG  1 
ATOM   851  N ND1 . HIS A 1 151 ? 4.250   3.565   12.715  1.00 18.43 ? 154 HIS A ND1 1 
ATOM   852  C CD2 . HIS A 1 151 ? 5.816   2.042   12.766  1.00 17.10 ? 154 HIS A CD2 1 
ATOM   853  C CE1 . HIS A 1 151 ? 4.572   3.371   13.985  1.00 17.64 ? 154 HIS A CE1 1 
ATOM   854  N NE2 . HIS A 1 151 ? 5.504   2.432   14.041  1.00 14.74 ? 154 HIS A NE2 1 
ATOM   855  N N   . ILE A 1 152 ? 5.583   3.895   7.561   1.00 12.51 ? 155 ILE A N   1 
ATOM   856  C CA  . ILE A 1 152 ? 5.140   3.766   6.163   1.00 9.31  ? 155 ILE A CA  1 
ATOM   857  C C   . ILE A 1 152 ? 5.764   4.963   5.400   1.00 12.06 ? 155 ILE A C   1 
ATOM   858  O O   . ILE A 1 152 ? 5.756   6.083   5.907   1.00 11.72 ? 155 ILE A O   1 
ATOM   859  C CB  . ILE A 1 152 ? 3.613   3.846   6.045   1.00 8.41  ? 155 ILE A CB  1 
ATOM   860  C CG1 . ILE A 1 152 ? 2.896   2.810   6.954   1.00 10.06 ? 155 ILE A CG1 1 
ATOM   861  C CG2 . ILE A 1 152 ? 3.164   3.686   4.533   1.00 9.55  ? 155 ILE A CG2 1 
ATOM   862  C CD1 . ILE A 1 152 ? 1.476   3.186   7.359   1.00 10.84 ? 155 ILE A CD1 1 
ATOM   863  N N   . VAL A 1 153 ? 6.245   4.725   4.183   1.00 9.50  ? 156 VAL A N   1 
ATOM   864  C CA  . VAL A 1 153 ? 6.640   5.780   3.266   1.00 10.16 ? 156 VAL A CA  1 
ATOM   865  C C   . VAL A 1 153 ? 5.779   5.611   2.003   1.00 12.65 ? 156 VAL A C   1 
ATOM   866  O O   . VAL A 1 153 ? 5.574   4.497   1.533   1.00 11.79 ? 156 VAL A O   1 
ATOM   867  C CB  . VAL A 1 153 ? 8.136   5.701   2.914   1.00 13.81 ? 156 VAL A CB  1 
ATOM   868  C CG1 . VAL A 1 153 ? 8.511   6.578   1.695   1.00 13.66 ? 156 VAL A CG1 1 
ATOM   869  C CG2 . VAL A 1 153 ? 8.979   6.069   4.137   1.00 14.66 ? 156 VAL A CG2 1 
ATOM   870  N N   . VAL A 1 154 ? 5.280   6.737   1.516   1.00 11.41 ? 157 VAL A N   1 
ATOM   871  C CA  A VAL A 1 154 ? 4.528   6.788   0.249   0.50 10.19 ? 157 VAL A CA  1 
ATOM   872  C CA  B VAL A 1 154 ? 4.477   6.821   0.283   0.50 12.74 ? 157 VAL A CA  1 
ATOM   873  C C   . VAL A 1 154 ? 5.109   7.886   -0.628  1.00 10.32 ? 157 VAL A C   1 
ATOM   874  O O   . VAL A 1 154 ? 5.393   8.977   -0.174  1.00 14.98 ? 157 VAL A O   1 
ATOM   875  C CB  A VAL A 1 154 ? 2.985   6.963   0.455   0.50 7.03  ? 157 VAL A CB  1 
ATOM   876  C CB  B VAL A 1 154 ? 2.974   7.180   0.588   0.50 12.16 ? 157 VAL A CB  1 
ATOM   877  C CG1 A VAL A 1 154 ? 2.644   8.110   1.377   0.50 9.03  ? 157 VAL A CG1 1 
ATOM   878  C CG1 B VAL A 1 154 ? 2.375   6.241   1.662   0.50 14.93 ? 157 VAL A CG1 1 
ATOM   879  C CG2 A VAL A 1 154 ? 2.255   7.091   -0.889  0.50 5.66  ? 157 VAL A CG2 1 
ATOM   880  C CG2 B VAL A 1 154 ? 2.813   8.618   1.037   0.50 17.99 ? 157 VAL A CG2 1 
ATOM   881  N N   . GLY A 1 155 ? 5.321   7.579   -1.906  1.00 11.10 ? 158 GLY A N   1 
ATOM   882  C CA  . GLY A 1 155 ? 5.877   8.582   -2.806  1.00 13.48 ? 158 GLY A CA  1 
ATOM   883  C C   . GLY A 1 155 ? 5.869   8.152   -4.242  1.00 14.48 ? 158 GLY A C   1 
ATOM   884  O O   . GLY A 1 155 ? 5.430   7.060   -4.573  1.00 15.38 ? 158 GLY A O   1 
ATOM   885  N N   . THR A 1 156 ? 6.364   9.012   -5.103  1.00 14.37 ? 159 THR A N   1 
ATOM   886  C CA  . THR A 1 156 ? 6.477   8.644   -6.513  1.00 14.57 ? 159 THR A CA  1 
ATOM   887  C C   . THR A 1 156 ? 7.738   7.748   -6.683  1.00 16.08 ? 159 THR A C   1 
ATOM   888  O O   . THR A 1 156 ? 8.656   7.799   -5.860  1.00 12.59 ? 159 THR A O   1 
ATOM   889  C CB  . THR A 1 156 ? 6.520   9.903   -7.370  1.00 17.91 ? 159 THR A CB  1 
ATOM   890  O OG1 . THR A 1 156 ? 7.653   10.678  -6.982  1.00 20.26 ? 159 THR A OG1 1 
ATOM   891  C CG2 . THR A 1 156 ? 5.234   10.726  -7.155  1.00 19.13 ? 159 THR A CG2 1 
ATOM   892  N N   . PRO A 1 157 ? 7.758   6.862   -7.712  1.00 15.00 ? 160 PRO A N   1 
ATOM   893  C CA  . PRO A 1 157 ? 8.914   5.981   -7.901  1.00 14.61 ? 160 PRO A CA  1 
ATOM   894  C C   . PRO A 1 157 ? 10.276  6.702   -7.952  1.00 15.77 ? 160 PRO A C   1 
ATOM   895  O O   . PRO A 1 157 ? 11.237  6.213   -7.363  1.00 14.84 ? 160 PRO A O   1 
ATOM   896  C CB  . PRO A 1 157 ? 8.610   5.291   -9.248  1.00 18.80 ? 160 PRO A CB  1 
ATOM   897  C CG  . PRO A 1 157 ? 7.139   5.304   -9.339  1.00 16.87 ? 160 PRO A CG  1 
ATOM   898  C CD  . PRO A 1 157 ? 6.698   6.590   -8.699  1.00 17.19 ? 160 PRO A CD  1 
ATOM   899  N N   . GLY A 1 158 ? 10.349  7.850   -8.635  1.00 13.30 ? 161 GLY A N   1 
ATOM   900  C CA  . GLY A 1 158 ? 11.616  8.592   -8.753  1.00 15.37 ? 161 GLY A CA  1 
ATOM   901  C C   . GLY A 1 158 ? 12.112  9.037   -7.394  1.00 15.45 ? 161 GLY A C   1 
ATOM   902  O O   . GLY A 1 158 ? 13.287  8.821   -7.019  1.00 14.55 ? 161 GLY A O   1 
ATOM   903  N N   . ARG A 1 159 ? 11.223  9.667   -6.632  1.00 12.41 ? 162 ARG A N   1 
ATOM   904  C CA  . ARG A 1 159 ? 11.584  10.160  -5.315  1.00 12.79 ? 162 ARG A CA  1 
ATOM   905  C C   . ARG A 1 159 ? 11.955  9.015   -4.353  1.00 12.01 ? 162 ARG A C   1 
ATOM   906  O O   . ARG A 1 159 ? 12.928  9.110   -3.596  1.00 11.00 ? 162 ARG A O   1 
ATOM   907  C CB  . ARG A 1 159 ? 10.472  11.041  -4.746  1.00 14.81 ? 162 ARG A CB  1 
ATOM   908  C CG  . ARG A 1 159 ? 10.172  12.285  -5.559  1.00 20.33 ? 162 ARG A CG  1 
ATOM   909  C CD  . ARG A 1 159 ? 11.335  13.207  -5.590  1.00 26.61 ? 162 ARG A CD  1 
ATOM   910  N NE  . ARG A 1 159 ? 11.057  14.485  -6.237  1.00 27.91 ? 162 ARG A NE  1 
ATOM   911  C CZ  . ARG A 1 159 ? 11.983  15.418  -6.455  1.00 29.62 ? 162 ARG A CZ  1 
ATOM   912  N NH1 . ARG A 1 159 ? 13.240  15.219  -6.081  1.00 29.89 ? 162 ARG A NH1 1 
ATOM   913  N NH2 . ARG A 1 159 ? 11.662  16.560  -7.055  1.00 31.84 ? 162 ARG A NH2 1 
ATOM   914  N N   . VAL A 1 160 ? 11.235  7.903   -4.433  1.00 13.85 ? 163 VAL A N   1 
ATOM   915  C CA  . VAL A 1 160 ? 11.517  6.772   -3.549  1.00 13.41 ? 163 VAL A CA  1 
ATOM   916  C C   . VAL A 1 160 ? 12.884  6.149   -3.914  1.00 13.68 ? 163 VAL A C   1 
ATOM   917  O O   . VAL A 1 160 ? 13.684  5.790   -3.032  1.00 10.75 ? 163 VAL A O   1 
ATOM   918  C CB  . VAL A 1 160 ? 10.359  5.752   -3.577  1.00 12.73 ? 163 VAL A CB  1 
ATOM   919  C CG1 . VAL A 1 160 ? 10.780  4.397   -2.946  1.00 13.88 ? 163 VAL A CG1 1 
ATOM   920  C CG2 . VAL A 1 160 ? 9.097   6.349   -2.876  1.00 14.12 ? 163 VAL A CG2 1 
ATOM   921  N N   . PHE A 1 161 ? 13.141  6.031   -5.216  1.00 13.25 ? 164 PHE A N   1 
ATOM   922  C CA  . PHE A 1 161 ? 14.397  5.461   -5.747  1.00 15.31 ? 164 PHE A CA  1 
ATOM   923  C C   . PHE A 1 161 ? 15.571  6.284   -5.243  1.00 12.89 ? 164 PHE A C   1 
ATOM   924  O O   . PHE A 1 161 ? 16.550  5.742   -4.727  1.00 13.69 ? 164 PHE A O   1 
ATOM   925  C CB  . PHE A 1 161 ? 14.321  5.504   -7.281  1.00 16.91 ? 164 PHE A CB  1 
ATOM   926  C CG  . PHE A 1 161 ? 15.573  5.042   -8.004  1.00 16.34 ? 164 PHE A CG  1 
ATOM   927  C CD1 . PHE A 1 161 ? 16.011  3.732   -7.892  1.00 17.56 ? 164 PHE A CD1 1 
ATOM   928  C CD2 . PHE A 1 161 ? 16.251  5.897   -8.862  1.00 14.62 ? 164 PHE A CD2 1 
ATOM   929  C CE1 . PHE A 1 161 ? 17.138  3.294   -8.575  1.00 19.02 ? 164 PHE A CE1 1 
ATOM   930  C CE2 . PHE A 1 161 ? 17.379  5.458   -9.561  1.00 16.65 ? 164 PHE A CE2 1 
ATOM   931  C CZ  . PHE A 1 161 ? 17.806  4.149   -9.415  1.00 18.30 ? 164 PHE A CZ  1 
ATOM   932  N N   . ASP A 1 162 ? 15.430  7.612   -5.324  1.00 15.51 ? 165 ASP A N   1 
ATOM   933  C CA  . ASP A 1 162 ? 16.454  8.539   -4.808  1.00 13.52 ? 165 ASP A CA  1 
ATOM   934  C C   . ASP A 1 162 ? 16.685  8.350   -3.301  1.00 15.45 ? 165 ASP A C   1 
ATOM   935  O O   . ASP A 1 162 ? 17.815  8.324   -2.855  1.00 14.84 ? 165 ASP A O   1 
ATOM   936  C CB  . ASP A 1 162 ? 16.081  10.030  -5.035  1.00 13.96 ? 165 ASP A CB  1 
ATOM   937  C CG  . ASP A 1 162 ? 15.968  10.427  -6.498  1.00 17.32 ? 165 ASP A CG  1 
ATOM   938  O OD1 . ASP A 1 162 ? 16.461  9.704   -7.402  1.00 14.55 ? 165 ASP A OD1 1 
ATOM   939  O OD2 . ASP A 1 162 ? 15.373  11.508  -6.734  1.00 15.59 ? 165 ASP A OD2 1 
ATOM   940  N N   . MET A 1 163 ? 15.600  8.243   -2.536  1.00 13.30 ? 166 MET A N   1 
ATOM   941  C CA  . MET A 1 163 ? 15.656  8.066   -1.089  1.00 15.43 ? 166 MET A CA  1 
ATOM   942  C C   . MET A 1 163 ? 16.410  6.784   -0.707  1.00 14.20 ? 166 MET A C   1 
ATOM   943  O O   . MET A 1 163 ? 17.195  6.768   0.264   1.00 17.07 ? 166 MET A O   1 
ATOM   944  C CB  . MET A 1 163 ? 14.202  8.044   -0.529  1.00 18.83 ? 166 MET A CB  1 
ATOM   945  C CG  . MET A 1 163 ? 14.079  8.358   0.959   1.00 23.73 ? 166 MET A CG  1 
ATOM   946  S SD  . MET A 1 163 ? 12.334  8.323   1.541   1.00 24.04 ? 166 MET A SD  1 
ATOM   947  C CE  . MET A 1 163 ? 12.630  8.451   3.305   1.00 26.35 ? 166 MET A CE  1 
ATOM   948  N N   . LEU A 1 164 ? 16.160  5.707   -1.466  1.00 14.32 ? 167 LEU A N   1 
ATOM   949  C CA  . LEU A 1 164 ? 16.890  4.431   -1.299  1.00 14.44 ? 167 LEU A CA  1 
ATOM   950  C C   . LEU A 1 164 ? 18.374  4.564   -1.642  1.00 18.64 ? 167 LEU A C   1 
ATOM   951  O O   . LEU A 1 164 ? 19.244  4.071   -0.902  1.00 18.13 ? 167 LEU A O   1 
ATOM   952  C CB  . LEU A 1 164 ? 16.256  3.349   -2.152  1.00 14.95 ? 167 LEU A CB  1 
ATOM   953  C CG  . LEU A 1 164 ? 14.924  2.805   -1.642  1.00 14.56 ? 167 LEU A CG  1 
ATOM   954  C CD1 . LEU A 1 164 ? 14.187  2.101   -2.782  1.00 13.78 ? 167 LEU A CD1 1 
ATOM   955  C CD2 . LEU A 1 164 ? 15.143  1.846   -0.459  1.00 18.75 ? 167 LEU A CD2 1 
ATOM   956  N N   . ASN A 1 165 ? 18.675  5.251   -2.749  1.00 18.06 ? 168 ASN A N   1 
ATOM   957  C CA  . ASN A 1 165 ? 20.069  5.445   -3.188  1.00 19.34 ? 168 ASN A CA  1 
ATOM   958  C C   . ASN A 1 165 ? 20.873  6.314   -2.206  1.00 18.50 ? 168 ASN A C   1 
ATOM   959  O O   . ASN A 1 165 ? 22.070  6.133   -2.034  1.00 20.75 ? 168 ASN A O   1 
ATOM   960  C CB  . ASN A 1 165 ? 20.111  6.039   -4.622  1.00 16.50 ? 168 ASN A CB  1 
ATOM   961  C CG  . ASN A 1 165 ? 19.720  5.039   -5.670  1.00 18.75 ? 168 ASN A CG  1 
ATOM   962  O OD1 . ASN A 1 165 ? 19.902  3.844   -5.488  1.00 19.10 ? 168 ASN A OD1 1 
ATOM   963  N ND2 . ASN A 1 165 ? 19.159  5.523   -6.782  1.00 15.52 ? 168 ASN A ND2 1 
ATOM   964  N N   . ARG A 1 166 ? 20.215  7.258   -1.549  1.00 17.24 ? 169 ARG A N   1 
ATOM   965  C CA  . ARG A 1 166 ? 20.904  8.143   -0.613  1.00 19.05 ? 169 ARG A CA  1 
ATOM   966  C C   . ARG A 1 166 ? 20.914  7.593   0.821   1.00 19.02 ? 169 ARG A C   1 
ATOM   967  O O   . ARG A 1 166 ? 21.395  8.254   1.738   1.00 18.89 ? 169 ARG A O   1 
ATOM   968  C CB  . ARG A 1 166 ? 20.259  9.521   -0.652  1.00 18.29 ? 169 ARG A CB  1 
ATOM   969  C CG  . ARG A 1 166 ? 20.395  10.155  -1.989  1.00 20.00 ? 169 ARG A CG  1 
ATOM   970  C CD  . ARG A 1 166 ? 20.010  11.614  -1.962  1.00 21.11 ? 169 ARG A CD  1 
ATOM   971  N NE  . ARG A 1 166 ? 21.077  12.480  -1.450  1.00 20.61 ? 169 ARG A NE  1 
ATOM   972  C CZ  . ARG A 1 166 ? 20.978  13.812  -1.360  1.00 22.93 ? 169 ARG A CZ  1 
ATOM   973  N NH1 . ARG A 1 166 ? 19.858  14.429  -1.715  1.00 22.11 ? 169 ARG A NH1 1 
ATOM   974  N NH2 . ARG A 1 166 ? 21.997  14.532  -0.884  1.00 23.74 ? 169 ARG A NH2 1 
ATOM   975  N N   . ARG A 1 167 ? 20.385  6.377   0.984   1.00 20.07 ? 170 ARG A N   1 
ATOM   976  C CA  A ARG A 1 167 ? 20.219  5.715   2.291   0.50 21.87 ? 170 ARG A CA  1 
ATOM   977  C CA  B ARG A 1 167 ? 20.253  5.728   2.303   0.50 20.38 ? 170 ARG A CA  1 
ATOM   978  C C   . ARG A 1 167 ? 19.375  6.508   3.287   1.00 21.57 ? 170 ARG A C   1 
ATOM   979  O O   . ARG A 1 167 ? 19.542  6.400   4.502   1.00 22.03 ? 170 ARG A O   1 
ATOM   980  C CB  A ARG A 1 167 ? 21.572  5.325   2.890   0.50 26.10 ? 170 ARG A CB  1 
ATOM   981  C CB  B ARG A 1 167 ? 21.632  5.449   2.924   0.50 21.40 ? 170 ARG A CB  1 
ATOM   982  C CG  A ARG A 1 167 ? 22.394  4.427   1.974   0.50 30.48 ? 170 ARG A CG  1 
ATOM   983  C CG  B ARG A 1 167 ? 22.525  4.542   2.095   0.50 22.72 ? 170 ARG A CG  1 
ATOM   984  C CD  A ARG A 1 167 ? 22.856  3.164   2.682   0.50 34.50 ? 170 ARG A CD  1 
ATOM   985  C CD  B ARG A 1 167 ? 23.874  4.282   2.795   0.50 22.51 ? 170 ARG A CD  1 
ATOM   986  N NE  A ARG A 1 167 ? 23.742  3.428   3.829   0.50 36.45 ? 170 ARG A NE  1 
ATOM   987  N NE  B ARG A 1 167 ? 24.813  5.391   2.637   0.50 24.34 ? 170 ARG A NE  1 
ATOM   988  C CZ  A ARG A 1 167 ? 25.078  3.411   3.799   0.50 37.48 ? 170 ARG A CZ  1 
ATOM   989  C CZ  B ARG A 1 167 ? 25.978  5.505   3.289   0.50 24.34 ? 170 ARG A CZ  1 
ATOM   990  N NH1 A ARG A 1 167 ? 25.739  3.168   2.669   0.50 38.35 ? 170 ARG A NH1 1 
ATOM   991  N NH1 B ARG A 1 167 ? 26.356  4.586   4.171   0.50 22.19 ? 170 ARG A NH1 1 
ATOM   992  N NH2 A ARG A 1 167 ? 25.763  3.650   4.914   0.50 36.59 ? 170 ARG A NH2 1 
ATOM   993  N NH2 B ARG A 1 167 ? 26.769  6.560   3.055   0.50 24.79 ? 170 ARG A NH2 1 
ATOM   994  N N   . TYR A 1 168 ? 18.434  7.287   2.780   1.00 18.38 ? 171 TYR A N   1 
ATOM   995  C CA  . TYR A 1 168 ? 17.483  7.994   3.649   1.00 19.86 ? 171 TYR A CA  1 
ATOM   996  C C   . TYR A 1 168 ? 16.305  7.057   4.010   1.00 21.19 ? 171 TYR A C   1 
ATOM   997  O O   . TYR A 1 168 ? 15.611  7.272   5.011   1.00 22.95 ? 171 TYR A O   1 
ATOM   998  C CB  . TYR A 1 168 ? 16.935  9.239   2.984   1.00 24.60 ? 171 TYR A CB  1 
ATOM   999  C CG  . TYR A 1 168 ? 17.948  10.322  2.713   1.00 26.17 ? 171 TYR A CG  1 
ATOM   1000 C CD1 . TYR A 1 168 ? 19.127  10.424  3.452   1.00 28.12 ? 171 TYR A CD1 1 
ATOM   1001 C CD2 . TYR A 1 168 ? 17.708  11.282  1.741   1.00 27.11 ? 171 TYR A CD2 1 
ATOM   1002 C CE1 . TYR A 1 168 ? 20.053  11.434  3.198   1.00 28.81 ? 171 TYR A CE1 1 
ATOM   1003 C CE2 . TYR A 1 168 ? 18.630  12.311  1.499   1.00 26.80 ? 171 TYR A CE2 1 
ATOM   1004 C CZ  . TYR A 1 168 ? 19.792  12.376  2.238   1.00 26.76 ? 171 TYR A CZ  1 
ATOM   1005 O OH  . TYR A 1 168 ? 20.724  13.373  1.998   1.00 28.17 ? 171 TYR A OH  1 
ATOM   1006 N N   . LEU A 1 169 ? 16.110  6.043   3.174   1.00 15.40 ? 172 LEU A N   1 
ATOM   1007 C CA  . LEU A 1 169 ? 15.147  4.969   3.394   1.00 14.64 ? 172 LEU A CA  1 
ATOM   1008 C C   . LEU A 1 169 ? 15.877  3.659   3.337   1.00 16.44 ? 172 LEU A C   1 
ATOM   1009 O O   . LEU A 1 169 ? 16.547  3.329   2.340   1.00 18.75 ? 172 LEU A O   1 
ATOM   1010 C CB  . LEU A 1 169 ? 14.049  4.971   2.311   1.00 13.85 ? 172 LEU A CB  1 
ATOM   1011 C CG  . LEU A 1 169 ? 13.110  3.745   2.277   1.00 13.18 ? 172 LEU A CG  1 
ATOM   1012 C CD1 . LEU A 1 169 ? 12.317  3.617   3.577   1.00 11.08 ? 172 LEU A CD1 1 
ATOM   1013 C CD2 . LEU A 1 169 ? 12.165  3.766   1.040   1.00 13.06 ? 172 LEU A CD2 1 
ATOM   1014 N N   . SER A 1 170 ? 15.735  2.879   4.399   1.00 14.23 ? 173 SER A N   1 
ATOM   1015 C CA  . SER A 1 170 ? 16.297  1.540   4.447   1.00 14.03 ? 173 SER A CA  1 
ATOM   1016 C C   . SER A 1 170 ? 15.291  0.516   3.942   1.00 14.14 ? 173 SER A C   1 
ATOM   1017 O O   . SER A 1 170 ? 14.141  0.520   4.358   1.00 14.35 ? 173 SER A O   1 
ATOM   1018 C CB  . SER A 1 170 ? 16.714  1.204   5.894   1.00 16.25 ? 173 SER A CB  1 
ATOM   1019 O OG  . SER A 1 170 ? 17.076  -0.178  6.013   1.00 17.05 ? 173 SER A OG  1 
ATOM   1020 N N   . PRO A 1 171 ? 15.714  -0.380  3.029   1.00 17.78 ? 174 PRO A N   1 
ATOM   1021 C CA  . PRO A 1 171 ? 14.803  -1.452  2.605   1.00 16.53 ? 174 PRO A CA  1 
ATOM   1022 C C   . PRO A 1 171 ? 14.723  -2.631  3.587   1.00 15.99 ? 174 PRO A C   1 
ATOM   1023 O O   . PRO A 1 171 ? 13.930  -3.559  3.373   1.00 15.09 ? 174 PRO A O   1 
ATOM   1024 C CB  . PRO A 1 171 ? 15.420  -1.918  1.296   1.00 16.77 ? 174 PRO A CB  1 
ATOM   1025 C CG  . PRO A 1 171 ? 16.907  -1.789  1.574   1.00 19.46 ? 174 PRO A CG  1 
ATOM   1026 C CD  . PRO A 1 171 ? 17.015  -0.475  2.346   1.00 18.65 ? 174 PRO A CD  1 
ATOM   1027 N N   . LYS A 1 172 ? 15.530  -2.592  4.654   1.00 17.44 ? 175 LYS A N   1 
ATOM   1028 C CA  . LYS A 1 172 ? 15.761  -3.766  5.476   1.00 18.28 ? 175 LYS A CA  1 
ATOM   1029 C C   . LYS A 1 172 ? 14.491  -4.311  6.125   1.00 18.57 ? 175 LYS A C   1 
ATOM   1030 O O   . LYS A 1 172 ? 14.317  -5.533  6.250   1.00 13.26 ? 175 LYS A O   1 
ATOM   1031 C CB  . LYS A 1 172 ? 16.847  -3.474  6.540   1.00 21.72 ? 175 LYS A CB  1 
ATOM   1032 C CG  . LYS A 1 172 ? 17.297  -4.717  7.303   1.00 23.32 ? 175 LYS A CG  1 
ATOM   1033 C CD  . LYS A 1 172 ? 18.580  -4.470  8.145   1.00 24.87 ? 175 LYS A CD  1 
ATOM   1034 C CE  . LYS A 1 172 ? 18.975  -5.740  8.918   1.00 28.34 ? 175 LYS A CE  1 
ATOM   1035 N NZ  . LYS A 1 172 ? 19.473  -6.824  7.999   1.00 31.01 ? 175 LYS A NZ  1 
ATOM   1036 N N   . TRP A 1 173 ? 13.599  -3.414  6.551   1.00 12.79 ? 176 TRP A N   1 
ATOM   1037 C CA  . TRP A 1 173 ? 12.430  -3.816  7.352   1.00 14.85 ? 176 TRP A CA  1 
ATOM   1038 C C   . TRP A 1 173 ? 11.127  -3.670  6.579   1.00 12.23 ? 176 TRP A C   1 
ATOM   1039 O O   . TRP A 1 173 ? 10.044  -3.903  7.115   1.00 15.43 ? 176 TRP A O   1 
ATOM   1040 C CB  . TRP A 1 173 ? 12.396  -3.029  8.678   1.00 15.20 ? 176 TRP A CB  1 
ATOM   1041 C CG  . TRP A 1 173 ? 13.718  -3.127  9.391   1.00 18.50 ? 176 TRP A CG  1 
ATOM   1042 C CD1 . TRP A 1 173 ? 14.663  -2.153  9.527   1.00 17.21 ? 176 TRP A CD1 1 
ATOM   1043 C CD2 . TRP A 1 173 ? 14.270  -4.310  9.976   1.00 17.37 ? 176 TRP A CD2 1 
ATOM   1044 N NE1 . TRP A 1 173 ? 15.764  -2.655  10.186  1.00 17.91 ? 176 TRP A NE1 1 
ATOM   1045 C CE2 . TRP A 1 173 ? 15.546  -3.975  10.475  1.00 17.61 ? 176 TRP A CE2 1 
ATOM   1046 C CE3 . TRP A 1 173 ? 13.810  -5.625  10.122  1.00 17.87 ? 176 TRP A CE3 1 
ATOM   1047 C CZ2 . TRP A 1 173 ? 16.369  -4.912  11.133  1.00 18.67 ? 176 TRP A CZ2 1 
ATOM   1048 C CZ3 . TRP A 1 173 ? 14.623  -6.552  10.793  1.00 19.61 ? 176 TRP A CZ3 1 
ATOM   1049 C CH2 . TRP A 1 173 ? 15.878  -6.185  11.289  1.00 19.26 ? 176 TRP A CH2 1 
ATOM   1050 N N   . ILE A 1 174 ? 11.225  -3.369  5.290   1.00 16.41 ? 177 ILE A N   1 
ATOM   1051 C CA  . ILE A 1 174 ? 10.014  -3.262  4.468   1.00 12.61 ? 177 ILE A CA  1 
ATOM   1052 C C   . ILE A 1 174 ? 9.462   -4.651  4.185   1.00 16.06 ? 177 ILE A C   1 
ATOM   1053 O O   . ILE A 1 174 ? 10.141  -5.474  3.532   1.00 13.19 ? 177 ILE A O   1 
ATOM   1054 C CB  . ILE A 1 174 ? 10.289  -2.477  3.128   1.00 13.11 ? 177 ILE A CB  1 
ATOM   1055 C CG1 . ILE A 1 174 ? 10.907  -1.121  3.449   1.00 14.41 ? 177 ILE A CG1 1 
ATOM   1056 C CG2 . ILE A 1 174 ? 8.953   -2.357  2.329   1.00 12.12 ? 177 ILE A CG2 1 
ATOM   1057 C CD1 . ILE A 1 174 ? 11.103  -0.193  2.321   1.00 11.05 ? 177 ILE A CD1 1 
ATOM   1058 N N   . LYS A 1 175 ? 8.231   -4.928  4.659   1.00 13.84 ? 178 LYS A N   1 
ATOM   1059 C CA  . LYS A 1 175 ? 7.581   -6.224  4.453   1.00 17.81 ? 178 LYS A CA  1 
ATOM   1060 C C   . LYS A 1 175 ? 6.452   -6.171  3.429   1.00 19.08 ? 178 LYS A C   1 
ATOM   1061 O O   . LYS A 1 175 ? 5.991   -7.223  2.978   1.00 13.58 ? 178 LYS A O   1 
ATOM   1062 C CB  . LYS A 1 175 ? 6.955   -6.761  5.748   1.00 23.92 ? 178 LYS A CB  1 
ATOM   1063 C CG  . LYS A 1 175 ? 7.726   -6.605  7.005   1.00 29.32 ? 178 LYS A CG  1 
ATOM   1064 C CD  . LYS A 1 175 ? 6.811   -6.932  8.240   1.00 30.47 ? 178 LYS A CD  1 
ATOM   1065 C CE  . LYS A 1 175 ? 5.870   -5.755  8.641   1.00 34.16 ? 178 LYS A CE  1 
ATOM   1066 N NZ  . LYS A 1 175 ? 4.914   -6.123  9.715   1.00 32.77 ? 178 LYS A NZ  1 
ATOM   1067 N N   . MET A 1 176 ? 5.988   -4.957  3.092   1.00 14.73 ? 179 MET A N   1 
ATOM   1068 C CA  . MET A 1 176 ? 4.813   -4.756  2.218   1.00 16.24 ? 179 MET A CA  1 
ATOM   1069 C C   . MET A 1 176 ? 5.148   -3.671  1.199   1.00 13.22 ? 179 MET A C   1 
ATOM   1070 O O   . MET A 1 176 ? 5.700   -2.628  1.573   1.00 12.59 ? 179 MET A O   1 
ATOM   1071 C CB  . MET A 1 176 ? 3.615   -4.301  3.059   1.00 17.35 ? 179 MET A CB  1 
ATOM   1072 C CG  . MET A 1 176 ? 3.196   -5.297  4.118   1.00 20.94 ? 179 MET A CG  1 
ATOM   1073 S SD  . MET A 1 176 ? 1.928   -4.664  5.247   1.00 26.46 ? 179 MET A SD  1 
ATOM   1074 C CE  . MET A 1 176 ? 2.964   -3.939  6.523   1.00 22.01 ? 179 MET A CE  1 
ATOM   1075 N N   . PHE A 1 177 ? 4.856   -3.940  -0.081  1.00 11.26 ? 180 PHE A N   1 
ATOM   1076 C CA  . PHE A 1 177 ? 5.189   -3.060  -1.185  1.00 12.12 ? 180 PHE A CA  1 
ATOM   1077 C C   . PHE A 1 177 ? 3.892   -2.905  -1.931  1.00 14.15 ? 180 PHE A C   1 
ATOM   1078 O O   . PHE A 1 177 ? 3.350   -3.901  -2.397  1.00 13.11 ? 180 PHE A O   1 
ATOM   1079 C CB  . PHE A 1 177 ? 6.252   -3.722  -2.054  1.00 14.81 ? 180 PHE A CB  1 
ATOM   1080 C CG  . PHE A 1 177 ? 6.780   -2.878  -3.162  1.00 15.11 ? 180 PHE A CG  1 
ATOM   1081 C CD1 . PHE A 1 177 ? 6.997   -1.509  -3.003  1.00 13.42 ? 180 PHE A CD1 1 
ATOM   1082 C CD2 . PHE A 1 177 ? 7.127   -3.481  -4.383  1.00 15.67 ? 180 PHE A CD2 1 
ATOM   1083 C CE1 . PHE A 1 177 ? 7.520   -0.748  -4.037  1.00 16.56 ? 180 PHE A CE1 1 
ATOM   1084 C CE2 . PHE A 1 177 ? 7.657   -2.737  -5.423  1.00 14.74 ? 180 PHE A CE2 1 
ATOM   1085 C CZ  . PHE A 1 177 ? 7.851   -1.356  -5.265  1.00 14.95 ? 180 PHE A CZ  1 
ATOM   1086 N N   . VAL A 1 178 ? 3.365   -1.673  -2.006  1.00 11.65 ? 181 VAL A N   1 
ATOM   1087 C CA  . VAL A 1 178 ? 2.052   -1.425  -2.623  1.00 12.72 ? 181 VAL A CA  1 
ATOM   1088 C C   . VAL A 1 178 ? 2.275   -0.551  -3.842  1.00 13.25 ? 181 VAL A C   1 
ATOM   1089 O O   . VAL A 1 178 ? 2.930   0.481   -3.748  1.00 12.32 ? 181 VAL A O   1 
ATOM   1090 C CB  . VAL A 1 178 ? 1.030   -0.739  -1.627  1.00 13.07 ? 181 VAL A CB  1 
ATOM   1091 C CG1 . VAL A 1 178 ? -0.335  -0.499  -2.307  1.00 14.31 ? 181 VAL A CG1 1 
ATOM   1092 C CG2 . VAL A 1 178 ? 0.860   -1.573  -0.326  1.00 15.35 ? 181 VAL A CG2 1 
ATOM   1093 N N   . LEU A 1 179 ? 1.735   -0.965  -4.985  1.00 14.02 ? 182 LEU A N   1 
ATOM   1094 C CA  . LEU A 1 179 ? 1.814   -0.180  -6.229  1.00 15.05 ? 182 LEU A CA  1 
ATOM   1095 C C   . LEU A 1 179 ? 0.422   0.277   -6.587  1.00 14.21 ? 182 LEU A C   1 
ATOM   1096 O O   . LEU A 1 179 ? -0.408  -0.533  -6.998  1.00 13.88 ? 182 LEU A O   1 
ATOM   1097 C CB  . LEU A 1 179 ? 2.412   -1.031  -7.370  1.00 17.04 ? 182 LEU A CB  1 
ATOM   1098 C CG  . LEU A 1 179 ? 3.781   -1.663  -7.053  1.00 19.16 ? 182 LEU A CG  1 
ATOM   1099 C CD1 . LEU A 1 179 ? 4.196   -2.671  -8.140  1.00 22.13 ? 182 LEU A CD1 1 
ATOM   1100 C CD2 . LEU A 1 179 ? 4.796   -0.593  -6.936  1.00 17.89 ? 182 LEU A CD2 1 
ATOM   1101 N N   . ASP A 1 180 ? 0.148   1.568   -6.352  1.00 15.56 ? 183 ASP A N   1 
ATOM   1102 C CA  . ASP A 1 180 ? -1.174  2.165   -6.594  1.00 15.33 ? 183 ASP A CA  1 
ATOM   1103 C C   . ASP A 1 180 ? -1.253  2.861   -7.968  1.00 14.64 ? 183 ASP A C   1 
ATOM   1104 O O   . ASP A 1 180 ? -0.318  3.575   -8.402  1.00 16.32 ? 183 ASP A O   1 
ATOM   1105 C CB  . ASP A 1 180 ? -1.526  3.179   -5.518  1.00 15.63 ? 183 ASP A CB  1 
ATOM   1106 C CG  . ASP A 1 180 ? -3.016  3.533   -5.496  1.00 18.23 ? 183 ASP A CG  1 
ATOM   1107 O OD1 . ASP A 1 180 ? -3.848  2.671   -5.841  1.00 20.53 ? 183 ASP A OD1 1 
ATOM   1108 O OD2 . ASP A 1 180 ? -3.342  4.633   -5.050  1.00 20.06 ? 183 ASP A OD2 1 
ATOM   1109 N N   . GLU A 1 181 ? -2.389  2.674   -8.634  1.00 14.69 ? 184 GLU A N   1 
ATOM   1110 C CA  . GLU A 1 181 ? -2.572  3.154   -9.995  1.00 14.65 ? 184 GLU A CA  1 
ATOM   1111 C C   . GLU A 1 181 ? -1.373  2.742   -10.864 1.00 14.56 ? 184 GLU A C   1 
ATOM   1112 O O   . GLU A 1 181 ? -0.744  3.567   -11.526 1.00 17.37 ? 184 GLU A O   1 
ATOM   1113 C CB  . GLU A 1 181 ? -2.830  4.675   -9.991  1.00 17.99 ? 184 GLU A CB  1 
ATOM   1114 C CG  . GLU A 1 181 ? -4.020  5.041   -9.115  1.00 19.66 ? 184 GLU A CG  1 
ATOM   1115 C CD  . GLU A 1 181 ? -4.591  6.449   -9.308  1.00 22.22 ? 184 GLU A CD  1 
ATOM   1116 O OE1 . GLU A 1 181 ? -4.124  7.191   -10.175 1.00 24.57 ? 184 GLU A OE1 1 
ATOM   1117 O OE2 . GLU A 1 181 ? -5.556  6.773   -8.576  1.00 27.23 ? 184 GLU A OE2 1 
ATOM   1118 N N   . ALA A 1 182 ? -1.067  1.453   -10.861 1.00 15.11 ? 185 ALA A N   1 
ATOM   1119 C CA  . ALA A 1 182 ? 0.062   0.926   -11.605 1.00 13.88 ? 185 ALA A CA  1 
ATOM   1120 C C   . ALA A 1 182 ? -0.022  1.263   -13.118 1.00 13.66 ? 185 ALA A C   1 
ATOM   1121 O O   . ALA A 1 182 ? 0.980   1.526   -13.759 1.00 16.42 ? 185 ALA A O   1 
ATOM   1122 C CB  . ALA A 1 182 ? 0.149   -0.579  -11.401 1.00 14.14 ? 185 ALA A CB  1 
ATOM   1123 N N   . ASP A 1 183 ? -1.211  1.226   -13.676 1.00 16.85 ? 186 ASP A N   1 
ATOM   1124 C CA  . ASP A 1 183 ? -1.393  1.599   -15.080 1.00 18.06 ? 186 ASP A CA  1 
ATOM   1125 C C   . ASP A 1 183 ? -0.871  3.004   -15.359 1.00 17.98 ? 186 ASP A C   1 
ATOM   1126 O O   . ASP A 1 183 ? -0.101  3.204   -16.286 1.00 20.83 ? 186 ASP A O   1 
ATOM   1127 C CB  . ASP A 1 183 ? -2.866  1.399   -15.539 1.00 18.91 ? 186 ASP A CB  1 
ATOM   1128 C CG  . ASP A 1 183 ? -3.914  2.099   -14.656 1.00 21.85 ? 186 ASP A CG  1 
ATOM   1129 O OD1 . ASP A 1 183 ? -3.614  2.717   -13.589 1.00 18.04 ? 186 ASP A OD1 1 
ATOM   1130 O OD2 . ASP A 1 183 ? -5.107  1.982   -15.043 1.00 21.46 ? 186 ASP A OD2 1 
ATOM   1131 N N   . GLU A 1 184 ? -1.243  3.959   -14.512 1.00 17.42 ? 187 GLU A N   1 
ATOM   1132 C CA  . GLU A 1 184 ? -0.768  5.346   -14.610 1.00 18.46 ? 187 GLU A CA  1 
ATOM   1133 C C   . GLU A 1 184 ? 0.733   5.514   -14.383 1.00 18.09 ? 187 GLU A C   1 
ATOM   1134 O O   . GLU A 1 184 ? 1.383   6.329   -15.067 1.00 18.38 ? 187 GLU A O   1 
ATOM   1135 C CB  . GLU A 1 184 ? -1.480  6.216   -13.588 1.00 23.99 ? 187 GLU A CB  1 
ATOM   1136 C CG  . GLU A 1 184 ? -2.878  6.584   -13.964 1.00 30.93 ? 187 GLU A CG  1 
ATOM   1137 C CD  . GLU A 1 184 ? -2.924  7.426   -15.229 1.00 34.04 ? 187 GLU A CD  1 
ATOM   1138 O OE1 . GLU A 1 184 ? -2.015  8.267   -15.446 1.00 35.37 ? 187 GLU A OE1 1 
ATOM   1139 O OE2 . GLU A 1 184 ? -3.871  7.219   -16.005 1.00 42.98 ? 187 GLU A OE2 1 
ATOM   1140 N N   . MET A 1 185 ? 1.284   4.795   -13.393 1.00 14.20 ? 188 MET A N   1 
ATOM   1141 C CA  . MET A 1 185 ? 2.767   4.819   -13.192 1.00 12.68 ? 188 MET A CA  1 
ATOM   1142 C C   . MET A 1 185 ? 3.527   4.328   -14.425 1.00 14.10 ? 188 MET A C   1 
ATOM   1143 O O   . MET A 1 185 ? 4.520   4.935   -14.874 1.00 16.08 ? 188 MET A O   1 
ATOM   1144 C CB  . MET A 1 185 ? 3.155   4.006   -11.963 1.00 12.62 ? 188 MET A CB  1 
ATOM   1145 C CG  . MET A 1 185 ? 2.653   4.632   -10.696 1.00 14.60 ? 188 MET A CG  1 
ATOM   1146 S SD  . MET A 1 185 ? 3.451   4.030   -9.188  1.00 15.21 ? 188 MET A SD  1 
ATOM   1147 C CE  . MET A 1 185 ? 2.594   2.467   -8.894  1.00 14.46 ? 188 MET A CE  1 
ATOM   1148 N N   . LEU A 1 186 ? 3.048   3.249   -14.997 1.00 17.94 ? 189 LEU A N   1 
ATOM   1149 C CA  . LEU A 1 186 ? 3.676   2.693   -16.197 1.00 18.84 ? 189 LEU A CA  1 
ATOM   1150 C C   . LEU A 1 186 ? 3.495   3.587   -17.450 1.00 20.13 ? 189 LEU A C   1 
ATOM   1151 O O   . LEU A 1 186 ? 4.438   3.759   -18.238 1.00 20.16 ? 189 LEU A O   1 
ATOM   1152 C CB  . LEU A 1 186 ? 3.179   1.269   -16.415 1.00 19.27 ? 189 LEU A CB  1 
ATOM   1153 C CG  . LEU A 1 186 ? 3.559   0.290   -15.279 1.00 22.89 ? 189 LEU A CG  1 
ATOM   1154 C CD1 . LEU A 1 186 ? 3.094   -1.111  -15.625 1.00 23.06 ? 189 LEU A CD1 1 
ATOM   1155 C CD2 . LEU A 1 186 ? 5.068   0.295   -14.945 1.00 17.57 ? 189 LEU A CD2 1 
ATOM   1156 N N   . SER A 1 187 ? 2.315   4.170   -17.617 1.00 20.99 ? 190 SER A N   1 
ATOM   1157 C CA  . SER A 1 187 ? 2.069   5.122   -18.717 1.00 22.99 ? 190 SER A CA  1 
ATOM   1158 C C   . SER A 1 187 ? 2.924   6.386   -18.603 1.00 24.27 ? 190 SER A C   1 
ATOM   1159 O O   . SER A 1 187 ? 3.241   7.012   -19.612 1.00 24.67 ? 190 SER A O   1 
ATOM   1160 C CB  . SER A 1 187 ? 0.573   5.495   -18.800 1.00 27.45 ? 190 SER A CB  1 
ATOM   1161 O OG  . SER A 1 187 ? 0.250   6.458   -17.808 1.00 36.00 ? 190 SER A OG  1 
ATOM   1162 N N   . ARG A 1 188 ? 3.318   6.751   -17.380 1.00 21.73 ? 191 ARG A N   1 
ATOM   1163 C CA  . ARG A 1 188 ? 4.171   7.915   -17.134 1.00 22.63 ? 191 ARG A CA  1 
ATOM   1164 C C   . ARG A 1 188 ? 5.671   7.585   -17.286 1.00 22.42 ? 191 ARG A C   1 
ATOM   1165 O O   . ARG A 1 188 ? 6.519   8.467   -17.165 1.00 23.94 ? 191 ARG A O   1 
ATOM   1166 C CB  . ARG A 1 188 ? 3.894   8.510   -15.749 1.00 25.70 ? 191 ARG A CB  1 
ATOM   1167 C CG  . ARG A 1 188 ? 2.612   9.339   -15.655 1.00 26.55 ? 191 ARG A CG  1 
ATOM   1168 C CD  . ARG A 1 188 ? 2.241   9.664   -14.204 1.00 30.03 ? 191 ARG A CD  1 
ATOM   1169 N NE  . ARG A 1 188 ? 1.005   10.458  -14.122 1.00 29.18 ? 191 ARG A NE  1 
ATOM   1170 C CZ  . ARG A 1 188 ? 0.960   11.774  -13.918 1.00 32.90 ? 191 ARG A CZ  1 
ATOM   1171 N NH1 . ARG A 1 188 ? 2.073   12.482  -13.759 1.00 35.14 ? 191 ARG A NH1 1 
ATOM   1172 N NH2 . ARG A 1 188 ? -0.213  12.394  -13.862 1.00 35.11 ? 191 ARG A NH2 1 
ATOM   1173 N N   . GLY A 1 189 ? 5.978   6.324   -17.564 1.00 19.87 ? 192 GLY A N   1 
ATOM   1174 C CA  . GLY A 1 189 ? 7.322   5.902   -17.899 1.00 21.90 ? 192 GLY A CA  1 
ATOM   1175 C C   . GLY A 1 189 ? 8.137   5.412   -16.709 1.00 23.15 ? 192 GLY A C   1 
ATOM   1176 O O   . GLY A 1 189 ? 9.365   5.388   -16.785 1.00 19.15 ? 192 GLY A O   1 
ATOM   1177 N N   . PHE A 1 190 ? 7.468   5.010   -15.620 1.00 20.38 ? 193 PHE A N   1 
ATOM   1178 C CA  . PHE A 1 190 ? 8.166   4.657   -14.382 1.00 21.11 ? 193 PHE A CA  1 
ATOM   1179 C C   . PHE A 1 190 ? 8.579   3.180   -14.255 1.00 19.42 ? 193 PHE A C   1 
ATOM   1180 O O   . PHE A 1 190 ? 9.138   2.796   -13.230 1.00 18.12 ? 193 PHE A O   1 
ATOM   1181 C CB  . PHE A 1 190 ? 7.319   5.038   -13.160 1.00 22.28 ? 193 PHE A CB  1 
ATOM   1182 C CG  . PHE A 1 190 ? 6.883   6.491   -13.107 1.00 22.30 ? 193 PHE A CG  1 
ATOM   1183 C CD1 . PHE A 1 190 ? 7.618   7.513   -13.723 1.00 26.76 ? 193 PHE A CD1 1 
ATOM   1184 C CD2 . PHE A 1 190 ? 5.757   6.847   -12.385 1.00 21.94 ? 193 PHE A CD2 1 
ATOM   1185 C CE1 . PHE A 1 190 ? 7.199   8.838   -13.636 1.00 26.42 ? 193 PHE A CE1 1 
ATOM   1186 C CE2 . PHE A 1 190 ? 5.351   8.154   -12.298 1.00 24.28 ? 193 PHE A CE2 1 
ATOM   1187 C CZ  . PHE A 1 190 ? 6.078   9.153   -12.904 1.00 25.42 ? 193 PHE A CZ  1 
ATOM   1188 N N   . LYS A 1 191 ? 8.349   2.368   -15.286 1.00 17.65 ? 194 LYS A N   1 
ATOM   1189 C CA  . LYS A 1 191 ? 8.626   0.933   -15.210 1.00 22.00 ? 194 LYS A CA  1 
ATOM   1190 C C   . LYS A 1 191 ? 10.018  0.617   -14.672 1.00 19.03 ? 194 LYS A C   1 
ATOM   1191 O O   . LYS A 1 191 ? 10.155  -0.173  -13.754 1.00 17.40 ? 194 LYS A O   1 
ATOM   1192 C CB  . LYS A 1 191 ? 8.458   0.275   -16.590 1.00 24.26 ? 194 LYS A CB  1 
ATOM   1193 C CG  . LYS A 1 191 ? 8.630   -1.221  -16.617 1.00 27.14 ? 194 LYS A CG  1 
ATOM   1194 C CD  . LYS A 1 191 ? 9.110   -1.675  -18.001 1.00 29.84 ? 194 LYS A CD  1 
ATOM   1195 C CE  . LYS A 1 191 ? 9.027   -3.179  -18.142 1.00 33.34 ? 194 LYS A CE  1 
ATOM   1196 N NZ  . LYS A 1 191 ? 9.832   -3.623  -19.326 1.00 37.84 ? 194 LYS A NZ  1 
ATOM   1197 N N   . ASP A 1 192 ? 11.039  1.225   -15.266 1.00 19.30 ? 195 ASP A N   1 
ATOM   1198 C CA  . ASP A 1 192 ? 12.418  0.828   -14.995 1.00 21.75 ? 195 ASP A CA  1 
ATOM   1199 C C   . ASP A 1 192 ? 12.807  1.221   -13.570 1.00 18.82 ? 195 ASP A C   1 
ATOM   1200 O O   . ASP A 1 192 ? 13.431  0.426   -12.868 1.00 18.20 ? 195 ASP A O   1 
ATOM   1201 C CB  . ASP A 1 192 ? 13.372  1.441   -16.013 1.00 25.83 ? 195 ASP A CB  1 
ATOM   1202 C CG  . ASP A 1 192 ? 13.308  0.755   -17.386 1.00 29.43 ? 195 ASP A CG  1 
ATOM   1203 O OD1 . ASP A 1 192 ? 12.596  -0.254  -17.551 1.00 32.02 ? 195 ASP A OD1 1 
ATOM   1204 O OD2 . ASP A 1 192 ? 13.993  1.241   -18.303 1.00 36.08 ? 195 ASP A OD2 1 
ATOM   1205 N N   . GLN A 1 193 ? 12.418  2.419   -13.136 1.00 17.16 ? 196 GLN A N   1 
ATOM   1206 C CA  . GLN A 1 193 ? 12.599  2.812   -11.720 1.00 17.65 ? 196 GLN A CA  1 
ATOM   1207 C C   . GLN A 1 193 ? 11.807  1.909   -10.746 1.00 18.19 ? 196 GLN A C   1 
ATOM   1208 O O   . GLN A 1 193 ? 12.312  1.572   -9.693  1.00 17.87 ? 196 GLN A O   1 
ATOM   1209 C CB  . GLN A 1 193 ? 12.309  4.311   -11.513 1.00 19.31 ? 196 GLN A CB  1 
ATOM   1210 C CG  . GLN A 1 193 ? 13.315  5.210   -12.280 1.00 20.24 ? 196 GLN A CG  1 
ATOM   1211 C CD  . GLN A 1 193 ? 12.939  6.685   -12.340 1.00 18.83 ? 196 GLN A CD  1 
ATOM   1212 O OE1 . GLN A 1 193 ? 12.303  7.204   -11.438 1.00 18.57 ? 196 GLN A OE1 1 
ATOM   1213 N NE2 . GLN A 1 193 ? 13.345  7.362   -13.409 1.00 18.92 ? 196 GLN A NE2 1 
ATOM   1214 N N   . ILE A 1 194 ? 10.585  1.498   -11.092 1.00 16.95 ? 197 ILE A N   1 
ATOM   1215 C CA  . ILE A 1 194 ? 9.854   0.561   -10.236 1.00 14.00 ? 197 ILE A CA  1 
ATOM   1216 C C   . ILE A 1 194 ? 10.594  -0.779  -10.124 1.00 14.54 ? 197 ILE A C   1 
ATOM   1217 O O   . ILE A 1 194 ? 10.731  -1.331  -9.035  1.00 15.28 ? 197 ILE A O   1 
ATOM   1218 C CB  . ILE A 1 194 ? 8.398   0.342   -10.748 1.00 13.77 ? 197 ILE A CB  1 
ATOM   1219 C CG1 . ILE A 1 194 ? 7.590   1.642   -10.557 1.00 13.18 ? 197 ILE A CG1 1 
ATOM   1220 C CG2 . ILE A 1 194 ? 7.767   -0.828  -10.030 1.00 13.35 ? 197 ILE A CG2 1 
ATOM   1221 C CD1 . ILE A 1 194 ? 6.238   1.667   -11.333 1.00 11.66 ? 197 ILE A CD1 1 
ATOM   1222 N N   . TYR A 1 195 ? 11.067  -1.303  -11.254 1.00 16.09 ? 198 TYR A N   1 
ATOM   1223 C CA  . TYR A 1 195 ? 11.843  -2.545  -11.235 1.00 16.60 ? 198 TYR A CA  1 
ATOM   1224 C C   . TYR A 1 195 ? 13.108  -2.440  -10.354 1.00 13.82 ? 198 TYR A C   1 
ATOM   1225 O O   . TYR A 1 195 ? 13.407  -3.385  -9.613  1.00 18.45 ? 198 TYR A O   1 
ATOM   1226 C CB  . TYR A 1 195 ? 12.202  -3.004  -12.660 1.00 21.60 ? 198 TYR A CB  1 
ATOM   1227 C CG  . TYR A 1 195 ? 11.094  -3.760  -13.387 1.00 24.69 ? 198 TYR A CG  1 
ATOM   1228 C CD1 . TYR A 1 195 ? 9.781   -3.307  -13.384 1.00 27.20 ? 198 TYR A CD1 1 
ATOM   1229 C CD2 . TYR A 1 195 ? 11.369  -4.908  -14.106 1.00 28.45 ? 198 TYR A CD2 1 
ATOM   1230 C CE1 . TYR A 1 195 ? 8.775   -4.008  -14.044 1.00 28.64 ? 198 TYR A CE1 1 
ATOM   1231 C CE2 . TYR A 1 195 ? 10.368  -5.601  -14.780 1.00 29.56 ? 198 TYR A CE2 1 
ATOM   1232 C CZ  . TYR A 1 195 ? 9.083   -5.147  -14.758 1.00 28.25 ? 198 TYR A CZ  1 
ATOM   1233 O OH  . TYR A 1 195 ? 8.090   -5.848  -15.432 1.00 27.54 ? 198 TYR A OH  1 
ATOM   1234 N N   . GLU A 1 196 ? 13.826  -1.315  -10.418 1.00 14.80 ? 199 GLU A N   1 
ATOM   1235 C CA  . GLU A 1 196 ? 15.047  -1.120  -9.615  1.00 17.44 ? 199 GLU A CA  1 
ATOM   1236 C C   . GLU A 1 196 ? 14.732  -1.026  -8.112  1.00 16.75 ? 199 GLU A C   1 
ATOM   1237 O O   . GLU A 1 196 ? 15.498  -1.509  -7.256  1.00 15.23 ? 199 GLU A O   1 
ATOM   1238 C CB  . GLU A 1 196 ? 15.825  0.132   -10.043 1.00 19.35 ? 199 GLU A CB  1 
ATOM   1239 C CG  . GLU A 1 196 ? 16.615  -0.009  -11.319 1.00 22.23 ? 199 GLU A CG  1 
ATOM   1240 C CD  . GLU A 1 196 ? 17.813  0.934   -11.355 1.00 24.58 ? 199 GLU A CD  1 
ATOM   1241 O OE1 . GLU A 1 196 ? 18.720  0.817   -10.484 1.00 26.74 ? 199 GLU A OE1 1 
ATOM   1242 O OE2 . GLU A 1 196 ? 17.823  1.791   -12.240 1.00 27.25 ? 199 GLU A OE2 1 
ATOM   1243 N N   . ILE A 1 197 ? 13.615  -0.397  -7.781  1.00 12.91 ? 200 ILE A N   1 
ATOM   1244 C CA  . ILE A 1 197 ? 13.154  -0.399  -6.408  1.00 12.12 ? 200 ILE A CA  1 
ATOM   1245 C C   . ILE A 1 197 ? 12.892  -1.799  -5.907  1.00 16.02 ? 200 ILE A C   1 
ATOM   1246 O O   . ILE A 1 197 ? 13.326  -2.165  -4.812  1.00 17.60 ? 200 ILE A O   1 
ATOM   1247 C CB  . ILE A 1 197 ? 11.897  0.480   -6.241  1.00 14.70 ? 200 ILE A CB  1 
ATOM   1248 C CG1 . ILE A 1 197 ? 12.257  1.969   -6.451  1.00 11.95 ? 200 ILE A CG1 1 
ATOM   1249 C CG2 . ILE A 1 197 ? 11.249  0.253   -4.882  1.00 13.20 ? 200 ILE A CG2 1 
ATOM   1250 C CD1 . ILE A 1 197 ? 11.050  2.864   -6.734  1.00 12.14 ? 200 ILE A CD1 1 
ATOM   1251 N N   . PHE A 1 198 ? 12.174  -2.580  -6.708  1.00 15.56 ? 201 PHE A N   1 
ATOM   1252 C CA  . PHE A 1 198 ? 11.798  -3.955  -6.350  1.00 16.72 ? 201 PHE A CA  1 
ATOM   1253 C C   . PHE A 1 198 ? 13.056  -4.768  -6.135  1.00 17.37 ? 201 PHE A C   1 
ATOM   1254 O O   . PHE A 1 198 ? 13.130  -5.575  -5.193  1.00 18.99 ? 201 PHE A O   1 
ATOM   1255 C CB  . PHE A 1 198 ? 10.943  -4.578  -7.453  1.00 19.18 ? 201 PHE A CB  1 
ATOM   1256 C CG  . PHE A 1 198 ? 10.522  -5.976  -7.164  1.00 20.53 ? 201 PHE A CG  1 
ATOM   1257 C CD1 . PHE A 1 198 ? 9.598   -6.241  -6.173  1.00 22.11 ? 201 PHE A CD1 1 
ATOM   1258 C CD2 . PHE A 1 198 ? 11.098  -7.048  -7.850  1.00 23.48 ? 201 PHE A CD2 1 
ATOM   1259 C CE1 . PHE A 1 198 ? 9.223   -7.571  -5.889  1.00 22.81 ? 201 PHE A CE1 1 
ATOM   1260 C CE2 . PHE A 1 198 ? 10.716  -8.358  -7.577  1.00 21.39 ? 201 PHE A CE2 1 
ATOM   1261 C CZ  . PHE A 1 198 ? 9.796   -8.615  -6.598  1.00 22.91 ? 201 PHE A CZ  1 
ATOM   1262 N N   . GLN A 1 199 ? 14.060  -4.528  -6.967  1.00 19.66 ? 202 GLN A N   1 
ATOM   1263 C CA  . GLN A 1 199 ? 15.341  -5.218  -6.831  1.00 21.87 ? 202 GLN A CA  1 
ATOM   1264 C C   . GLN A 1 199 ? 16.045  -4.921  -5.497  1.00 23.00 ? 202 GLN A C   1 
ATOM   1265 O O   . GLN A 1 199 ? 16.708  -5.798  -4.960  1.00 20.39 ? 202 GLN A O   1 
ATOM   1266 C CB  . GLN A 1 199 ? 16.242  -4.943  -8.030  1.00 24.35 ? 202 GLN A CB  1 
ATOM   1267 C CG  . GLN A 1 199 ? 15.817  -5.769  -9.268  1.00 28.27 ? 202 GLN A CG  1 
ATOM   1268 N N   . LYS A 1 200 ? 15.845  -3.714  -4.955  1.00 19.91 ? 203 LYS A N   1 
ATOM   1269 C CA  . LYS A 1 200 ? 16.403  -3.327  -3.655  1.00 21.34 ? 203 LYS A CA  1 
ATOM   1270 C C   . LYS A 1 200 ? 15.711  -3.934  -2.442  1.00 20.74 ? 203 LYS A C   1 
ATOM   1271 O O   . LYS A 1 200 ? 16.295  -3.929  -1.344  1.00 20.70 ? 203 LYS A O   1 
ATOM   1272 C CB  . LYS A 1 200 ? 16.429  -1.803  -3.521  1.00 22.39 ? 203 LYS A CB  1 
ATOM   1273 C CG  . LYS A 1 200 ? 17.467  -1.156  -4.413  1.00 24.67 ? 203 LYS A CG  1 
ATOM   1274 C CD  . LYS A 1 200 ? 17.272  0.323   -4.514  1.00 26.89 ? 203 LYS A CD  1 
ATOM   1275 C CE  . LYS A 1 200 ? 18.104  0.903   -5.645  1.00 29.43 ? 203 LYS A CE  1 
ATOM   1276 N NZ  . LYS A 1 200 ? 19.561  0.657   -5.403  1.00 30.50 ? 203 LYS A NZ  1 
ATOM   1277 N N   . LEU A 1 201 ? 14.482  -4.440  -2.604  1.00 18.57 ? 204 LEU A N   1 
ATOM   1278 C CA  . LEU A 1 201 ? 13.716  -4.960  -1.473  1.00 18.94 ? 204 LEU A CA  1 
ATOM   1279 C C   . LEU A 1 201 ? 14.034  -6.431  -1.203  1.00 23.95 ? 204 LEU A C   1 
ATOM   1280 O O   . LEU A 1 201 ? 14.568  -7.126  -2.071  1.00 20.53 ? 204 LEU A O   1 
ATOM   1281 C CB  . LEU A 1 201 ? 12.198  -4.771  -1.712  1.00 19.15 ? 204 LEU A CB  1 
ATOM   1282 C CG  . LEU A 1 201 ? 11.777  -3.321  -2.039  1.00 15.33 ? 204 LEU A CG  1 
ATOM   1283 C CD1 . LEU A 1 201 ? 10.261  -3.209  -2.428  1.00 17.81 ? 204 LEU A CD1 1 
ATOM   1284 C CD2 . LEU A 1 201 ? 12.013  -2.425  -0.858  1.00 15.79 ? 204 LEU A CD2 1 
ATOM   1285 N N   . ASN A 1 202 ? 13.707  -6.891  0.003   1.00 22.03 ? 205 ASN A N   1 
ATOM   1286 C CA  . ASN A 1 202 ? 13.867  -8.296  0.375   1.00 25.32 ? 205 ASN A CA  1 
ATOM   1287 C C   . ASN A 1 202 ? 13.092  -9.259  -0.531  1.00 27.76 ? 205 ASN A C   1 
ATOM   1288 O O   . ASN A 1 202 ? 12.047  -8.908  -1.084  1.00 24.67 ? 205 ASN A O   1 
ATOM   1289 C CB  . ASN A 1 202 ? 13.460  -8.501  1.848   1.00 25.88 ? 205 ASN A CB  1 
ATOM   1290 C CG  . ASN A 1 202 ? 14.302  -7.658  2.817   1.00 25.27 ? 205 ASN A CG  1 
ATOM   1291 O OD1 . ASN A 1 202 ? 15.400  -7.215  2.482   1.00 27.11 ? 205 ASN A OD1 1 
ATOM   1292 N ND2 . ASN A 1 202 ? 13.778  -7.430  4.018   1.00 24.32 ? 205 ASN A ND2 1 
ATOM   1293 N N   . THR A 1 203 ? 13.604  -10.478 -0.704  1.00 28.75 ? 206 THR A N   1 
ATOM   1294 C CA  . THR A 1 203 ? 12.876  -11.489 -1.475  1.00 32.22 ? 206 THR A CA  1 
ATOM   1295 C C   . THR A 1 203 ? 11.493  -11.823 -0.891  1.00 29.88 ? 206 THR A C   1 
ATOM   1296 O O   . THR A 1 203 ? 10.540  -12.085 -1.646  1.00 32.25 ? 206 THR A O   1 
ATOM   1297 C CB  . THR A 1 203 ? 13.675  -12.811 -1.603  1.00 34.22 ? 206 THR A CB  1 
ATOM   1298 O OG1 . THR A 1 203 ? 15.070  -12.517 -1.719  1.00 37.55 ? 206 THR A OG1 1 
ATOM   1299 C CG2 . THR A 1 203 ? 13.208  -13.560 -2.810  1.00 37.16 ? 206 THR A CG2 1 
ATOM   1300 N N   . SER A 1 204 ? 11.374  -11.793 0.433   1.00 28.03 ? 207 SER A N   1 
ATOM   1301 C CA  . SER A 1 204 ? 10.151  -12.250 1.108   1.00 33.13 ? 207 SER A CA  1 
ATOM   1302 C C   . SER A 1 204 ? 8.928   -11.260 1.131   1.00 34.72 ? 207 SER A C   1 
ATOM   1303 O O   . SER A 1 204 ? 7.878   -11.595 1.686   1.00 38.97 ? 207 SER A O   1 
ATOM   1304 C CB  . SER A 1 204 ? 10.502  -12.682 2.540   1.00 36.43 ? 207 SER A CB  1 
ATOM   1305 O OG  . SER A 1 204 ? 11.187  -11.638 3.214   1.00 38.12 ? 207 SER A OG  1 
ATOM   1306 N N   . ILE A 1 205 ? 9.036   -10.090 0.522   1.00 33.52 ? 208 ILE A N   1 
ATOM   1307 C CA  . ILE A 1 205 ? 7.937   -9.080  0.596   1.00 30.79 ? 208 ILE A CA  1 
ATOM   1308 C C   . ILE A 1 205 ? 6.547   -9.551  0.108   1.00 26.28 ? 208 ILE A C   1 
ATOM   1309 O O   . ILE A 1 205 ? 6.432   -10.414 -0.745  1.00 27.03 ? 208 ILE A O   1 
ATOM   1310 C CB  . ILE A 1 205 ? 8.279   -7.771  -0.163  1.00 31.62 ? 208 ILE A CB  1 
ATOM   1311 C CG1 . ILE A 1 205 ? 8.776   -8.053  -1.577  1.00 32.78 ? 208 ILE A CG1 1 
ATOM   1312 C CG2 . ILE A 1 205 ? 9.289   -6.949  0.602   1.00 35.65 ? 208 ILE A CG2 1 
ATOM   1313 C CD1 . ILE A 1 205 ? 8.923   -6.792  -2.398  1.00 33.13 ? 208 ILE A CD1 1 
ATOM   1314 N N   . GLN A 1 206 ? 5.501   -8.970  0.678   1.00 22.72 ? 209 GLN A N   1 
ATOM   1315 C CA  . GLN A 1 206 ? 4.161   -9.011  0.060   1.00 19.17 ? 209 GLN A CA  1 
ATOM   1316 C C   . GLN A 1 206 ? 4.075   -7.858  -0.955  1.00 18.45 ? 209 GLN A C   1 
ATOM   1317 O O   . GLN A 1 206 ? 4.510   -6.715  -0.673  1.00 17.30 ? 209 GLN A O   1 
ATOM   1318 C CB  . GLN A 1 206 ? 3.099   -8.845  1.129   1.00 20.43 ? 209 GLN A CB  1 
ATOM   1319 C CG  . GLN A 1 206 ? 1.700   -8.651  0.639   1.00 19.13 ? 209 GLN A CG  1 
ATOM   1320 C CD  . GLN A 1 206 ? 0.746   -8.338  1.759   1.00 23.06 ? 209 GLN A CD  1 
ATOM   1321 O OE1 . GLN A 1 206 ? 1.102   -7.657  2.740   1.00 26.10 ? 209 GLN A OE1 1 
ATOM   1322 N NE2 . GLN A 1 206 ? -0.478  -8.800  1.625   1.00 21.35 ? 209 GLN A NE2 1 
ATOM   1323 N N   . VAL A 1 207 ? 3.494   -8.148  -2.113  1.00 18.96 ? 210 VAL A N   1 
ATOM   1324 C CA  . VAL A 1 207 ? 3.212   -7.127  -3.125  1.00 17.78 ? 210 VAL A CA  1 
ATOM   1325 C C   . VAL A 1 207 ? 1.707   -7.014  -3.355  1.00 16.66 ? 210 VAL A C   1 
ATOM   1326 O O   . VAL A 1 207 ? 1.015   -8.015  -3.588  1.00 16.56 ? 210 VAL A O   1 
ATOM   1327 C CB  . VAL A 1 207 ? 3.947   -7.411  -4.473  1.00 18.18 ? 210 VAL A CB  1 
ATOM   1328 C CG1 . VAL A 1 207 ? 3.690   -6.253  -5.498  1.00 15.26 ? 210 VAL A CG1 1 
ATOM   1329 C CG2 . VAL A 1 207 ? 5.471   -7.643  -4.238  1.00 16.32 ? 210 VAL A CG2 1 
ATOM   1330 N N   . VAL A 1 208 ? 1.191   -5.788  -3.254  1.00 15.53 ? 211 VAL A N   1 
ATOM   1331 C CA  . VAL A 1 208 ? -0.214  -5.502  -3.583  1.00 15.35 ? 211 VAL A CA  1 
ATOM   1332 C C   . VAL A 1 208 ? -0.218  -4.465  -4.701  1.00 15.05 ? 211 VAL A C   1 
ATOM   1333 O O   . VAL A 1 208 ? 0.436   -3.435  -4.585  1.00 14.32 ? 211 VAL A O   1 
ATOM   1334 C CB  . VAL A 1 208 ? -0.990  -4.962  -2.350  1.00 16.39 ? 211 VAL A CB  1 
ATOM   1335 C CG1 . VAL A 1 208 ? -2.460  -4.609  -2.707  1.00 15.51 ? 211 VAL A CG1 1 
ATOM   1336 C CG2 . VAL A 1 208 ? -0.912  -5.937  -1.208  1.00 15.11 ? 211 VAL A CG2 1 
ATOM   1337 N N   . LEU A 1 209 ? -0.938  -4.760  -5.793  1.00 15.17 ? 212 LEU A N   1 
ATOM   1338 C CA  . LEU A 1 209 ? -0.970  -3.916  -6.956  1.00 13.60 ? 212 LEU A CA  1 
ATOM   1339 C C   . LEU A 1 209 ? -2.420  -3.597  -7.230  1.00 14.48 ? 212 LEU A C   1 
ATOM   1340 O O   . LEU A 1 209 ? -3.277  -4.503  -7.272  1.00 19.99 ? 212 LEU A O   1 
ATOM   1341 C CB  . LEU A 1 209 ? -0.316  -4.607  -8.166  1.00 16.20 ? 212 LEU A CB  1 
ATOM   1342 C CG  . LEU A 1 209 ? -0.356  -3.807  -9.486  1.00 17.84 ? 212 LEU A CG  1 
ATOM   1343 C CD1 . LEU A 1 209 ? 0.936   -3.978  -10.316 1.00 18.00 ? 212 LEU A CD1 1 
ATOM   1344 C CD2 . LEU A 1 209 ? -1.634  -4.071  -10.348 1.00 18.08 ? 212 LEU A CD2 1 
ATOM   1345 N N   . LEU A 1 210 ? -2.692  -2.308  -7.368  1.00 13.99 ? 213 LEU A N   1 
ATOM   1346 C CA  . LEU A 1 210 ? -4.031  -1.805  -7.614  1.00 18.48 ? 213 LEU A CA  1 
ATOM   1347 C C   . LEU A 1 210 ? -4.017  -1.004  -8.897  1.00 17.17 ? 213 LEU A C   1 
ATOM   1348 O O   . LEU A 1 210 ? -3.101  -0.193  -9.110  1.00 17.20 ? 213 LEU A O   1 
ATOM   1349 C CB  . LEU A 1 210 ? -4.512  -0.961  -6.437  1.00 19.88 ? 213 LEU A CB  1 
ATOM   1350 C CG  . LEU A 1 210 ? -4.442  -1.743  -5.107  1.00 18.04 ? 213 LEU A CG  1 
ATOM   1351 C CD1 . LEU A 1 210 ? -3.286  -1.150  -4.248  1.00 17.23 ? 213 LEU A CD1 1 
ATOM   1352 C CD2 . LEU A 1 210 ? -5.731  -1.734  -4.385  1.00 17.17 ? 213 LEU A CD2 1 
ATOM   1353 N N   . SER A 1 211 ? -5.021  -1.241  -9.757  1.00 20.60 ? 214 SER A N   1 
ATOM   1354 C CA  . SER A 1 211 ? -5.085  -0.577  -11.058 1.00 21.08 ? 214 SER A CA  1 
ATOM   1355 C C   . SER A 1 211 ? -6.501  -0.645  -11.647 1.00 20.24 ? 214 SER A C   1 
ATOM   1356 O O   . SER A 1 211 ? -7.146  -1.685  -11.594 1.00 19.79 ? 214 SER A O   1 
ATOM   1357 C CB  . SER A 1 211 ? -4.097  -1.226  -12.035 1.00 23.98 ? 214 SER A CB  1 
ATOM   1358 O OG  . SER A 1 211 ? -3.753  -0.344  -13.070 1.00 20.85 ? 214 SER A OG  1 
ATOM   1359 N N   . ALA A 1 212 ? -6.948  0.476   -12.198 1.00 20.60 ? 215 ALA A N   1 
ATOM   1360 C CA  . ALA A 1 212 ? -8.288  0.594   -12.806 1.00 21.76 ? 215 ALA A CA  1 
ATOM   1361 C C   . ALA A 1 212 ? -8.332  -0.243  -14.079 1.00 23.51 ? 215 ALA A C   1 
ATOM   1362 O O   . ALA A 1 212 ? -9.330  -0.934  -14.344 1.00 25.13 ? 215 ALA A O   1 
ATOM   1363 C CB  . ALA A 1 212 ? -8.637  2.087   -13.092 1.00 21.79 ? 215 ALA A CB  1 
ATOM   1364 N N   . THR A 1 213 ? -7.234  -0.213  -14.838 1.00 21.20 ? 216 THR A N   1 
ATOM   1365 C CA  . THR A 1 213 ? -7.069  -1.039  -16.031 1.00 22.33 ? 216 THR A CA  1 
ATOM   1366 C C   . THR A 1 213 ? -5.918  -2.014  -15.863 1.00 27.01 ? 216 THR A C   1 
ATOM   1367 O O   . THR A 1 213 ? -5.009  -1.803  -15.034 1.00 25.42 ? 216 THR A O   1 
ATOM   1368 C CB  . THR A 1 213 ? -6.791  -0.179  -17.255 1.00 22.05 ? 216 THR A CB  1 
ATOM   1369 O OG1 . THR A 1 213 ? -5.473  0.390   -17.164 1.00 20.61 ? 216 THR A OG1 1 
ATOM   1370 C CG2 . THR A 1 213 ? -7.837  0.924   -17.380 1.00 24.91 ? 216 THR A CG2 1 
ATOM   1371 N N   . MET A 1 214 ? -5.928  -3.065  -16.674 1.00 26.66 ? 217 MET A N   1 
ATOM   1372 C CA  . MET A 1 214 ? -4.911  -4.084  -16.601 1.00 25.94 ? 217 MET A CA  1 
ATOM   1373 C C   . MET A 1 214 ? -4.251  -4.288  -17.962 1.00 28.79 ? 217 MET A C   1 
ATOM   1374 O O   . MET A 1 214 ? -4.406  -5.341  -18.571 1.00 32.86 ? 217 MET A O   1 
ATOM   1375 C CB  . MET A 1 214 ? -5.524  -5.390  -16.077 1.00 26.64 ? 217 MET A CB  1 
ATOM   1376 C CG  . MET A 1 214 ? -6.040  -5.328  -14.629 1.00 28.27 ? 217 MET A CG  1 
ATOM   1377 S SD  . MET A 1 214 ? -4.670  -5.235  -13.438 1.00 29.27 ? 217 MET A SD  1 
ATOM   1378 C CE  . MET A 1 214 ? -5.500  -4.870  -11.883 1.00 28.18 ? 217 MET A CE  1 
ATOM   1379 N N   . PRO A 1 215 ? -3.528  -3.274  -18.456 1.00 27.76 ? 218 PRO A N   1 
ATOM   1380 C CA  . PRO A 1 215 ? -2.830  -3.475  -19.730 1.00 30.01 ? 218 PRO A CA  1 
ATOM   1381 C C   . PRO A 1 215 ? -1.642  -4.443  -19.640 1.00 34.05 ? 218 PRO A C   1 
ATOM   1382 O O   . PRO A 1 215 ? -1.225  -4.861  -18.551 1.00 32.03 ? 218 PRO A O   1 
ATOM   1383 C CB  . PRO A 1 215 ? -2.355  -2.064  -20.098 1.00 28.93 ? 218 PRO A CB  1 
ATOM   1384 C CG  . PRO A 1 215 ? -2.231  -1.354  -18.798 1.00 28.11 ? 218 PRO A CG  1 
ATOM   1385 C CD  . PRO A 1 215 ? -3.340  -1.908  -17.945 1.00 27.99 ? 218 PRO A CD  1 
ATOM   1386 N N   . THR A 1 216 ? -1.097  -4.777  -20.801 1.00 36.87 ? 219 THR A N   1 
ATOM   1387 C CA  . THR A 1 216 ? 0.009   -5.733  -20.916 1.00 36.09 ? 219 THR A CA  1 
ATOM   1388 C C   . THR A 1 216 ? 1.141   -5.439  -19.953 1.00 32.71 ? 219 THR A C   1 
ATOM   1389 O O   . THR A 1 216 ? 1.578   -6.331  -19.243 1.00 30.25 ? 219 THR A O   1 
ATOM   1390 C CB  . THR A 1 216 ? 0.553   -5.747  -22.361 1.00 37.52 ? 219 THR A CB  1 
ATOM   1391 O OG1 . THR A 1 216 ? -0.528  -6.048  -23.243 1.00 39.57 ? 219 THR A OG1 1 
ATOM   1392 C CG2 . THR A 1 216 ? 1.671   -6.785  -22.533 1.00 38.43 ? 219 THR A CG2 1 
ATOM   1393 N N   . ASP A 1 217 ? 1.601   -4.189  -19.941 1.00 30.02 ? 220 ASP A N   1 
ATOM   1394 C CA  . ASP A 1 217 ? 2.672   -3.753  -19.081 1.00 29.19 ? 220 ASP A CA  1 
ATOM   1395 C C   . ASP A 1 217 ? 2.385   -4.036  -17.595 1.00 28.20 ? 220 ASP A C   1 
ATOM   1396 O O   . ASP A 1 217 ? 3.272   -4.489  -16.868 1.00 25.70 ? 220 ASP A O   1 
ATOM   1397 C CB  . ASP A 1 217 ? 2.934   -2.259  -19.287 1.00 32.97 ? 220 ASP A CB  1 
ATOM   1398 N N   . VAL A 1 218 ? 1.155   -3.772  -17.160 1.00 27.27 ? 221 VAL A N   1 
ATOM   1399 C CA  . VAL A 1 218 ? 0.749   -4.046  -15.775 1.00 24.17 ? 221 VAL A CA  1 
ATOM   1400 C C   . VAL A 1 218 ? 0.797   -5.538  -15.499 1.00 25.56 ? 221 VAL A C   1 
ATOM   1401 O O   . VAL A 1 218 ? 1.349   -5.974  -14.486 1.00 22.70 ? 221 VAL A O   1 
ATOM   1402 C CB  . VAL A 1 218 ? -0.656  -3.490  -15.468 1.00 24.05 ? 221 VAL A CB  1 
ATOM   1403 C CG1 . VAL A 1 218 ? -1.195  -4.038  -14.136 1.00 22.37 ? 221 VAL A CG1 1 
ATOM   1404 C CG2 . VAL A 1 218 ? -0.631  -1.979  -15.471 1.00 22.63 ? 221 VAL A CG2 1 
ATOM   1405 N N   . LEU A 1 219 ? 0.247   -6.341  -16.409 1.00 26.31 ? 222 LEU A N   1 
ATOM   1406 C CA  . LEU A 1 219 ? 0.288   -7.785  -16.233 1.00 26.18 ? 222 LEU A CA  1 
ATOM   1407 C C   . LEU A 1 219 ? 1.723   -8.352  -16.178 1.00 26.23 ? 222 LEU A C   1 
ATOM   1408 O O   . LEU A 1 219 ? 1.981   -9.287  -15.439 1.00 25.33 ? 222 LEU A O   1 
ATOM   1409 C CB  . LEU A 1 219 ? -0.568  -8.474  -17.308 1.00 31.18 ? 222 LEU A CB  1 
ATOM   1410 C CG  . LEU A 1 219 ? -2.078  -8.213  -17.145 1.00 31.57 ? 222 LEU A CG  1 
ATOM   1411 C CD1 . LEU A 1 219 ? -2.876  -8.973  -18.201 1.00 35.46 ? 222 LEU A CD1 1 
ATOM   1412 C CD2 . LEU A 1 219 ? -2.553  -8.578  -15.721 1.00 32.36 ? 222 LEU A CD2 1 
ATOM   1413 N N   . GLU A 1 220 ? 2.645   -7.763  -16.934 1.00 25.22 ? 223 GLU A N   1 
ATOM   1414 C CA  . GLU A 1 220 ? 4.055   -8.145  -16.882 1.00 28.81 ? 223 GLU A CA  1 
ATOM   1415 C C   . GLU A 1 220 ? 4.660   -7.945  -15.500 1.00 26.69 ? 223 GLU A C   1 
ATOM   1416 O O   . GLU A 1 220 ? 5.420   -8.765  -15.036 1.00 25.72 ? 223 GLU A O   1 
ATOM   1417 C CB  . GLU A 1 220 ? 4.878   -7.332  -17.871 1.00 32.18 ? 223 GLU A CB  1 
ATOM   1418 C CG  . GLU A 1 220 ? 4.880   -7.887  -19.269 1.00 36.33 ? 223 GLU A CG  1 
ATOM   1419 C CD  . GLU A 1 220 ? 5.665   -7.020  -20.232 1.00 38.77 ? 223 GLU A CD  1 
ATOM   1420 O OE1 . GLU A 1 220 ? 5.353   -7.078  -21.452 1.00 42.83 ? 223 GLU A OE1 1 
ATOM   1421 O OE2 . GLU A 1 220 ? 6.577   -6.283  -19.772 1.00 42.05 ? 223 GLU A OE2 1 
ATOM   1422 N N   . VAL A 1 221 ? 4.331   -6.827  -14.859 1.00 27.19 ? 224 VAL A N   1 
ATOM   1423 C CA  . VAL A 1 221 ? 4.854   -6.528  -13.524 1.00 24.71 ? 224 VAL A CA  1 
ATOM   1424 C C   . VAL A 1 221 ? 4.339   -7.532  -12.488 1.00 23.40 ? 224 VAL A C   1 
ATOM   1425 O O   . VAL A 1 221 ? 5.098   -7.969  -11.620 1.00 24.88 ? 224 VAL A O   1 
ATOM   1426 C CB  . VAL A 1 221 ? 4.477   -5.102  -13.094 1.00 27.16 ? 224 VAL A CB  1 
ATOM   1427 C CG1 . VAL A 1 221 ? 4.873   -4.854  -11.645 1.00 24.87 ? 224 VAL A CG1 1 
ATOM   1428 C CG2 . VAL A 1 221 ? 5.130   -4.074  -14.032 1.00 28.18 ? 224 VAL A CG2 1 
ATOM   1429 N N   . THR A 1 222 ? 3.065   -7.910  -12.582 1.00 20.90 ? 225 THR A N   1 
ATOM   1430 C CA  . THR A 1 222 ? 2.483   -8.847  -11.624 1.00 24.25 ? 225 THR A CA  1 
ATOM   1431 C C   . THR A 1 222 ? 3.142   -10.221 -11.750 1.00 25.85 ? 225 THR A C   1 
ATOM   1432 O O   . THR A 1 222 ? 3.377   -10.906 -10.744 1.00 28.37 ? 225 THR A O   1 
ATOM   1433 C CB  . THR A 1 222 ? 0.919   -8.980  -11.769 1.00 24.91 ? 225 THR A CB  1 
ATOM   1434 O OG1 . THR A 1 222 ? 0.593   -9.619  -13.001 1.00 24.06 ? 225 THR A OG1 1 
ATOM   1435 C CG2 . THR A 1 222 ? 0.240   -7.634  -11.740 1.00 20.99 ? 225 THR A CG2 1 
ATOM   1436 N N   . LYS A 1 223 ? 3.468   -10.614 -12.979 1.00 24.74 ? 226 LYS A N   1 
ATOM   1437 C CA  . LYS A 1 223 ? 4.123   -11.897 -13.215 1.00 25.12 ? 226 LYS A CA  1 
ATOM   1438 C C   . LYS A 1 223 ? 5.539   -11.901 -12.689 1.00 23.62 ? 226 LYS A C   1 
ATOM   1439 O O   . LYS A 1 223 ? 6.012   -12.898 -12.193 1.00 26.52 ? 226 LYS A O   1 
ATOM   1440 C CB  . LYS A 1 223 ? 4.134   -12.243 -14.717 1.00 25.38 ? 226 LYS A CB  1 
ATOM   1441 C CG  . LYS A 1 223 ? 2.768   -12.467 -15.292 1.00 28.94 ? 226 LYS A CG  1 
ATOM   1442 N N   . LYS A 1 224 ? 6.230   -10.789 -12.817 1.00 22.81 ? 227 LYS A N   1 
ATOM   1443 C CA  . LYS A 1 224 ? 7.588   -10.676 -12.319 1.00 25.13 ? 227 LYS A CA  1 
ATOM   1444 C C   . LYS A 1 224 ? 7.683   -10.556 -10.780 1.00 23.40 ? 227 LYS A C   1 
ATOM   1445 O O   . LYS A 1 224 ? 8.528   -11.175 -10.174 1.00 28.63 ? 227 LYS A O   1 
ATOM   1446 C CB  . LYS A 1 224 ? 8.268   -9.473  -12.956 1.00 30.06 ? 227 LYS A CB  1 
ATOM   1447 C CG  . LYS A 1 224 ? 9.774   -9.429  -12.707 1.00 34.53 ? 227 LYS A CG  1 
ATOM   1448 C CD  . LYS A 1 224 ? 10.579  -9.093  -13.974 1.00 36.60 ? 227 LYS A CD  1 
ATOM   1449 C CE  . LYS A 1 224 ? 11.996  -9.686  -13.934 1.00 36.57 ? 227 LYS A CE  1 
ATOM   1450 N NZ  . LYS A 1 224 ? 12.654  -9.670  -15.277 1.00 37.68 ? 227 LYS A NZ  1 
ATOM   1451 N N   . PHE A 1 225 ? 6.821   -9.736  -10.191 1.00 23.15 ? 228 PHE A N   1 
ATOM   1452 C CA  . PHE A 1 225 ? 6.856   -9.382  -8.759  1.00 24.01 ? 228 PHE A CA  1 
ATOM   1453 C C   . PHE A 1 225 ? 6.081   -10.292 -7.825  1.00 23.71 ? 228 PHE A C   1 
ATOM   1454 O O   . PHE A 1 225 ? 6.287   -10.224 -6.610  1.00 24.38 ? 228 PHE A O   1 
ATOM   1455 C CB  . PHE A 1 225 ? 6.254   -7.990  -8.534  1.00 22.80 ? 228 PHE A CB  1 
ATOM   1456 C CG  . PHE A 1 225 ? 7.086   -6.861  -9.051  1.00 24.69 ? 228 PHE A CG  1 
ATOM   1457 C CD1 . PHE A 1 225 ? 8.161   -7.066  -9.934  1.00 24.64 ? 228 PHE A CD1 1 
ATOM   1458 C CD2 . PHE A 1 225 ? 6.766   -5.553  -8.670  1.00 24.17 ? 228 PHE A CD2 1 
ATOM   1459 C CE1 . PHE A 1 225 ? 8.907   -5.993  -10.405 1.00 24.47 ? 228 PHE A CE1 1 
ATOM   1460 C CE2 . PHE A 1 225 ? 7.517   -4.472  -9.134  1.00 25.99 ? 228 PHE A CE2 1 
ATOM   1461 C CZ  . PHE A 1 225 ? 8.589   -4.698  -10.007 1.00 24.64 ? 228 PHE A CZ  1 
ATOM   1462 N N   . MET A 1 226 ? 5.151   -11.085 -8.347  1.00 23.27 ? 229 MET A N   1 
ATOM   1463 C CA  . MET A 1 226 ? 4.237   -11.801 -7.475  1.00 26.23 ? 229 MET A CA  1 
ATOM   1464 C C   . MET A 1 226 ? 4.317   -13.311 -7.614  1.00 28.57 ? 229 MET A C   1 
ATOM   1465 O O   . MET A 1 226 ? 4.784   -13.837 -8.628  1.00 25.82 ? 229 MET A O   1 
ATOM   1466 C CB  . MET A 1 226 ? 2.803   -11.350 -7.699  1.00 27.32 ? 229 MET A CB  1 
ATOM   1467 C CG  . MET A 1 226 ? 2.578   -9.877  -7.493  1.00 26.54 ? 229 MET A CG  1 
ATOM   1468 S SD  . MET A 1 226 ? 0.869   -9.460  -7.800  1.00 28.80 ? 229 MET A SD  1 
ATOM   1469 C CE  . MET A 1 226 ? 0.784   -7.805  -7.215  1.00 24.99 ? 229 MET A CE  1 
ATOM   1470 N N   . ARG A 1 227 ? 3.864   -13.975 -6.556  1.00 27.55 ? 230 ARG A N   1 
ATOM   1471 C CA  . ARG A 1 227 ? 3.870   -15.431 -6.446  1.00 32.03 ? 230 ARG A CA  1 
ATOM   1472 C C   . ARG A 1 227 ? 2.444   -15.886 -6.086  1.00 32.15 ? 230 ARG A C   1 
ATOM   1473 O O   . ARG A 1 227 ? 1.917   -15.566 -4.999  1.00 29.47 ? 230 ARG A O   1 
ATOM   1474 C CB  . ARG A 1 227 ? 4.895   -15.874 -5.384  1.00 34.35 ? 230 ARG A CB  1 
ATOM   1475 N N   . ASP A 1 228 ? 1.819   -16.591 -7.023  1.00 31.66 ? 231 ASP A N   1 
ATOM   1476 C CA  . ASP A 1 228 ? 0.450   -17.087 -6.875  1.00 33.01 ? 231 ASP A CA  1 
ATOM   1477 C C   . ASP A 1 228 ? -0.493  -16.038 -6.270  1.00 31.91 ? 231 ASP A C   1 
ATOM   1478 O O   . ASP A 1 228 ? -1.072  -16.269 -5.212  1.00 32.02 ? 231 ASP A O   1 
ATOM   1479 C CB  . ASP A 1 228 ? 0.444   -18.382 -6.036  1.00 35.34 ? 231 ASP A CB  1 
ATOM   1480 N N   . PRO A 1 229 ? -0.638  -14.883 -6.946  1.00 29.82 ? 232 PRO A N   1 
ATOM   1481 C CA  . PRO A 1 229 ? -1.394  -13.781 -6.369  1.00 29.39 ? 232 PRO A CA  1 
ATOM   1482 C C   . PRO A 1 229 ? -2.890  -14.053 -6.329  1.00 32.35 ? 232 PRO A C   1 
ATOM   1483 O O   . PRO A 1 229 ? -3.416  -14.795 -7.175  1.00 32.62 ? 232 PRO A O   1 
ATOM   1484 C CB  . PRO A 1 229 ? -1.080  -12.611 -7.305  1.00 28.59 ? 232 PRO A CB  1 
ATOM   1485 C CG  . PRO A 1 229 ? -0.799  -13.264 -8.621  1.00 28.72 ? 232 PRO A CG  1 
ATOM   1486 C CD  . PRO A 1 229 ? -0.092  -14.538 -8.274  1.00 30.06 ? 232 PRO A CD  1 
ATOM   1487 N N   . ILE A 1 230 ? -3.556  -13.475 -5.329  1.00 32.07 ? 233 ILE A N   1 
ATOM   1488 C CA  . ILE A 1 230 ? -4.995  -13.349 -5.327  1.00 30.17 ? 233 ILE A CA  1 
ATOM   1489 C C   . ILE A 1 230 ? -5.355  -12.291 -6.361  1.00 31.38 ? 233 ILE A C   1 
ATOM   1490 O O   . ILE A 1 230 ? -4.718  -11.240 -6.441  1.00 25.88 ? 233 ILE A O   1 
ATOM   1491 C CB  . ILE A 1 230 ? -5.532  -12.946 -3.916  1.00 33.28 ? 233 ILE A CB  1 
ATOM   1492 C CG1 . ILE A 1 230 ? -5.249  -14.059 -2.876  1.00 34.70 ? 233 ILE A CG1 1 
ATOM   1493 C CG2 . ILE A 1 230 ? -7.003  -12.597 -3.971  1.00 32.50 ? 233 ILE A CG2 1 
ATOM   1494 C CD1 . ILE A 1 230 ? -5.730  -15.427 -3.269  1.00 36.60 ? 233 ILE A CD1 1 
ATOM   1495 N N   . ARG A 1 231 ? -6.365  -12.594 -7.170  1.00 31.23 ? 234 ARG A N   1 
ATOM   1496 C CA  . ARG A 1 231 ? -6.844  -11.713 -8.234  1.00 31.71 ? 234 ARG A CA  1 
ATOM   1497 C C   . ARG A 1 231 ? -8.273  -11.290 -7.933  1.00 31.03 ? 234 ARG A C   1 
ATOM   1498 O O   . ARG A 1 231 ? -9.125  -12.123 -7.620  1.00 28.78 ? 234 ARG A O   1 
ATOM   1499 C CB  . ARG A 1 231 ? -6.748  -12.431 -9.581  1.00 33.22 ? 234 ARG A CB  1 
ATOM   1500 C CG  . ARG A 1 231 ? -5.313  -12.786 -9.946  1.00 34.84 ? 234 ARG A CG  1 
ATOM   1501 C CD  . ARG A 1 231 ? -5.196  -13.734 -11.154 1.00 38.41 ? 234 ARG A CD  1 
ATOM   1502 N NE  . ARG A 1 231 ? -3.873  -13.592 -11.771 1.00 42.16 ? 234 ARG A NE  1 
ATOM   1503 C CZ  . ARG A 1 231 ? -2.808  -14.360 -11.527 1.00 44.21 ? 234 ARG A CZ  1 
ATOM   1504 N NH1 . ARG A 1 231 ? -2.869  -15.388 -10.682 1.00 47.79 ? 234 ARG A NH1 1 
ATOM   1505 N NH2 . ARG A 1 231 ? -1.661  -14.102 -12.148 1.00 43.76 ? 234 ARG A NH2 1 
ATOM   1506 N N   . ILE A 1 232 ? -8.508  -9.983  -7.983  1.00 31.58 ? 235 ILE A N   1 
ATOM   1507 C CA  . ILE A 1 232 ? -9.798  -9.383  -7.678  1.00 33.44 ? 235 ILE A CA  1 
ATOM   1508 C C   . ILE A 1 232 ? -10.075 -8.357  -8.775  1.00 34.10 ? 235 ILE A C   1 
ATOM   1509 O O   . ILE A 1 232 ? -9.601  -7.225  -8.708  1.00 32.20 ? 235 ILE A O   1 
ATOM   1510 C CB  . ILE A 1 232 ? -9.770  -8.698  -6.268  1.00 33.36 ? 235 ILE A CB  1 
ATOM   1511 C CG1 . ILE A 1 232 ? -9.341  -9.714  -5.198  1.00 34.84 ? 235 ILE A CG1 1 
ATOM   1512 C CG2 . ILE A 1 232 ? -11.131 -8.060  -5.927  1.00 31.82 ? 235 ILE A CG2 1 
ATOM   1513 C CD1 . ILE A 1 232 ? -9.285  -9.170  -3.800  1.00 33.47 ? 235 ILE A CD1 1 
ATOM   1514 N N   . LEU A 1 233 ? -10.829 -8.752  -9.797  1.00 39.06 ? 236 LEU A N   1 
ATOM   1515 C CA  . LEU A 1 233 ? -10.874 -7.982  -11.048 1.00 42.10 ? 236 LEU A CA  1 
ATOM   1516 C C   . LEU A 1 233 ? -12.257 -7.459  -11.383 1.00 44.15 ? 236 LEU A C   1 
ATOM   1517 O O   . LEU A 1 233 ? -13.205 -8.221  -11.438 1.00 46.72 ? 236 LEU A O   1 
ATOM   1518 C CB  . LEU A 1 233 ? -10.336 -8.828  -12.213 1.00 43.02 ? 236 LEU A CB  1 
ATOM   1519 C CG  . LEU A 1 233 ? -8.918  -9.385  -12.023 1.00 44.11 ? 236 LEU A CG  1 
ATOM   1520 C CD1 . LEU A 1 233 ? -8.558  -10.372 -13.129 1.00 45.78 ? 236 LEU A CD1 1 
ATOM   1521 C CD2 . LEU A 1 233 ? -7.892  -8.264  -11.935 1.00 43.48 ? 236 LEU A CD2 1 
HETATM 1522 O O   . HOH B 2 .   ? 13.174  -0.443  6.702   1.00 15.39 ? 241 HOH A O   1 
HETATM 1523 O O   . HOH B 2 .   ? 18.736  8.183   -7.358  1.00 15.57 ? 242 HOH A O   1 
HETATM 1524 O O   . HOH B 2 .   ? -6.491  3.992   14.398  1.00 16.67 ? 243 HOH A O   1 
HETATM 1525 O O   . HOH B 2 .   ? -10.123 8.130   11.651  1.00 14.94 ? 244 HOH A O   1 
HETATM 1526 O O   . HOH B 2 .   ? 13.518  1.650   8.406   1.00 13.53 ? 245 HOH A O   1 
HETATM 1527 O O   . HOH B 2 .   ? -5.083  6.260   -3.717  1.00 18.03 ? 246 HOH A O   1 
HETATM 1528 O O   . HOH B 2 .   ? -5.574  2.856   -11.879 1.00 17.31 ? 247 HOH A O   1 
HETATM 1529 O O   . HOH B 2 .   ? -12.833 -0.689  18.044  1.00 19.43 ? 248 HOH A O   1 
HETATM 1530 O O   . HOH B 2 .   ? -12.019 -8.867  2.695   1.00 24.43 ? 249 HOH A O   1 
HETATM 1531 O O   . HOH B 2 .   ? 12.561  -5.047  1.809   1.00 12.20 ? 250 HOH A O   1 
HETATM 1532 O O   . HOH B 2 .   ? -6.911  3.297   20.442  1.00 13.86 ? 251 HOH A O   1 
HETATM 1533 O O   . HOH B 2 .   ? 14.530  3.810   6.851   1.00 16.69 ? 252 HOH A O   1 
HETATM 1534 O O   . HOH B 2 .   ? 8.723   -6.195  16.668  1.00 18.72 ? 253 HOH A O   1 
HETATM 1535 O O   . HOH B 2 .   ? 4.778   -3.477  17.973  1.00 18.09 ? 254 HOH A O   1 
HETATM 1536 O O   . HOH B 2 .   ? -9.638  9.851   -1.734  1.00 15.49 ? 255 HOH A O   1 
HETATM 1537 O O   . HOH B 2 .   ? -15.555 -1.418  -4.360  1.00 26.53 ? 256 HOH A O   1 
HETATM 1538 O O   . HOH B 2 .   ? -5.645  -2.441  19.146  1.00 20.26 ? 257 HOH A O   1 
HETATM 1539 O O   . HOH B 2 .   ? 9.738   -5.330  9.573   1.00 15.00 ? 258 HOH A O   1 
HETATM 1540 O O   . HOH B 2 .   ? 14.096  5.771   -15.912 1.00 19.35 ? 259 HOH A O   1 
HETATM 1541 O O   . HOH B 2 .   ? -3.562  15.450  -2.301  1.00 13.98 ? 260 HOH A O   1 
HETATM 1542 O O   . HOH B 2 .   ? -0.634  -2.988  13.879  1.00 19.07 ? 261 HOH A O   1 
HETATM 1543 O O   . HOH B 2 .   ? 5.757   13.661  5.239   1.00 19.47 ? 262 HOH A O   1 
HETATM 1544 O O   . HOH B 2 .   ? 17.662  -0.376  8.681   1.00 18.66 ? 263 HOH A O   1 
HETATM 1545 O O   . HOH B 2 .   ? 6.859   2.571   -17.887 1.00 22.06 ? 264 HOH A O   1 
HETATM 1546 O O   . HOH B 2 .   ? -0.004  -4.522  2.844   1.00 31.58 ? 265 HOH A O   1 
HETATM 1547 O O   . HOH B 2 .   ? 14.624  13.133  -4.733  1.00 17.50 ? 266 HOH A O   1 
HETATM 1548 O O   . HOH B 2 .   ? 8.474   8.920   -10.739 1.00 25.98 ? 267 HOH A O   1 
HETATM 1549 O O   . HOH B 2 .   ? 13.394  11.772  -2.680  1.00 22.02 ? 268 HOH A O   1 
HETATM 1550 O O   . HOH B 2 .   ? -19.238 -2.899  8.970   1.00 25.49 ? 269 HOH A O   1 
HETATM 1551 O O   . HOH B 2 .   ? -14.014 7.689   -3.362  1.00 20.70 ? 270 HOH A O   1 
HETATM 1552 O O   . HOH B 2 .   ? 12.387  5.774   6.455   1.00 18.90 ? 271 HOH A O   1 
HETATM 1553 O O   . HOH B 2 .   ? 11.660  13.342  -1.320  1.00 23.12 ? 272 HOH A O   1 
HETATM 1554 O O   . HOH B 2 .   ? 6.974   -10.392 -16.761 1.00 27.55 ? 273 HOH A O   1 
HETATM 1555 O O   . HOH B 2 .   ? -12.817 -7.073  12.675  1.00 25.50 ? 274 HOH A O   1 
HETATM 1556 O O   . HOH B 2 .   ? 10.821  2.803   -17.870 1.00 22.83 ? 275 HOH A O   1 
HETATM 1557 O O   . HOH B 2 .   ? 21.580  -7.630  9.202   1.00 23.32 ? 276 HOH A O   1 
HETATM 1558 O O   . HOH B 2 .   ? -7.410  -5.690  19.200  1.00 21.76 ? 277 HOH A O   1 
HETATM 1559 O O   . HOH B 2 .   ? 1.735   -3.214  17.058  1.00 21.14 ? 278 HOH A O   1 
HETATM 1560 O O   . HOH B 2 .   ? 15.173  -1.347  -14.190 1.00 27.15 ? 279 HOH A O   1 
HETATM 1561 O O   . HOH B 2 .   ? 3.293   -12.564 -0.281  1.00 25.12 ? 280 HOH A O   1 
HETATM 1562 O O   . HOH B 2 .   ? -9.849  5.500   -11.513 1.00 23.44 ? 281 HOH A O   1 
HETATM 1563 O O   . HOH B 2 .   ? 16.837  0.668   -14.776 1.00 43.15 ? 282 HOH A O   1 
HETATM 1564 O O   . HOH B 2 .   ? -6.541  2.173   -9.226  1.00 28.43 ? 283 HOH A O   1 
HETATM 1565 O O   . HOH B 2 .   ? 11.551  4.509   -15.031 1.00 17.77 ? 284 HOH A O   1 
HETATM 1566 O O   . HOH B 2 .   ? -0.849  14.509  3.342   1.00 19.88 ? 285 HOH A O   1 
HETATM 1567 O O   . HOH B 2 .   ? 2.246   -13.426 -10.568 1.00 43.53 ? 286 HOH A O   1 
HETATM 1568 O O   . HOH B 2 .   ? 19.114  -3.665  -1.303  1.00 32.96 ? 287 HOH A O   1 
HETATM 1569 O O   . HOH B 2 .   ? 9.074   -8.943  16.487  1.00 22.43 ? 288 HOH A O   1 
HETATM 1570 O O   . HOH B 2 .   ? 18.842  2.405   1.095   1.00 22.49 ? 289 HOH A O   1 
HETATM 1571 O O   . HOH B 2 .   ? 0.783   9.206   -19.810 0.50 31.06 ? 290 HOH A O   1 
HETATM 1572 O O   . HOH B 2 .   ? 1.144   -0.790  20.140  1.00 34.90 ? 291 HOH A O   1 
HETATM 1573 O O   . HOH B 2 .   ? 4.188   14.290  -9.230  1.00 23.62 ? 292 HOH A O   1 
HETATM 1574 O O   . HOH B 2 .   ? 20.344  1.977   -7.903  1.00 30.96 ? 293 HOH A O   1 
HETATM 1575 O O   . HOH B 2 .   ? -6.254  4.203   -15.278 1.00 31.87 ? 294 HOH A O   1 
HETATM 1576 O O   . HOH B 2 .   ? -8.252  -3.381  -18.609 1.00 35.14 ? 295 HOH A O   1 
HETATM 1577 O O   . HOH B 2 .   ? -2.499  13.816  -9.371  1.00 32.34 ? 296 HOH A O   1 
HETATM 1578 O O   . HOH B 2 .   ? -15.349 9.295   -1.588  1.00 18.77 ? 297 HOH A O   1 
HETATM 1579 O O   . HOH B 2 .   ? 17.063  1.984   10.001  1.00 20.94 ? 298 HOH A O   1 
HETATM 1580 O O   . HOH B 2 .   ? 18.988  3.457   11.148  1.00 56.35 ? 299 HOH A O   1 
HETATM 1581 O O   . HOH B 2 .   ? -5.051  12.587  8.138   1.00 15.97 ? 300 HOH A O   1 
HETATM 1582 O O   . HOH B 2 .   ? -5.243  12.388  10.991  1.00 32.43 ? 301 HOH A O   1 
HETATM 1583 O O   . HOH B 2 .   ? -2.474  10.092  12.642  1.00 22.45 ? 302 HOH A O   1 
HETATM 1584 O O   . HOH B 2 .   ? 3.478   10.475  10.476  1.00 17.19 ? 303 HOH A O   1 
HETATM 1585 O O   . HOH B 2 .   ? 6.999   6.013   14.109  1.00 27.07 ? 304 HOH A O   1 
HETATM 1586 O O   . HOH B 2 .   ? 16.620  -5.386  1.080   1.00 29.76 ? 305 HOH A O   1 
HETATM 1587 O O   . HOH B 2 .   ? 12.390  -8.023  -4.291  1.00 31.26 ? 306 HOH A O   1 
HETATM 1588 O O   . HOH B 2 .   ? 9.313   1.614   20.648  1.00 23.55 ? 307 HOH A O   1 
HETATM 1589 O O   . HOH B 2 .   ? 23.585  10.947  -1.048  1.00 31.22 ? 308 HOH A O   1 
HETATM 1590 O O   . HOH B 2 .   ? 5.851   10.847  11.836  1.00 27.79 ? 309 HOH A O   1 
HETATM 1591 O O   . HOH B 2 .   ? 5.842   -11.939 -2.961  1.00 28.34 ? 310 HOH A O   1 
HETATM 1592 O O   . HOH B 2 .   ? -7.095  7.172   -5.525  1.00 30.52 ? 311 HOH A O   1 
HETATM 1593 O O   . HOH B 2 .   ? -14.790 1.115   -2.706  1.00 32.97 ? 312 HOH A O   1 
HETATM 1594 O O   . HOH B 2 .   ? 4.861   12.121  -10.910 1.00 31.90 ? 313 HOH A O   1 
HETATM 1595 O O   . HOH B 2 .   ? 13.247  -6.044  -10.859 1.00 29.81 ? 314 HOH A O   1 
HETATM 1596 O O   . HOH B 2 .   ? 8.884   -9.238  13.524  1.00 37.74 ? 315 HOH A O   1 
HETATM 1597 O O   . HOH B 2 .   ? 10.921  10.252  5.881   1.00 31.55 ? 316 HOH A O   1 
HETATM 1598 O O   . HOH B 2 .   ? -2.007  17.596  -2.047  1.00 31.75 ? 317 HOH A O   1 
HETATM 1599 O O   . HOH B 2 .   ? 3.429   12.979  9.191   1.00 28.11 ? 318 HOH A O   1 
HETATM 1600 O O   . HOH B 2 .   ? 9.175   10.635  -8.831  1.00 32.42 ? 319 HOH A O   1 
HETATM 1601 O O   . HOH B 2 .   ? 6.961   13.800  -6.488  1.00 29.63 ? 320 HOH A O   1 
HETATM 1602 O O   . HOH B 2 .   ? 8.044   -10.877 -4.587  1.00 39.82 ? 321 HOH A O   1 
HETATM 1603 O O   . HOH B 2 .   ? -1.152  15.826  -10.239 1.00 33.99 ? 322 HOH A O   1 
HETATM 1604 O O   . HOH B 2 .   ? 4.683   -9.465  4.665   1.00 43.05 ? 323 HOH A O   1 
HETATM 1605 O O   . HOH B 2 .   ? 16.385  -10.556 0.531   1.00 38.20 ? 324 HOH A O   1 
HETATM 1606 O O   . HOH B 2 .   ? 12.656  8.432   6.532   1.00 32.27 ? 325 HOH A O   1 
HETATM 1607 O O   . HOH B 2 .   ? 11.592  12.295  1.387   1.00 27.66 ? 326 HOH A O   1 
HETATM 1608 O O   . HOH B 2 .   ? 8.983   14.813  0.478   1.00 31.50 ? 327 HOH A O   1 
HETATM 1609 O O   . HOH B 2 .   ? -16.006 -3.597  16.552  1.00 34.75 ? 328 HOH A O   1 
HETATM 1610 O O   . HOH B 2 .   ? 11.198  -7.816  4.464   1.00 32.26 ? 329 HOH A O   1 
HETATM 1611 O O   . HOH B 2 .   ? 10.892  14.555  2.037   1.00 44.56 ? 330 HOH A O   1 
HETATM 1612 O O   . HOH B 2 .   ? 2.764   15.460  2.773   1.00 31.32 ? 331 HOH A O   1 
HETATM 1613 O O   . HOH B 2 .   ? -13.649 -3.062  18.178  1.00 38.16 ? 332 HOH A O   1 
HETATM 1614 O O   . HOH B 2 .   ? 3.899   -9.280  13.342  1.00 35.92 ? 333 HOH A O   1 
HETATM 1615 O O   . HOH B 2 .   ? 0.667   -14.807 -2.662  1.00 31.32 ? 334 HOH A O   1 
HETATM 1616 O O   . HOH B 2 .   ? 19.010  -9.012  10.474  1.00 39.88 ? 335 HOH A O   1 
HETATM 1617 O O   . HOH B 2 .   ? -18.803 5.079   11.619  1.00 38.47 ? 336 HOH A O   1 
HETATM 1618 O O   . HOH B 2 .   ? 16.519  3.311   12.850  1.00 31.60 ? 337 HOH A O   1 
# 
loop_
_pdbx_poly_seq_scheme.asym_id 
_pdbx_poly_seq_scheme.entity_id 
_pdbx_poly_seq_scheme.seq_id 
_pdbx_poly_seq_scheme.mon_id 
_pdbx_poly_seq_scheme.ndb_seq_num 
_pdbx_poly_seq_scheme.pdb_seq_num 
_pdbx_poly_seq_scheme.auth_seq_num 
_pdbx_poly_seq_scheme.pdb_mon_id 
_pdbx_poly_seq_scheme.auth_mon_id 
_pdbx_poly_seq_scheme.pdb_strand_id 
_pdbx_poly_seq_scheme.pdb_ins_code 
_pdbx_poly_seq_scheme.hetero 
A 1 1   MET 1   4   ?   ?   ?   A . n 
A 1 2   HIS 2   5   ?   ?   ?   A . n 
A 1 3   HIS 3   6   ?   ?   ?   A . n 
A 1 4   HIS 4   7   ?   ?   ?   A . n 
A 1 5   HIS 5   8   ?   ?   ?   A . n 
A 1 6   HIS 6   9   ?   ?   ?   A . n 
A 1 7   HIS 7   10  ?   ?   ?   A . n 
A 1 8   SER 8   11  ?   ?   ?   A . n 
A 1 9   SER 9   12  ?   ?   ?   A . n 
A 1 10  GLY 10  13  ?   ?   ?   A . n 
A 1 11  ARG 11  14  ?   ?   ?   A . n 
A 1 12  GLU 12  15  ?   ?   ?   A . n 
A 1 13  ASN 13  16  ?   ?   ?   A . n 
A 1 14  LEU 14  17  ?   ?   ?   A . n 
A 1 15  TYR 15  18  ?   ?   ?   A . n 
A 1 16  PHE 16  19  ?   ?   ?   A . n 
A 1 17  GLN 17  20  ?   ?   ?   A . n 
A 1 18  GLY 18  21  ?   ?   ?   A . n 
A 1 19  GLY 19  22  ?   ?   ?   A . n 
A 1 20  VAL 20  23  ?   ?   ?   A . n 
A 1 21  ILE 21  24  ?   ?   ?   A . n 
A 1 22  GLU 22  25  ?   ?   ?   A . n 
A 1 23  SER 23  26  ?   ?   ?   A . n 
A 1 24  ASN 24  27  ?   ?   ?   A . n 
A 1 25  TRP 25  28  ?   ?   ?   A . n 
A 1 26  ASN 26  29  ?   ?   ?   A . n 
A 1 27  GLU 27  30  30  GLU GLU A . n 
A 1 28  ILE 28  31  31  ILE ILE A . n 
A 1 29  VAL 29  32  32  VAL VAL A . n 
A 1 30  ASP 30  33  33  ASP ASP A . n 
A 1 31  ASN 31  34  34  ASN ASN A . n 
A 1 32  PHE 32  35  35  PHE PHE A . n 
A 1 33  ASP 33  36  36  ASP ASP A . n 
A 1 34  ASP 34  37  37  ASP ASP A . n 
A 1 35  MET 35  38  38  MET MET A . n 
A 1 36  ASN 36  39  39  ASN ASN A . n 
A 1 37  LEU 37  40  40  LEU LEU A . n 
A 1 38  LYS 38  41  41  LYS LYS A . n 
A 1 39  GLU 39  42  42  GLU GLU A . n 
A 1 40  SER 40  43  43  SER SER A . n 
A 1 41  LEU 41  44  44  LEU LEU A . n 
A 1 42  LEU 42  45  45  LEU LEU A . n 
A 1 43  ARG 43  46  46  ARG ARG A . n 
A 1 44  GLY 44  47  47  GLY GLY A . n 
A 1 45  ILE 45  48  48  ILE ILE A . n 
A 1 46  TYR 46  49  49  TYR TYR A . n 
A 1 47  ALA 47  50  50  ALA ALA A . n 
A 1 48  TYR 48  51  51  TYR TYR A . n 
A 1 49  GLY 49  52  52  GLY GLY A . n 
A 1 50  PHE 50  53  53  PHE PHE A . n 
A 1 51  GLU 51  54  54  GLU GLU A . n 
A 1 52  LYS 52  55  55  LYS LYS A . n 
A 1 53  PRO 53  56  56  PRO PRO A . n 
A 1 54  SER 54  57  57  SER SER A . n 
A 1 55  ALA 55  58  58  ALA ALA A . n 
A 1 56  ILE 56  59  59  ILE ILE A . n 
A 1 57  GLN 57  60  60  GLN GLN A . n 
A 1 58  GLN 58  61  61  GLN GLN A . n 
A 1 59  ARG 59  62  62  ARG ARG A . n 
A 1 60  ALA 60  63  63  ALA ALA A . n 
A 1 61  ILE 61  64  64  ILE ILE A . n 
A 1 62  ILE 62  65  65  ILE ILE A . n 
A 1 63  PRO 63  66  66  PRO PRO A . n 
A 1 64  CYS 64  67  67  CYS CYS A . n 
A 1 65  ILE 65  68  68  ILE ILE A . n 
A 1 66  LYS 66  69  69  LYS LYS A . n 
A 1 67  GLY 67  70  70  GLY GLY A . n 
A 1 68  TYR 68  71  71  TYR TYR A . n 
A 1 69  ASP 69  72  72  ASP ASP A . n 
A 1 70  VAL 70  73  73  VAL VAL A . n 
A 1 71  ILE 71  74  74  ILE ILE A . n 
A 1 72  ALA 72  75  75  ALA ALA A . n 
A 1 73  GLN 73  76  76  GLN GLN A . n 
A 1 74  ALA 74  77  77  ALA ALA A . n 
A 1 75  GLN 75  78  78  GLN GLN A . n 
A 1 76  SER 76  79  79  SER SER A . n 
A 1 77  GLY 77  80  80  GLY GLY A . n 
A 1 78  THR 78  81  81  THR THR A . n 
A 1 79  GLY 79  82  82  GLY GLY A . n 
A 1 80  LYS 80  83  83  LYS LYS A . n 
A 1 81  THR 81  84  84  THR THR A . n 
A 1 82  ALA 82  85  85  ALA ALA A . n 
A 1 83  THR 83  86  86  THR THR A . n 
A 1 84  PHE 84  87  87  PHE PHE A . n 
A 1 85  ALA 85  88  88  ALA ALA A . n 
A 1 86  ILE 86  89  89  ILE ILE A . n 
A 1 87  SER 87  90  90  SER SER A . n 
A 1 88  ILE 88  91  91  ILE ILE A . n 
A 1 89  LEU 89  92  92  LEU LEU A . n 
A 1 90  GLN 90  93  93  GLN GLN A . n 
A 1 91  GLN 91  94  94  GLN GLN A . n 
A 1 92  LEU 92  95  95  LEU LEU A . n 
A 1 93  GLU 93  96  96  GLU GLU A . n 
A 1 94  ILE 94  97  97  ILE ILE A . n 
A 1 95  GLU 95  98  98  GLU GLU A . n 
A 1 96  PHE 96  99  99  PHE PHE A . n 
A 1 97  LYS 97  100 100 LYS LYS A . n 
A 1 98  GLU 98  101 101 GLU GLU A . n 
A 1 99  THR 99  102 102 THR THR A . n 
A 1 100 GLN 100 103 103 GLN GLN A . n 
A 1 101 ALA 101 104 104 ALA ALA A . n 
A 1 102 LEU 102 105 105 LEU LEU A . n 
A 1 103 VAL 103 106 106 VAL VAL A . n 
A 1 104 LEU 104 107 107 LEU LEU A . n 
A 1 105 ALA 105 108 108 ALA ALA A . n 
A 1 106 PRO 106 109 109 PRO PRO A . n 
A 1 107 THR 107 110 110 THR THR A . n 
A 1 108 ARG 108 111 111 ARG ARG A . n 
A 1 109 GLU 109 112 112 GLU GLU A . n 
A 1 110 LEU 110 113 113 LEU LEU A . n 
A 1 111 ALA 111 114 114 ALA ALA A . n 
A 1 112 GLN 112 115 115 GLN GLN A . n 
A 1 113 GLN 113 116 116 GLN GLN A . n 
A 1 114 ILE 114 117 117 ILE ILE A . n 
A 1 115 GLN 115 118 118 GLN GLN A . n 
A 1 116 LYS 116 119 119 LYS LYS A . n 
A 1 117 VAL 117 120 120 VAL VAL A . n 
A 1 118 ILE 118 121 121 ILE ILE A . n 
A 1 119 LEU 119 122 122 LEU LEU A . n 
A 1 120 ALA 120 123 123 ALA ALA A . n 
A 1 121 LEU 121 124 124 LEU LEU A . n 
A 1 122 GLY 122 125 125 GLY GLY A . n 
A 1 123 ASP 123 126 126 ASP ASP A . n 
A 1 124 TYR 124 127 127 TYR TYR A . n 
A 1 125 MET 125 128 128 MET MET A . n 
A 1 126 GLY 126 129 129 GLY GLY A . n 
A 1 127 ALA 127 130 130 ALA ALA A . n 
A 1 128 THR 128 131 131 THR THR A . n 
A 1 129 CYS 129 132 132 CYS CYS A . n 
A 1 130 HIS 130 133 133 HIS HIS A . n 
A 1 131 ALA 131 134 134 ALA ALA A . n 
A 1 132 CYS 132 135 135 CYS CYS A . n 
A 1 133 ILE 133 136 136 ILE ILE A . n 
A 1 134 GLY 134 137 137 GLY GLY A . n 
A 1 135 GLY 135 138 ?   ?   ?   A . n 
A 1 136 THR 136 139 ?   ?   ?   A . n 
A 1 137 ASN 137 140 ?   ?   ?   A . n 
A 1 138 VAL 138 141 ?   ?   ?   A . n 
A 1 139 ARG 139 142 ?   ?   ?   A . n 
A 1 140 ASN 140 143 ?   ?   ?   A . n 
A 1 141 GLU 141 144 ?   ?   ?   A . n 
A 1 142 MET 142 145 ?   ?   ?   A . n 
A 1 143 GLN 143 146 ?   ?   ?   A . n 
A 1 144 LYS 144 147 ?   ?   ?   A . n 
A 1 145 LEU 145 148 ?   ?   ?   A . n 
A 1 146 GLN 146 149 ?   ?   ?   A . n 
A 1 147 ALA 147 150 ?   ?   ?   A . n 
A 1 148 GLU 148 151 151 GLU GLU A . n 
A 1 149 ALA 149 152 152 ALA ALA A . n 
A 1 150 PRO 150 153 153 PRO PRO A . n 
A 1 151 HIS 151 154 154 HIS HIS A . n 
A 1 152 ILE 152 155 155 ILE ILE A . n 
A 1 153 VAL 153 156 156 VAL VAL A . n 
A 1 154 VAL 154 157 157 VAL VAL A . n 
A 1 155 GLY 155 158 158 GLY GLY A . n 
A 1 156 THR 156 159 159 THR THR A . n 
A 1 157 PRO 157 160 160 PRO PRO A . n 
A 1 158 GLY 158 161 161 GLY GLY A . n 
A 1 159 ARG 159 162 162 ARG ARG A . n 
A 1 160 VAL 160 163 163 VAL VAL A . n 
A 1 161 PHE 161 164 164 PHE PHE A . n 
A 1 162 ASP 162 165 165 ASP ASP A . n 
A 1 163 MET 163 166 166 MET MET A . n 
A 1 164 LEU 164 167 167 LEU LEU A . n 
A 1 165 ASN 165 168 168 ASN ASN A . n 
A 1 166 ARG 166 169 169 ARG ARG A . n 
A 1 167 ARG 167 170 170 ARG ARG A . n 
A 1 168 TYR 168 171 171 TYR TYR A . n 
A 1 169 LEU 169 172 172 LEU LEU A . n 
A 1 170 SER 170 173 173 SER SER A . n 
A 1 171 PRO 171 174 174 PRO PRO A . n 
A 1 172 LYS 172 175 175 LYS LYS A . n 
A 1 173 TRP 173 176 176 TRP TRP A . n 
A 1 174 ILE 174 177 177 ILE ILE A . n 
A 1 175 LYS 175 178 178 LYS LYS A . n 
A 1 176 MET 176 179 179 MET MET A . n 
A 1 177 PHE 177 180 180 PHE PHE A . n 
A 1 178 VAL 178 181 181 VAL VAL A . n 
A 1 179 LEU 179 182 182 LEU LEU A . n 
A 1 180 ASP 180 183 183 ASP ASP A . n 
A 1 181 GLU 181 184 184 GLU GLU A . n 
A 1 182 ALA 182 185 185 ALA ALA A . n 
A 1 183 ASP 183 186 186 ASP ASP A . n 
A 1 184 GLU 184 187 187 GLU GLU A . n 
A 1 185 MET 185 188 188 MET MET A . n 
A 1 186 LEU 186 189 189 LEU LEU A . n 
A 1 187 SER 187 190 190 SER SER A . n 
A 1 188 ARG 188 191 191 ARG ARG A . n 
A 1 189 GLY 189 192 192 GLY GLY A . n 
A 1 190 PHE 190 193 193 PHE PHE A . n 
A 1 191 LYS 191 194 194 LYS LYS A . n 
A 1 192 ASP 192 195 195 ASP ASP A . n 
A 1 193 GLN 193 196 196 GLN GLN A . n 
A 1 194 ILE 194 197 197 ILE ILE A . n 
A 1 195 TYR 195 198 198 TYR TYR A . n 
A 1 196 GLU 196 199 199 GLU GLU A . n 
A 1 197 ILE 197 200 200 ILE ILE A . n 
A 1 198 PHE 198 201 201 PHE PHE A . n 
A 1 199 GLN 199 202 202 GLN GLN A . n 
A 1 200 LYS 200 203 203 LYS LYS A . n 
A 1 201 LEU 201 204 204 LEU LEU A . n 
A 1 202 ASN 202 205 205 ASN ASN A . n 
A 1 203 THR 203 206 206 THR THR A . n 
A 1 204 SER 204 207 207 SER SER A . n 
A 1 205 ILE 205 208 208 ILE ILE A . n 
A 1 206 GLN 206 209 209 GLN GLN A . n 
A 1 207 VAL 207 210 210 VAL VAL A . n 
A 1 208 VAL 208 211 211 VAL VAL A . n 
A 1 209 LEU 209 212 212 LEU LEU A . n 
A 1 210 LEU 210 213 213 LEU LEU A . n 
A 1 211 SER 211 214 214 SER SER A . n 
A 1 212 ALA 212 215 215 ALA ALA A . n 
A 1 213 THR 213 216 216 THR THR A . n 
A 1 214 MET 214 217 217 MET MET A . n 
A 1 215 PRO 215 218 218 PRO PRO A . n 
A 1 216 THR 216 219 219 THR THR A . n 
A 1 217 ASP 217 220 220 ASP ASP A . n 
A 1 218 VAL 218 221 221 VAL VAL A . n 
A 1 219 LEU 219 222 222 LEU LEU A . n 
A 1 220 GLU 220 223 223 GLU GLU A . n 
A 1 221 VAL 221 224 224 VAL VAL A . n 
A 1 222 THR 222 225 225 THR THR A . n 
A 1 223 LYS 223 226 226 LYS LYS A . n 
A 1 224 LYS 224 227 227 LYS LYS A . n 
A 1 225 PHE 225 228 228 PHE PHE A . n 
A 1 226 MET 226 229 229 MET MET A . n 
A 1 227 ARG 227 230 230 ARG ARG A . n 
A 1 228 ASP 228 231 231 ASP ASP A . n 
A 1 229 PRO 229 232 232 PRO PRO A . n 
A 1 230 ILE 230 233 233 ILE ILE A . n 
A 1 231 ARG 231 234 234 ARG ARG A . n 
A 1 232 ILE 232 235 235 ILE ILE A . n 
A 1 233 LEU 233 236 236 LEU LEU A . n 
A 1 234 VAL 234 237 ?   ?   ?   A . n 
A 1 235 LYS 235 238 ?   ?   ?   A . n 
A 1 236 LYS 236 239 ?   ?   ?   A . n 
A 1 237 GLU 237 240 ?   ?   ?   A . n 
# 
_pdbx_SG_project.id                    1 
_pdbx_SG_project.project_name          ? 
_pdbx_SG_project.full_name_of_center   'Structural Genomics Consortium' 
_pdbx_SG_project.initial_of_center     SGC 
# 
loop_
_pdbx_nonpoly_scheme.asym_id 
_pdbx_nonpoly_scheme.entity_id 
_pdbx_nonpoly_scheme.mon_id 
_pdbx_nonpoly_scheme.ndb_seq_num 
_pdbx_nonpoly_scheme.pdb_seq_num 
_pdbx_nonpoly_scheme.auth_seq_num 
_pdbx_nonpoly_scheme.pdb_mon_id 
_pdbx_nonpoly_scheme.auth_mon_id 
_pdbx_nonpoly_scheme.pdb_strand_id 
_pdbx_nonpoly_scheme.pdb_ins_code 
B 2 HOH 1  241 1  HOH HOH A . 
B 2 HOH 2  242 2  HOH HOH A . 
B 2 HOH 3  243 3  HOH HOH A . 
B 2 HOH 4  244 4  HOH HOH A . 
B 2 HOH 5  245 5  HOH HOH A . 
B 2 HOH 6  246 6  HOH HOH A . 
B 2 HOH 7  247 7  HOH HOH A . 
B 2 HOH 8  248 8  HOH HOH A . 
B 2 HOH 9  249 9  HOH HOH A . 
B 2 HOH 10 250 10 HOH HOH A . 
B 2 HOH 11 251 11 HOH HOH A . 
B 2 HOH 12 252 12 HOH HOH A . 
B 2 HOH 13 253 13 HOH HOH A . 
B 2 HOH 14 254 14 HOH HOH A . 
B 2 HOH 15 255 15 HOH HOH A . 
B 2 HOH 16 256 16 HOH HOH A . 
B 2 HOH 17 257 17 HOH HOH A . 
B 2 HOH 18 258 18 HOH HOH A . 
B 2 HOH 19 259 19 HOH HOH A . 
B 2 HOH 20 260 20 HOH HOH A . 
B 2 HOH 21 261 21 HOH HOH A . 
B 2 HOH 22 262 22 HOH HOH A . 
B 2 HOH 23 263 23 HOH HOH A . 
B 2 HOH 24 264 24 HOH HOH A . 
B 2 HOH 25 265 25 HOH HOH A . 
B 2 HOH 26 266 26 HOH HOH A . 
B 2 HOH 27 267 27 HOH HOH A . 
B 2 HOH 28 268 28 HOH HOH A . 
B 2 HOH 29 269 29 HOH HOH A . 
B 2 HOH 30 270 30 HOH HOH A . 
B 2 HOH 31 271 31 HOH HOH A . 
B 2 HOH 32 272 32 HOH HOH A . 
B 2 HOH 33 273 33 HOH HOH A . 
B 2 HOH 34 274 34 HOH HOH A . 
B 2 HOH 35 275 35 HOH HOH A . 
B 2 HOH 36 276 36 HOH HOH A . 
B 2 HOH 37 277 37 HOH HOH A . 
B 2 HOH 38 278 38 HOH HOH A . 
B 2 HOH 39 279 39 HOH HOH A . 
B 2 HOH 40 280 40 HOH HOH A . 
B 2 HOH 41 281 41 HOH HOH A . 
B 2 HOH 42 282 42 HOH HOH A . 
B 2 HOH 43 283 43 HOH HOH A . 
B 2 HOH 44 284 44 HOH HOH A . 
B 2 HOH 45 285 45 HOH HOH A . 
B 2 HOH 46 286 46 HOH HOH A . 
B 2 HOH 47 287 47 HOH HOH A . 
B 2 HOH 48 288 48 HOH HOH A . 
B 2 HOH 49 289 49 HOH HOH A . 
B 2 HOH 50 290 50 HOH HOH A . 
B 2 HOH 51 291 51 HOH HOH A . 
B 2 HOH 52 292 52 HOH HOH A . 
B 2 HOH 53 293 53 HOH HOH A . 
B 2 HOH 54 294 54 HOH HOH A . 
B 2 HOH 55 295 55 HOH HOH A . 
B 2 HOH 56 296 56 HOH HOH A . 
B 2 HOH 57 297 57 HOH HOH A . 
B 2 HOH 58 298 58 HOH HOH A . 
B 2 HOH 59 299 59 HOH HOH A . 
B 2 HOH 60 300 60 HOH HOH A . 
B 2 HOH 61 301 61 HOH HOH A . 
B 2 HOH 62 302 62 HOH HOH A . 
B 2 HOH 63 303 63 HOH HOH A . 
B 2 HOH 64 304 64 HOH HOH A . 
B 2 HOH 65 305 65 HOH HOH A . 
B 2 HOH 66 306 66 HOH HOH A . 
B 2 HOH 67 307 67 HOH HOH A . 
B 2 HOH 68 308 68 HOH HOH A . 
B 2 HOH 69 309 69 HOH HOH A . 
B 2 HOH 70 310 70 HOH HOH A . 
B 2 HOH 71 311 71 HOH HOH A . 
B 2 HOH 72 312 72 HOH HOH A . 
B 2 HOH 73 313 73 HOH HOH A . 
B 2 HOH 74 314 74 HOH HOH A . 
B 2 HOH 75 315 75 HOH HOH A . 
B 2 HOH 76 316 76 HOH HOH A . 
B 2 HOH 77 317 77 HOH HOH A . 
B 2 HOH 78 318 78 HOH HOH A . 
B 2 HOH 79 319 79 HOH HOH A . 
B 2 HOH 80 320 80 HOH HOH A . 
B 2 HOH 81 321 81 HOH HOH A . 
B 2 HOH 82 322 82 HOH HOH A . 
B 2 HOH 83 323 83 HOH HOH A . 
B 2 HOH 84 324 84 HOH HOH A . 
B 2 HOH 85 325 85 HOH HOH A . 
B 2 HOH 86 326 86 HOH HOH A . 
B 2 HOH 87 327 87 HOH HOH A . 
B 2 HOH 88 328 88 HOH HOH A . 
B 2 HOH 89 329 89 HOH HOH A . 
B 2 HOH 90 330 90 HOH HOH A . 
B 2 HOH 91 331 91 HOH HOH A . 
B 2 HOH 92 332 92 HOH HOH A . 
B 2 HOH 93 333 93 HOH HOH A . 
B 2 HOH 94 334 94 HOH HOH A . 
B 2 HOH 95 335 95 HOH HOH A . 
B 2 HOH 96 336 96 HOH HOH A . 
B 2 HOH 97 337 97 HOH HOH A . 
# 
_pdbx_struct_assembly.id                   1 
_pdbx_struct_assembly.details              software_defined_assembly 
_pdbx_struct_assembly.method_details       PISA 
_pdbx_struct_assembly.oligomeric_details   monomeric 
_pdbx_struct_assembly.oligomeric_count     1 
# 
_pdbx_struct_assembly_gen.assembly_id       1 
_pdbx_struct_assembly_gen.oper_expression   1 
_pdbx_struct_assembly_gen.asym_id_list      A,B 
# 
_pdbx_struct_oper_list.id                   1 
_pdbx_struct_oper_list.type                 'identity operation' 
_pdbx_struct_oper_list.name                 1_555 
_pdbx_struct_oper_list.symmetry_operation   x,y,z 
_pdbx_struct_oper_list.matrix[1][1]         1.0000000000 
_pdbx_struct_oper_list.matrix[1][2]         0.0000000000 
_pdbx_struct_oper_list.matrix[1][3]         0.0000000000 
_pdbx_struct_oper_list.vector[1]            0.0000000000 
_pdbx_struct_oper_list.matrix[2][1]         0.0000000000 
_pdbx_struct_oper_list.matrix[2][2]         1.0000000000 
_pdbx_struct_oper_list.matrix[2][3]         0.0000000000 
_pdbx_struct_oper_list.vector[2]            0.0000000000 
_pdbx_struct_oper_list.matrix[3][1]         0.0000000000 
_pdbx_struct_oper_list.matrix[3][2]         0.0000000000 
_pdbx_struct_oper_list.matrix[3][3]         1.0000000000 
_pdbx_struct_oper_list.vector[3]            0.0000000000 
# 
loop_
_pdbx_audit_revision_history.ordinal 
_pdbx_audit_revision_history.data_content_type 
_pdbx_audit_revision_history.major_revision 
_pdbx_audit_revision_history.minor_revision 
_pdbx_audit_revision_history.revision_date 
1 'Structure model' 1 0 2008-01-01 
2 'Structure model' 1 1 2011-07-13 
3 'Structure model' 1 2 2017-10-25 
4 'Structure model' 1 3 2023-08-30 
# 
_pdbx_audit_revision_details.ordinal             1 
_pdbx_audit_revision_details.revision_ordinal    1 
_pdbx_audit_revision_details.data_content_type   'Structure model' 
_pdbx_audit_revision_details.provider            repository 
_pdbx_audit_revision_details.type                'Initial release' 
_pdbx_audit_revision_details.description         ? 
_pdbx_audit_revision_details.details             ? 
# 
loop_
_pdbx_audit_revision_group.ordinal 
_pdbx_audit_revision_group.revision_ordinal 
_pdbx_audit_revision_group.data_content_type 
_pdbx_audit_revision_group.group 
1 2 'Structure model' 'Version format compliance' 
2 3 'Structure model' 'Refinement description'    
3 4 'Structure model' 'Data collection'           
4 4 'Structure model' 'Database references'       
5 4 'Structure model' 'Refinement description'    
# 
loop_
_pdbx_audit_revision_category.ordinal 
_pdbx_audit_revision_category.revision_ordinal 
_pdbx_audit_revision_category.data_content_type 
_pdbx_audit_revision_category.category 
1 3 'Structure model' software                      
2 4 'Structure model' chem_comp_atom                
3 4 'Structure model' chem_comp_bond                
4 4 'Structure model' database_2                    
5 4 'Structure model' pdbx_initial_refinement_model 
6 4 'Structure model' struct_ref_seq_dif            
# 
loop_
_pdbx_audit_revision_item.ordinal 
_pdbx_audit_revision_item.revision_ordinal 
_pdbx_audit_revision_item.data_content_type 
_pdbx_audit_revision_item.item 
1 4 'Structure model' '_database_2.pdbx_DOI'                
2 4 'Structure model' '_database_2.pdbx_database_accession' 
3 4 'Structure model' '_struct_ref_seq_dif.details'         
# 
_phasing.method   mr 
# 
loop_
_software.name 
_software.version 
_software.date 
_software.type 
_software.contact_author 
_software.contact_author_email 
_software.classification 
_software.location 
_software.language 
_software.citation_id 
_software.pdbx_ordinal 
DENZO       .               ?                package 'Zbyszek Otwinowski' zbyszek@mix.swmed.edu       'data reduction'  
http://www.lnls.br/infra/linhasluz/denzo-hkl.htm ?          ? 1 
SCALEPACK   .               ?                package 'Zbyszek Otwinowski' zbyszek@mix.swmed.edu       'data scaling'    
http://www.lnls.br/infra/linhasluz/denzo-hkl.htm ?          ? 2 
PHASER      .               ?                other   'R. J. Read'         cimr-phaser@lists.cam.ac.uk phasing           
http://www-structmed.cimr.cam.ac.uk/phaser/      ?          ? 3 
REFMAC      refmac_5.3.0037 24/04/2001       program 'Murshudov, G.N.'    ccp4@dl.ac.uk               refinement        
http://www.ccp4.ac.uk/main.html                  Fortran_77 ? 4 
PDB_EXTRACT 2.000           'April. 3, 2006' package PDB                  sw-help@rcsb.rutgers.edu    'data extraction' 
http://pdb.rutgers.edu/software/                 C++        ? 5 
ADSC        Quantum         ?                ?       ?                    ?                           'data collection' ? ? ? 6 
ARP/wARP    .               ?                ?       ?                    ?                           'model building'  ? ? ? 7 
Coot        .               ?                ?       ?                    ?                           'model building'  ? ? ? 8 
MolProbity  .               ?                ?       ?                    ?                           'model building'  ? ? ? 9 
# 
loop_
_pdbx_unobs_or_zero_occ_atoms.id 
_pdbx_unobs_or_zero_occ_atoms.PDB_model_num 
_pdbx_unobs_or_zero_occ_atoms.polymer_flag 
_pdbx_unobs_or_zero_occ_atoms.occupancy_flag 
_pdbx_unobs_or_zero_occ_atoms.auth_asym_id 
_pdbx_unobs_or_zero_occ_atoms.auth_comp_id 
_pdbx_unobs_or_zero_occ_atoms.auth_seq_id 
_pdbx_unobs_or_zero_occ_atoms.PDB_ins_code 
_pdbx_unobs_or_zero_occ_atoms.auth_atom_id 
_pdbx_unobs_or_zero_occ_atoms.label_alt_id 
_pdbx_unobs_or_zero_occ_atoms.label_asym_id 
_pdbx_unobs_or_zero_occ_atoms.label_comp_id 
_pdbx_unobs_or_zero_occ_atoms.label_seq_id 
_pdbx_unobs_or_zero_occ_atoms.label_atom_id 
1  1 Y 1 A GLU 30  ? CG  ? A GLU 27  CG  
2  1 Y 1 A GLU 30  ? CD  ? A GLU 27  CD  
3  1 Y 1 A GLU 30  ? OE1 ? A GLU 27  OE1 
4  1 Y 1 A GLU 30  ? OE2 ? A GLU 27  OE2 
5  1 Y 1 A GLU 54  ? CG  ? A GLU 51  CG  
6  1 Y 1 A GLU 54  ? CD  ? A GLU 51  CD  
7  1 Y 1 A GLU 54  ? OE1 ? A GLU 51  OE1 
8  1 Y 1 A GLU 54  ? OE2 ? A GLU 51  OE2 
9  1 Y 1 A LYS 55  ? CG  ? A LYS 52  CG  
10 1 Y 1 A LYS 55  ? CD  ? A LYS 52  CD  
11 1 Y 1 A LYS 55  ? CE  ? A LYS 52  CE  
12 1 Y 1 A LYS 55  ? NZ  ? A LYS 52  NZ  
13 1 Y 1 A ARG 111 ? CD  ? A ARG 108 CD  
14 1 Y 1 A ARG 111 ? NE  ? A ARG 108 NE  
15 1 Y 1 A ARG 111 ? CZ  ? A ARG 108 CZ  
16 1 Y 1 A ARG 111 ? NH1 ? A ARG 108 NH1 
17 1 Y 1 A ARG 111 ? NH2 ? A ARG 108 NH2 
18 1 Y 1 A GLU 151 ? CG  ? A GLU 148 CG  
19 1 Y 1 A GLU 151 ? CD  ? A GLU 148 CD  
20 1 Y 1 A GLU 151 ? OE1 ? A GLU 148 OE1 
21 1 Y 1 A GLU 151 ? OE2 ? A GLU 148 OE2 
22 1 Y 1 A GLN 202 ? CD  ? A GLN 199 CD  
23 1 Y 1 A GLN 202 ? OE1 ? A GLN 199 OE1 
24 1 Y 1 A GLN 202 ? NE2 ? A GLN 199 NE2 
25 1 Y 1 A ASP 220 ? CG  ? A ASP 217 CG  
26 1 Y 1 A ASP 220 ? OD1 ? A ASP 217 OD1 
27 1 Y 1 A ASP 220 ? OD2 ? A ASP 217 OD2 
28 1 Y 1 A LYS 226 ? CD  ? A LYS 223 CD  
29 1 Y 1 A LYS 226 ? CE  ? A LYS 223 CE  
30 1 Y 1 A LYS 226 ? NZ  ? A LYS 223 NZ  
31 1 Y 1 A ARG 230 ? CG  ? A ARG 227 CG  
32 1 Y 1 A ARG 230 ? CD  ? A ARG 227 CD  
33 1 Y 1 A ARG 230 ? NE  ? A ARG 227 NE  
34 1 Y 1 A ARG 230 ? CZ  ? A ARG 227 CZ  
35 1 Y 1 A ARG 230 ? NH1 ? A ARG 227 NH1 
36 1 Y 1 A ARG 230 ? NH2 ? A ARG 227 NH2 
37 1 Y 1 A ASP 231 ? CG  ? A ASP 228 CG  
38 1 Y 1 A ASP 231 ? OD1 ? A ASP 228 OD1 
39 1 Y 1 A ASP 231 ? OD2 ? A ASP 228 OD2 
# 
loop_
_pdbx_unobs_or_zero_occ_residues.id 
_pdbx_unobs_or_zero_occ_residues.PDB_model_num 
_pdbx_unobs_or_zero_occ_residues.polymer_flag 
_pdbx_unobs_or_zero_occ_residues.occupancy_flag 
_pdbx_unobs_or_zero_occ_residues.auth_asym_id 
_pdbx_unobs_or_zero_occ_residues.auth_comp_id 
_pdbx_unobs_or_zero_occ_residues.auth_seq_id 
_pdbx_unobs_or_zero_occ_residues.PDB_ins_code 
_pdbx_unobs_or_zero_occ_residues.label_asym_id 
_pdbx_unobs_or_zero_occ_residues.label_comp_id 
_pdbx_unobs_or_zero_occ_residues.label_seq_id 
1  1 Y 1 A MET 4   ? A MET 1   
2  1 Y 1 A HIS 5   ? A HIS 2   
3  1 Y 1 A HIS 6   ? A HIS 3   
4  1 Y 1 A HIS 7   ? A HIS 4   
5  1 Y 1 A HIS 8   ? A HIS 5   
6  1 Y 1 A HIS 9   ? A HIS 6   
7  1 Y 1 A HIS 10  ? A HIS 7   
8  1 Y 1 A SER 11  ? A SER 8   
9  1 Y 1 A SER 12  ? A SER 9   
10 1 Y 1 A GLY 13  ? A GLY 10  
11 1 Y 1 A ARG 14  ? A ARG 11  
12 1 Y 1 A GLU 15  ? A GLU 12  
13 1 Y 1 A ASN 16  ? A ASN 13  
14 1 Y 1 A LEU 17  ? A LEU 14  
15 1 Y 1 A TYR 18  ? A TYR 15  
16 1 Y 1 A PHE 19  ? A PHE 16  
17 1 Y 1 A GLN 20  ? A GLN 17  
18 1 Y 1 A GLY 21  ? A GLY 18  
19 1 Y 1 A GLY 22  ? A GLY 19  
20 1 Y 1 A VAL 23  ? A VAL 20  
21 1 Y 1 A ILE 24  ? A ILE 21  
22 1 Y 1 A GLU 25  ? A GLU 22  
23 1 Y 1 A SER 26  ? A SER 23  
24 1 Y 1 A ASN 27  ? A ASN 24  
25 1 Y 1 A TRP 28  ? A TRP 25  
26 1 Y 1 A ASN 29  ? A ASN 26  
27 1 Y 1 A GLY 138 ? A GLY 135 
28 1 Y 1 A THR 139 ? A THR 136 
29 1 Y 1 A ASN 140 ? A ASN 137 
30 1 Y 1 A VAL 141 ? A VAL 138 
31 1 Y 1 A ARG 142 ? A ARG 139 
32 1 Y 1 A ASN 143 ? A ASN 140 
33 1 Y 1 A GLU 144 ? A GLU 141 
34 1 Y 1 A MET 145 ? A MET 142 
35 1 Y 1 A GLN 146 ? A GLN 143 
36 1 Y 1 A LYS 147 ? A LYS 144 
37 1 Y 1 A LEU 148 ? A LEU 145 
38 1 Y 1 A GLN 149 ? A GLN 146 
39 1 Y 1 A ALA 150 ? A ALA 147 
40 1 Y 1 A VAL 237 ? A VAL 234 
41 1 Y 1 A LYS 238 ? A LYS 235 
42 1 Y 1 A LYS 239 ? A LYS 236 
43 1 Y 1 A GLU 240 ? A GLU 237 
# 
loop_
_chem_comp_atom.comp_id 
_chem_comp_atom.atom_id 
_chem_comp_atom.type_symbol 
_chem_comp_atom.pdbx_aromatic_flag 
_chem_comp_atom.pdbx_stereo_config 
_chem_comp_atom.pdbx_ordinal 
ALA N    N N N 1   
ALA CA   C N S 2   
ALA C    C N N 3   
ALA O    O N N 4   
ALA CB   C N N 5   
ALA OXT  O N N 6   
ALA H    H N N 7   
ALA H2   H N N 8   
ALA HA   H N N 9   
ALA HB1  H N N 10  
ALA HB2  H N N 11  
ALA HB3  H N N 12  
ALA HXT  H N N 13  
ARG N    N N N 14  
ARG CA   C N S 15  
ARG C    C N N 16  
ARG O    O N N 17  
ARG CB   C N N 18  
ARG CG   C N N 19  
ARG CD   C N N 20  
ARG NE   N N N 21  
ARG CZ   C N N 22  
ARG NH1  N N N 23  
ARG NH2  N N N 24  
ARG OXT  O N N 25  
ARG H    H N N 26  
ARG H2   H N N 27  
ARG HA   H N N 28  
ARG HB2  H N N 29  
ARG HB3  H N N 30  
ARG HG2  H N N 31  
ARG HG3  H N N 32  
ARG HD2  H N N 33  
ARG HD3  H N N 34  
ARG HE   H N N 35  
ARG HH11 H N N 36  
ARG HH12 H N N 37  
ARG HH21 H N N 38  
ARG HH22 H N N 39  
ARG HXT  H N N 40  
ASN N    N N N 41  
ASN CA   C N S 42  
ASN C    C N N 43  
ASN O    O N N 44  
ASN CB   C N N 45  
ASN CG   C N N 46  
ASN OD1  O N N 47  
ASN ND2  N N N 48  
ASN OXT  O N N 49  
ASN H    H N N 50  
ASN H2   H N N 51  
ASN HA   H N N 52  
ASN HB2  H N N 53  
ASN HB3  H N N 54  
ASN HD21 H N N 55  
ASN HD22 H N N 56  
ASN HXT  H N N 57  
ASP N    N N N 58  
ASP CA   C N S 59  
ASP C    C N N 60  
ASP O    O N N 61  
ASP CB   C N N 62  
ASP CG   C N N 63  
ASP OD1  O N N 64  
ASP OD2  O N N 65  
ASP OXT  O N N 66  
ASP H    H N N 67  
ASP H2   H N N 68  
ASP HA   H N N 69  
ASP HB2  H N N 70  
ASP HB3  H N N 71  
ASP HD2  H N N 72  
ASP HXT  H N N 73  
CYS N    N N N 74  
CYS CA   C N R 75  
CYS C    C N N 76  
CYS O    O N N 77  
CYS CB   C N N 78  
CYS SG   S N N 79  
CYS OXT  O N N 80  
CYS H    H N N 81  
CYS H2   H N N 82  
CYS HA   H N N 83  
CYS HB2  H N N 84  
CYS HB3  H N N 85  
CYS HG   H N N 86  
CYS HXT  H N N 87  
GLN N    N N N 88  
GLN CA   C N S 89  
GLN C    C N N 90  
GLN O    O N N 91  
GLN CB   C N N 92  
GLN CG   C N N 93  
GLN CD   C N N 94  
GLN OE1  O N N 95  
GLN NE2  N N N 96  
GLN OXT  O N N 97  
GLN H    H N N 98  
GLN H2   H N N 99  
GLN HA   H N N 100 
GLN HB2  H N N 101 
GLN HB3  H N N 102 
GLN HG2  H N N 103 
GLN HG3  H N N 104 
GLN HE21 H N N 105 
GLN HE22 H N N 106 
GLN HXT  H N N 107 
GLU N    N N N 108 
GLU CA   C N S 109 
GLU C    C N N 110 
GLU O    O N N 111 
GLU CB   C N N 112 
GLU CG   C N N 113 
GLU CD   C N N 114 
GLU OE1  O N N 115 
GLU OE2  O N N 116 
GLU OXT  O N N 117 
GLU H    H N N 118 
GLU H2   H N N 119 
GLU HA   H N N 120 
GLU HB2  H N N 121 
GLU HB3  H N N 122 
GLU HG2  H N N 123 
GLU HG3  H N N 124 
GLU HE2  H N N 125 
GLU HXT  H N N 126 
GLY N    N N N 127 
GLY CA   C N N 128 
GLY C    C N N 129 
GLY O    O N N 130 
GLY OXT  O N N 131 
GLY H    H N N 132 
GLY H2   H N N 133 
GLY HA2  H N N 134 
GLY HA3  H N N 135 
GLY HXT  H N N 136 
HIS N    N N N 137 
HIS CA   C N S 138 
HIS C    C N N 139 
HIS O    O N N 140 
HIS CB   C N N 141 
HIS CG   C Y N 142 
HIS ND1  N Y N 143 
HIS CD2  C Y N 144 
HIS CE1  C Y N 145 
HIS NE2  N Y N 146 
HIS OXT  O N N 147 
HIS H    H N N 148 
HIS H2   H N N 149 
HIS HA   H N N 150 
HIS HB2  H N N 151 
HIS HB3  H N N 152 
HIS HD1  H N N 153 
HIS HD2  H N N 154 
HIS HE1  H N N 155 
HIS HE2  H N N 156 
HIS HXT  H N N 157 
HOH O    O N N 158 
HOH H1   H N N 159 
HOH H2   H N N 160 
ILE N    N N N 161 
ILE CA   C N S 162 
ILE C    C N N 163 
ILE O    O N N 164 
ILE CB   C N S 165 
ILE CG1  C N N 166 
ILE CG2  C N N 167 
ILE CD1  C N N 168 
ILE OXT  O N N 169 
ILE H    H N N 170 
ILE H2   H N N 171 
ILE HA   H N N 172 
ILE HB   H N N 173 
ILE HG12 H N N 174 
ILE HG13 H N N 175 
ILE HG21 H N N 176 
ILE HG22 H N N 177 
ILE HG23 H N N 178 
ILE HD11 H N N 179 
ILE HD12 H N N 180 
ILE HD13 H N N 181 
ILE HXT  H N N 182 
LEU N    N N N 183 
LEU CA   C N S 184 
LEU C    C N N 185 
LEU O    O N N 186 
LEU CB   C N N 187 
LEU CG   C N N 188 
LEU CD1  C N N 189 
LEU CD2  C N N 190 
LEU OXT  O N N 191 
LEU H    H N N 192 
LEU H2   H N N 193 
LEU HA   H N N 194 
LEU HB2  H N N 195 
LEU HB3  H N N 196 
LEU HG   H N N 197 
LEU HD11 H N N 198 
LEU HD12 H N N 199 
LEU HD13 H N N 200 
LEU HD21 H N N 201 
LEU HD22 H N N 202 
LEU HD23 H N N 203 
LEU HXT  H N N 204 
LYS N    N N N 205 
LYS CA   C N S 206 
LYS C    C N N 207 
LYS O    O N N 208 
LYS CB   C N N 209 
LYS CG   C N N 210 
LYS CD   C N N 211 
LYS CE   C N N 212 
LYS NZ   N N N 213 
LYS OXT  O N N 214 
LYS H    H N N 215 
LYS H2   H N N 216 
LYS HA   H N N 217 
LYS HB2  H N N 218 
LYS HB3  H N N 219 
LYS HG2  H N N 220 
LYS HG3  H N N 221 
LYS HD2  H N N 222 
LYS HD3  H N N 223 
LYS HE2  H N N 224 
LYS HE3  H N N 225 
LYS HZ1  H N N 226 
LYS HZ2  H N N 227 
LYS HZ3  H N N 228 
LYS HXT  H N N 229 
MET N    N N N 230 
MET CA   C N S 231 
MET C    C N N 232 
MET O    O N N 233 
MET CB   C N N 234 
MET CG   C N N 235 
MET SD   S N N 236 
MET CE   C N N 237 
MET OXT  O N N 238 
MET H    H N N 239 
MET H2   H N N 240 
MET HA   H N N 241 
MET HB2  H N N 242 
MET HB3  H N N 243 
MET HG2  H N N 244 
MET HG3  H N N 245 
MET HE1  H N N 246 
MET HE2  H N N 247 
MET HE3  H N N 248 
MET HXT  H N N 249 
PHE N    N N N 250 
PHE CA   C N S 251 
PHE C    C N N 252 
PHE O    O N N 253 
PHE CB   C N N 254 
PHE CG   C Y N 255 
PHE CD1  C Y N 256 
PHE CD2  C Y N 257 
PHE CE1  C Y N 258 
PHE CE2  C Y N 259 
PHE CZ   C Y N 260 
PHE OXT  O N N 261 
PHE H    H N N 262 
PHE H2   H N N 263 
PHE HA   H N N 264 
PHE HB2  H N N 265 
PHE HB3  H N N 266 
PHE HD1  H N N 267 
PHE HD2  H N N 268 
PHE HE1  H N N 269 
PHE HE2  H N N 270 
PHE HZ   H N N 271 
PHE HXT  H N N 272 
PRO N    N N N 273 
PRO CA   C N S 274 
PRO C    C N N 275 
PRO O    O N N 276 
PRO CB   C N N 277 
PRO CG   C N N 278 
PRO CD   C N N 279 
PRO OXT  O N N 280 
PRO H    H N N 281 
PRO HA   H N N 282 
PRO HB2  H N N 283 
PRO HB3  H N N 284 
PRO HG2  H N N 285 
PRO HG3  H N N 286 
PRO HD2  H N N 287 
PRO HD3  H N N 288 
PRO HXT  H N N 289 
SER N    N N N 290 
SER CA   C N S 291 
SER C    C N N 292 
SER O    O N N 293 
SER CB   C N N 294 
SER OG   O N N 295 
SER OXT  O N N 296 
SER H    H N N 297 
SER H2   H N N 298 
SER HA   H N N 299 
SER HB2  H N N 300 
SER HB3  H N N 301 
SER HG   H N N 302 
SER HXT  H N N 303 
THR N    N N N 304 
THR CA   C N S 305 
THR C    C N N 306 
THR O    O N N 307 
THR CB   C N R 308 
THR OG1  O N N 309 
THR CG2  C N N 310 
THR OXT  O N N 311 
THR H    H N N 312 
THR H2   H N N 313 
THR HA   H N N 314 
THR HB   H N N 315 
THR HG1  H N N 316 
THR HG21 H N N 317 
THR HG22 H N N 318 
THR HG23 H N N 319 
THR HXT  H N N 320 
TRP N    N N N 321 
TRP CA   C N S 322 
TRP C    C N N 323 
TRP O    O N N 324 
TRP CB   C N N 325 
TRP CG   C Y N 326 
TRP CD1  C Y N 327 
TRP CD2  C Y N 328 
TRP NE1  N Y N 329 
TRP CE2  C Y N 330 
TRP CE3  C Y N 331 
TRP CZ2  C Y N 332 
TRP CZ3  C Y N 333 
TRP CH2  C Y N 334 
TRP OXT  O N N 335 
TRP H    H N N 336 
TRP H2   H N N 337 
TRP HA   H N N 338 
TRP HB2  H N N 339 
TRP HB3  H N N 340 
TRP HD1  H N N 341 
TRP HE1  H N N 342 
TRP HE3  H N N 343 
TRP HZ2  H N N 344 
TRP HZ3  H N N 345 
TRP HH2  H N N 346 
TRP HXT  H N N 347 
TYR N    N N N 348 
TYR CA   C N S 349 
TYR C    C N N 350 
TYR O    O N N 351 
TYR CB   C N N 352 
TYR CG   C Y N 353 
TYR CD1  C Y N 354 
TYR CD2  C Y N 355 
TYR CE1  C Y N 356 
TYR CE2  C Y N 357 
TYR CZ   C Y N 358 
TYR OH   O N N 359 
TYR OXT  O N N 360 
TYR H    H N N 361 
TYR H2   H N N 362 
TYR HA   H N N 363 
TYR HB2  H N N 364 
TYR HB3  H N N 365 
TYR HD1  H N N 366 
TYR HD2  H N N 367 
TYR HE1  H N N 368 
TYR HE2  H N N 369 
TYR HH   H N N 370 
TYR HXT  H N N 371 
VAL N    N N N 372 
VAL CA   C N S 373 
VAL C    C N N 374 
VAL O    O N N 375 
VAL CB   C N N 376 
VAL CG1  C N N 377 
VAL CG2  C N N 378 
VAL OXT  O N N 379 
VAL H    H N N 380 
VAL H2   H N N 381 
VAL HA   H N N 382 
VAL HB   H N N 383 
VAL HG11 H N N 384 
VAL HG12 H N N 385 
VAL HG13 H N N 386 
VAL HG21 H N N 387 
VAL HG22 H N N 388 
VAL HG23 H N N 389 
VAL HXT  H N N 390 
# 
loop_
_chem_comp_bond.comp_id 
_chem_comp_bond.atom_id_1 
_chem_comp_bond.atom_id_2 
_chem_comp_bond.value_order 
_chem_comp_bond.pdbx_aromatic_flag 
_chem_comp_bond.pdbx_stereo_config 
_chem_comp_bond.pdbx_ordinal 
ALA N   CA   sing N N 1   
ALA N   H    sing N N 2   
ALA N   H2   sing N N 3   
ALA CA  C    sing N N 4   
ALA CA  CB   sing N N 5   
ALA CA  HA   sing N N 6   
ALA C   O    doub N N 7   
ALA C   OXT  sing N N 8   
ALA CB  HB1  sing N N 9   
ALA CB  HB2  sing N N 10  
ALA CB  HB3  sing N N 11  
ALA OXT HXT  sing N N 12  
ARG N   CA   sing N N 13  
ARG N   H    sing N N 14  
ARG N   H2   sing N N 15  
ARG CA  C    sing N N 16  
ARG CA  CB   sing N N 17  
ARG CA  HA   sing N N 18  
ARG C   O    doub N N 19  
ARG C   OXT  sing N N 20  
ARG CB  CG   sing N N 21  
ARG CB  HB2  sing N N 22  
ARG CB  HB3  sing N N 23  
ARG CG  CD   sing N N 24  
ARG CG  HG2  sing N N 25  
ARG CG  HG3  sing N N 26  
ARG CD  NE   sing N N 27  
ARG CD  HD2  sing N N 28  
ARG CD  HD3  sing N N 29  
ARG NE  CZ   sing N N 30  
ARG NE  HE   sing N N 31  
ARG CZ  NH1  sing N N 32  
ARG CZ  NH2  doub N N 33  
ARG NH1 HH11 sing N N 34  
ARG NH1 HH12 sing N N 35  
ARG NH2 HH21 sing N N 36  
ARG NH2 HH22 sing N N 37  
ARG OXT HXT  sing N N 38  
ASN N   CA   sing N N 39  
ASN N   H    sing N N 40  
ASN N   H2   sing N N 41  
ASN CA  C    sing N N 42  
ASN CA  CB   sing N N 43  
ASN CA  HA   sing N N 44  
ASN C   O    doub N N 45  
ASN C   OXT  sing N N 46  
ASN CB  CG   sing N N 47  
ASN CB  HB2  sing N N 48  
ASN CB  HB3  sing N N 49  
ASN CG  OD1  doub N N 50  
ASN CG  ND2  sing N N 51  
ASN ND2 HD21 sing N N 52  
ASN ND2 HD22 sing N N 53  
ASN OXT HXT  sing N N 54  
ASP N   CA   sing N N 55  
ASP N   H    sing N N 56  
ASP N   H2   sing N N 57  
ASP CA  C    sing N N 58  
ASP CA  CB   sing N N 59  
ASP CA  HA   sing N N 60  
ASP C   O    doub N N 61  
ASP C   OXT  sing N N 62  
ASP CB  CG   sing N N 63  
ASP CB  HB2  sing N N 64  
ASP CB  HB3  sing N N 65  
ASP CG  OD1  doub N N 66  
ASP CG  OD2  sing N N 67  
ASP OD2 HD2  sing N N 68  
ASP OXT HXT  sing N N 69  
CYS N   CA   sing N N 70  
CYS N   H    sing N N 71  
CYS N   H2   sing N N 72  
CYS CA  C    sing N N 73  
CYS CA  CB   sing N N 74  
CYS CA  HA   sing N N 75  
CYS C   O    doub N N 76  
CYS C   OXT  sing N N 77  
CYS CB  SG   sing N N 78  
CYS CB  HB2  sing N N 79  
CYS CB  HB3  sing N N 80  
CYS SG  HG   sing N N 81  
CYS OXT HXT  sing N N 82  
GLN N   CA   sing N N 83  
GLN N   H    sing N N 84  
GLN N   H2   sing N N 85  
GLN CA  C    sing N N 86  
GLN CA  CB   sing N N 87  
GLN CA  HA   sing N N 88  
GLN C   O    doub N N 89  
GLN C   OXT  sing N N 90  
GLN CB  CG   sing N N 91  
GLN CB  HB2  sing N N 92  
GLN CB  HB3  sing N N 93  
GLN CG  CD   sing N N 94  
GLN CG  HG2  sing N N 95  
GLN CG  HG3  sing N N 96  
GLN CD  OE1  doub N N 97  
GLN CD  NE2  sing N N 98  
GLN NE2 HE21 sing N N 99  
GLN NE2 HE22 sing N N 100 
GLN OXT HXT  sing N N 101 
GLU N   CA   sing N N 102 
GLU N   H    sing N N 103 
GLU N   H2   sing N N 104 
GLU CA  C    sing N N 105 
GLU CA  CB   sing N N 106 
GLU CA  HA   sing N N 107 
GLU C   O    doub N N 108 
GLU C   OXT  sing N N 109 
GLU CB  CG   sing N N 110 
GLU CB  HB2  sing N N 111 
GLU CB  HB3  sing N N 112 
GLU CG  CD   sing N N 113 
GLU CG  HG2  sing N N 114 
GLU CG  HG3  sing N N 115 
GLU CD  OE1  doub N N 116 
GLU CD  OE2  sing N N 117 
GLU OE2 HE2  sing N N 118 
GLU OXT HXT  sing N N 119 
GLY N   CA   sing N N 120 
GLY N   H    sing N N 121 
GLY N   H2   sing N N 122 
GLY CA  C    sing N N 123 
GLY CA  HA2  sing N N 124 
GLY CA  HA3  sing N N 125 
GLY C   O    doub N N 126 
GLY C   OXT  sing N N 127 
GLY OXT HXT  sing N N 128 
HIS N   CA   sing N N 129 
HIS N   H    sing N N 130 
HIS N   H2   sing N N 131 
HIS CA  C    sing N N 132 
HIS CA  CB   sing N N 133 
HIS CA  HA   sing N N 134 
HIS C   O    doub N N 135 
HIS C   OXT  sing N N 136 
HIS CB  CG   sing N N 137 
HIS CB  HB2  sing N N 138 
HIS CB  HB3  sing N N 139 
HIS CG  ND1  sing Y N 140 
HIS CG  CD2  doub Y N 141 
HIS ND1 CE1  doub Y N 142 
HIS ND1 HD1  sing N N 143 
HIS CD2 NE2  sing Y N 144 
HIS CD2 HD2  sing N N 145 
HIS CE1 NE2  sing Y N 146 
HIS CE1 HE1  sing N N 147 
HIS NE2 HE2  sing N N 148 
HIS OXT HXT  sing N N 149 
HOH O   H1   sing N N 150 
HOH O   H2   sing N N 151 
ILE N   CA   sing N N 152 
ILE N   H    sing N N 153 
ILE N   H2   sing N N 154 
ILE CA  C    sing N N 155 
ILE CA  CB   sing N N 156 
ILE CA  HA   sing N N 157 
ILE C   O    doub N N 158 
ILE C   OXT  sing N N 159 
ILE CB  CG1  sing N N 160 
ILE CB  CG2  sing N N 161 
ILE CB  HB   sing N N 162 
ILE CG1 CD1  sing N N 163 
ILE CG1 HG12 sing N N 164 
ILE CG1 HG13 sing N N 165 
ILE CG2 HG21 sing N N 166 
ILE CG2 HG22 sing N N 167 
ILE CG2 HG23 sing N N 168 
ILE CD1 HD11 sing N N 169 
ILE CD1 HD12 sing N N 170 
ILE CD1 HD13 sing N N 171 
ILE OXT HXT  sing N N 172 
LEU N   CA   sing N N 173 
LEU N   H    sing N N 174 
LEU N   H2   sing N N 175 
LEU CA  C    sing N N 176 
LEU CA  CB   sing N N 177 
LEU CA  HA   sing N N 178 
LEU C   O    doub N N 179 
LEU C   OXT  sing N N 180 
LEU CB  CG   sing N N 181 
LEU CB  HB2  sing N N 182 
LEU CB  HB3  sing N N 183 
LEU CG  CD1  sing N N 184 
LEU CG  CD2  sing N N 185 
LEU CG  HG   sing N N 186 
LEU CD1 HD11 sing N N 187 
LEU CD1 HD12 sing N N 188 
LEU CD1 HD13 sing N N 189 
LEU CD2 HD21 sing N N 190 
LEU CD2 HD22 sing N N 191 
LEU CD2 HD23 sing N N 192 
LEU OXT HXT  sing N N 193 
LYS N   CA   sing N N 194 
LYS N   H    sing N N 195 
LYS N   H2   sing N N 196 
LYS CA  C    sing N N 197 
LYS CA  CB   sing N N 198 
LYS CA  HA   sing N N 199 
LYS C   O    doub N N 200 
LYS C   OXT  sing N N 201 
LYS CB  CG   sing N N 202 
LYS CB  HB2  sing N N 203 
LYS CB  HB3  sing N N 204 
LYS CG  CD   sing N N 205 
LYS CG  HG2  sing N N 206 
LYS CG  HG3  sing N N 207 
LYS CD  CE   sing N N 208 
LYS CD  HD2  sing N N 209 
LYS CD  HD3  sing N N 210 
LYS CE  NZ   sing N N 211 
LYS CE  HE2  sing N N 212 
LYS CE  HE3  sing N N 213 
LYS NZ  HZ1  sing N N 214 
LYS NZ  HZ2  sing N N 215 
LYS NZ  HZ3  sing N N 216 
LYS OXT HXT  sing N N 217 
MET N   CA   sing N N 218 
MET N   H    sing N N 219 
MET N   H2   sing N N 220 
MET CA  C    sing N N 221 
MET CA  CB   sing N N 222 
MET CA  HA   sing N N 223 
MET C   O    doub N N 224 
MET C   OXT  sing N N 225 
MET CB  CG   sing N N 226 
MET CB  HB2  sing N N 227 
MET CB  HB3  sing N N 228 
MET CG  SD   sing N N 229 
MET CG  HG2  sing N N 230 
MET CG  HG3  sing N N 231 
MET SD  CE   sing N N 232 
MET CE  HE1  sing N N 233 
MET CE  HE2  sing N N 234 
MET CE  HE3  sing N N 235 
MET OXT HXT  sing N N 236 
PHE N   CA   sing N N 237 
PHE N   H    sing N N 238 
PHE N   H2   sing N N 239 
PHE CA  C    sing N N 240 
PHE CA  CB   sing N N 241 
PHE CA  HA   sing N N 242 
PHE C   O    doub N N 243 
PHE C   OXT  sing N N 244 
PHE CB  CG   sing N N 245 
PHE CB  HB2  sing N N 246 
PHE CB  HB3  sing N N 247 
PHE CG  CD1  doub Y N 248 
PHE CG  CD2  sing Y N 249 
PHE CD1 CE1  sing Y N 250 
PHE CD1 HD1  sing N N 251 
PHE CD2 CE2  doub Y N 252 
PHE CD2 HD2  sing N N 253 
PHE CE1 CZ   doub Y N 254 
PHE CE1 HE1  sing N N 255 
PHE CE2 CZ   sing Y N 256 
PHE CE2 HE2  sing N N 257 
PHE CZ  HZ   sing N N 258 
PHE OXT HXT  sing N N 259 
PRO N   CA   sing N N 260 
PRO N   CD   sing N N 261 
PRO N   H    sing N N 262 
PRO CA  C    sing N N 263 
PRO CA  CB   sing N N 264 
PRO CA  HA   sing N N 265 
PRO C   O    doub N N 266 
PRO C   OXT  sing N N 267 
PRO CB  CG   sing N N 268 
PRO CB  HB2  sing N N 269 
PRO CB  HB3  sing N N 270 
PRO CG  CD   sing N N 271 
PRO CG  HG2  sing N N 272 
PRO CG  HG3  sing N N 273 
PRO CD  HD2  sing N N 274 
PRO CD  HD3  sing N N 275 
PRO OXT HXT  sing N N 276 
SER N   CA   sing N N 277 
SER N   H    sing N N 278 
SER N   H2   sing N N 279 
SER CA  C    sing N N 280 
SER CA  CB   sing N N 281 
SER CA  HA   sing N N 282 
SER C   O    doub N N 283 
SER C   OXT  sing N N 284 
SER CB  OG   sing N N 285 
SER CB  HB2  sing N N 286 
SER CB  HB3  sing N N 287 
SER OG  HG   sing N N 288 
SER OXT HXT  sing N N 289 
THR N   CA   sing N N 290 
THR N   H    sing N N 291 
THR N   H2   sing N N 292 
THR CA  C    sing N N 293 
THR CA  CB   sing N N 294 
THR CA  HA   sing N N 295 
THR C   O    doub N N 296 
THR C   OXT  sing N N 297 
THR CB  OG1  sing N N 298 
THR CB  CG2  sing N N 299 
THR CB  HB   sing N N 300 
THR OG1 HG1  sing N N 301 
THR CG2 HG21 sing N N 302 
THR CG2 HG22 sing N N 303 
THR CG2 HG23 sing N N 304 
THR OXT HXT  sing N N 305 
TRP N   CA   sing N N 306 
TRP N   H    sing N N 307 
TRP N   H2   sing N N 308 
TRP CA  C    sing N N 309 
TRP CA  CB   sing N N 310 
TRP CA  HA   sing N N 311 
TRP C   O    doub N N 312 
TRP C   OXT  sing N N 313 
TRP CB  CG   sing N N 314 
TRP CB  HB2  sing N N 315 
TRP CB  HB3  sing N N 316 
TRP CG  CD1  doub Y N 317 
TRP CG  CD2  sing Y N 318 
TRP CD1 NE1  sing Y N 319 
TRP CD1 HD1  sing N N 320 
TRP CD2 CE2  doub Y N 321 
TRP CD2 CE3  sing Y N 322 
TRP NE1 CE2  sing Y N 323 
TRP NE1 HE1  sing N N 324 
TRP CE2 CZ2  sing Y N 325 
TRP CE3 CZ3  doub Y N 326 
TRP CE3 HE3  sing N N 327 
TRP CZ2 CH2  doub Y N 328 
TRP CZ2 HZ2  sing N N 329 
TRP CZ3 CH2  sing Y N 330 
TRP CZ3 HZ3  sing N N 331 
TRP CH2 HH2  sing N N 332 
TRP OXT HXT  sing N N 333 
TYR N   CA   sing N N 334 
TYR N   H    sing N N 335 
TYR N   H2   sing N N 336 
TYR CA  C    sing N N 337 
TYR CA  CB   sing N N 338 
TYR CA  HA   sing N N 339 
TYR C   O    doub N N 340 
TYR C   OXT  sing N N 341 
TYR CB  CG   sing N N 342 
TYR CB  HB2  sing N N 343 
TYR CB  HB3  sing N N 344 
TYR CG  CD1  doub Y N 345 
TYR CG  CD2  sing Y N 346 
TYR CD1 CE1  sing Y N 347 
TYR CD1 HD1  sing N N 348 
TYR CD2 CE2  doub Y N 349 
TYR CD2 HD2  sing N N 350 
TYR CE1 CZ   doub Y N 351 
TYR CE1 HE1  sing N N 352 
TYR CE2 CZ   sing Y N 353 
TYR CE2 HE2  sing N N 354 
TYR CZ  OH   sing N N 355 
TYR OH  HH   sing N N 356 
TYR OXT HXT  sing N N 357 
VAL N   CA   sing N N 358 
VAL N   H    sing N N 359 
VAL N   H2   sing N N 360 
VAL CA  C    sing N N 361 
VAL CA  CB   sing N N 362 
VAL CA  HA   sing N N 363 
VAL C   O    doub N N 364 
VAL C   OXT  sing N N 365 
VAL CB  CG1  sing N N 366 
VAL CB  CG2  sing N N 367 
VAL CB  HB   sing N N 368 
VAL CG1 HG11 sing N N 369 
VAL CG1 HG12 sing N N 370 
VAL CG1 HG13 sing N N 371 
VAL CG2 HG21 sing N N 372 
VAL CG2 HG22 sing N N 373 
VAL CG2 HG23 sing N N 374 
VAL OXT HXT  sing N N 375 
# 
_pdbx_entity_nonpoly.entity_id   2 
_pdbx_entity_nonpoly.name        water 
_pdbx_entity_nonpoly.comp_id     HOH 
# 
_pdbx_initial_refinement_model.id               1 
_pdbx_initial_refinement_model.entity_id_list   ? 
_pdbx_initial_refinement_model.type             'experimental model' 
_pdbx_initial_refinement_model.source_name      PDB 
_pdbx_initial_refinement_model.accession_code   2G9N 
_pdbx_initial_refinement_model.details          'PDB entry 2G9N' 
# 
